data_5PG1
# 
_entry.id   5PG1 
# 
_audit_conform.dict_name       mmcif_pdbx.dic 
_audit_conform.dict_version    5.387 
_audit_conform.dict_location   http://mmcif.pdb.org/dictionaries/ascii/mmcif_pdbx.dic 
# 
loop_
_database_2.database_id 
_database_2.database_code 
_database_2.pdbx_database_accession 
_database_2.pdbx_DOI 
PDB   5PG1         pdb_00005pg1 10.2210/pdb5pg1/pdb 
WWPDB D_1001400614 ?            ?                   
# 
loop_
_pdbx_audit_revision_history.ordinal 
_pdbx_audit_revision_history.data_content_type 
_pdbx_audit_revision_history.major_revision 
_pdbx_audit_revision_history.minor_revision 
_pdbx_audit_revision_history.revision_date 
1 'Structure model' 1 0 2017-03-22 
2 'Structure model' 1 1 2017-09-27 
3 'Structure model' 1 2 2017-10-04 
4 'Structure model' 1 3 2024-03-06 
# 
_pdbx_audit_revision_details.ordinal             1 
_pdbx_audit_revision_details.revision_ordinal    1 
_pdbx_audit_revision_details.data_content_type   'Structure model' 
_pdbx_audit_revision_details.provider            repository 
_pdbx_audit_revision_details.type                'Initial release' 
_pdbx_audit_revision_details.description         ? 
_pdbx_audit_revision_details.details             ? 
# 
loop_
_pdbx_audit_revision_group.ordinal 
_pdbx_audit_revision_group.revision_ordinal 
_pdbx_audit_revision_group.data_content_type 
_pdbx_audit_revision_group.group 
1 2 'Structure model' 'Data collection'     
2 2 'Structure model' 'Database references' 
3 2 'Structure model' 'Structure summary'   
4 3 'Structure model' 'Structure summary'   
5 4 'Structure model' 'Data collection'     
6 4 'Structure model' 'Database references' 
# 
loop_
_pdbx_audit_revision_category.ordinal 
_pdbx_audit_revision_category.revision_ordinal 
_pdbx_audit_revision_category.data_content_type 
_pdbx_audit_revision_category.category 
1 2 'Structure model' citation           
2 2 'Structure model' citation_author    
3 2 'Structure model' diffrn_source      
4 2 'Structure model' pdbx_deposit_group 
5 3 'Structure model' pdbx_deposit_group 
6 4 'Structure model' chem_comp_atom     
7 4 'Structure model' chem_comp_bond     
8 4 'Structure model' database_2         
# 
loop_
_pdbx_audit_revision_item.ordinal 
_pdbx_audit_revision_item.revision_ordinal 
_pdbx_audit_revision_item.data_content_type 
_pdbx_audit_revision_item.item 
1  2 'Structure model' '_citation.journal_volume'             
2  2 'Structure model' '_citation.page_first'                 
3  2 'Structure model' '_citation.page_last'                  
4  2 'Structure model' '_citation.pdbx_database_id_DOI'       
5  2 'Structure model' '_citation.pdbx_database_id_PubMed'    
6  2 'Structure model' '_citation.title'                      
7  2 'Structure model' '_citation_author.name'                
8  2 'Structure model' '_diffrn_source.pdbx_synchrotron_site' 
9  2 'Structure model' '_pdbx_deposit_group.group_title'      
10 2 'Structure model' '_pdbx_deposit_group.group_type'       
11 3 'Structure model' '_pdbx_deposit_group.group_title'      
12 4 'Structure model' '_database_2.pdbx_DOI'                 
13 4 'Structure model' '_database_2.pdbx_database_accession'  
# 
_pdbx_database_status.entry_id                        5PG1 
_pdbx_database_status.status_code                     REL 
_pdbx_database_status.recvd_initial_deposition_date   2017-02-03 
_pdbx_database_status.deposit_site                    RCSB 
_pdbx_database_status.process_site                    RCSB 
_pdbx_database_status.SG_entry                        ? 
_pdbx_database_status.pdb_format_compatible           Y 
_pdbx_database_status.status_code_sf                  REL 
_pdbx_database_status.status_code_mr                  ? 
_pdbx_database_status.status_code_cs                  ? 
_pdbx_database_status.methods_development_category    ? 
_pdbx_database_status.status_code_nmr_data            ? 
# 
loop_
_audit_author.name 
_audit_author.pdbx_ordinal 
'Pearce, N.M.'     1  
'Krojer, T.'       2  
'Talon, R.'        3  
'Bradley, A.R.'    4  
'Fairhead, M.'     5  
'Sethi, R.'        6  
'Wright, N.'       7  
'MacLean, E.'      8  
'Collins, P.'      9  
'Brandao-Neto, J.' 10 
'Douangamath, A.'  11 
'Renjie, Z.'       12 
'Dias, A.'         13 
'Vollmar, M.'      14 
'Ng, J.'           15 
'Brennan, P.E.'    16 
'Cox, O.'          17 
'Bountra, C.'      18 
'Arrowsmith, C.H.' 19 
'Edwards, A.'      20 
'von Delft, F.'    21 
# 
_citation.id                        primary 
_citation.title                     
'A multi-crystal method for extracting obscured crystallographic states from conventionally uninterpretable electron density.' 
_citation.journal_abbrev            'Nat Commun' 
_citation.journal_volume            8 
_citation.page_first                15123 
_citation.page_last                 15123 
_citation.year                      2017 
_citation.journal_id_ASTM           ? 
_citation.country                   UK 
_citation.journal_id_ISSN           2041-1723 
_citation.journal_id_CSD            ? 
_citation.book_publisher            ? 
_citation.pdbx_database_id_PubMed   28436492 
_citation.pdbx_database_id_DOI      10.1038/ncomms15123 
# 
loop_
_citation_author.citation_id 
_citation_author.name 
_citation_author.ordinal 
_citation_author.identifier_ORCID 
primary 'Pearce, N.M.'  1  ? 
primary 'Krojer, T.'    2  ? 
primary 'Bradley, A.R.' 3  ? 
primary 'Collins, P.'   4  ? 
primary 'Nowak, R.P.'   5  ? 
primary 'Talon, R.'     6  ? 
primary 'Marsden, B.D.' 7  ? 
primary 'Kelm, S.'      8  ? 
primary 'Shi, J.'       9  ? 
primary 'Deane, C.M.'   10 ? 
primary 'von Delft, F.' 11 ? 
# 
loop_
_entity.id 
_entity.type 
_entity.src_method 
_entity.pdbx_description 
_entity.formula_weight 
_entity.pdbx_number_of_molecules 
_entity.pdbx_ec 
_entity.pdbx_mutation 
_entity.pdbx_fragment 
_entity.details 
1 polymer     man 'Bromodomain adjacent to zinc finger domain protein 2B' 16090.326 1   ? ? ? ? 
2 non-polymer syn 1,2-ETHANEDIOL                                          62.068    1   ? ? ? ? 
3 water       nat water                                                   18.015    204 ? ? ? ? 
# 
_entity_name_com.entity_id   1 
_entity_name_com.name        hWALp4 
# 
_entity_poly.entity_id                      1 
_entity_poly.type                           'polypeptide(L)' 
_entity_poly.nstd_linkage                   no 
_entity_poly.nstd_monomer                   no 
_entity_poly.pdbx_seq_one_letter_code       
;MHHHHHHSSGVDLGTENLYFQSMSVKKPKRDDSKDLALCSMILTEMETHEDAWPFLLPVNLKLVPGYKKVIKKPMDFSTI
REKLSSGQYPNLETFALDVRLVFDNCETFNEDDSDIGRAGHNMRKYFEKKWTDTFKVS
;
_entity_poly.pdbx_seq_one_letter_code_can   
;MHHHHHHSSGVDLGTENLYFQSMSVKKPKRDDSKDLALCSMILTEMETHEDAWPFLLPVNLKLVPGYKKVIKKPMDFSTI
REKLSSGQYPNLETFALDVRLVFDNCETFNEDDSDIGRAGHNMRKYFEKKWTDTFKVS
;
_entity_poly.pdbx_strand_id                 A 
_entity_poly.pdbx_target_identifier         ? 
# 
loop_
_pdbx_entity_nonpoly.entity_id 
_pdbx_entity_nonpoly.name 
_pdbx_entity_nonpoly.comp_id 
2 1,2-ETHANEDIOL EDO 
3 water          HOH 
# 
loop_
_entity_poly_seq.entity_id 
_entity_poly_seq.num 
_entity_poly_seq.mon_id 
_entity_poly_seq.hetero 
1 1   MET n 
1 2   HIS n 
1 3   HIS n 
1 4   HIS n 
1 5   HIS n 
1 6   HIS n 
1 7   HIS n 
1 8   SER n 
1 9   SER n 
1 10  GLY n 
1 11  VAL n 
1 12  ASP n 
1 13  LEU n 
1 14  GLY n 
1 15  THR n 
1 16  GLU n 
1 17  ASN n 
1 18  LEU n 
1 19  TYR n 
1 20  PHE n 
1 21  GLN n 
1 22  SER n 
1 23  MET n 
1 24  SER n 
1 25  VAL n 
1 26  LYS n 
1 27  LYS n 
1 28  PRO n 
1 29  LYS n 
1 30  ARG n 
1 31  ASP n 
1 32  ASP n 
1 33  SER n 
1 34  LYS n 
1 35  ASP n 
1 36  LEU n 
1 37  ALA n 
1 38  LEU n 
1 39  CYS n 
1 40  SER n 
1 41  MET n 
1 42  ILE n 
1 43  LEU n 
1 44  THR n 
1 45  GLU n 
1 46  MET n 
1 47  GLU n 
1 48  THR n 
1 49  HIS n 
1 50  GLU n 
1 51  ASP n 
1 52  ALA n 
1 53  TRP n 
1 54  PRO n 
1 55  PHE n 
1 56  LEU n 
1 57  LEU n 
1 58  PRO n 
1 59  VAL n 
1 60  ASN n 
1 61  LEU n 
1 62  LYS n 
1 63  LEU n 
1 64  VAL n 
1 65  PRO n 
1 66  GLY n 
1 67  TYR n 
1 68  LYS n 
1 69  LYS n 
1 70  VAL n 
1 71  ILE n 
1 72  LYS n 
1 73  LYS n 
1 74  PRO n 
1 75  MET n 
1 76  ASP n 
1 77  PHE n 
1 78  SER n 
1 79  THR n 
1 80  ILE n 
1 81  ARG n 
1 82  GLU n 
1 83  LYS n 
1 84  LEU n 
1 85  SER n 
1 86  SER n 
1 87  GLY n 
1 88  GLN n 
1 89  TYR n 
1 90  PRO n 
1 91  ASN n 
1 92  LEU n 
1 93  GLU n 
1 94  THR n 
1 95  PHE n 
1 96  ALA n 
1 97  LEU n 
1 98  ASP n 
1 99  VAL n 
1 100 ARG n 
1 101 LEU n 
1 102 VAL n 
1 103 PHE n 
1 104 ASP n 
1 105 ASN n 
1 106 CYS n 
1 107 GLU n 
1 108 THR n 
1 109 PHE n 
1 110 ASN n 
1 111 GLU n 
1 112 ASP n 
1 113 ASP n 
1 114 SER n 
1 115 ASP n 
1 116 ILE n 
1 117 GLY n 
1 118 ARG n 
1 119 ALA n 
1 120 GLY n 
1 121 HIS n 
1 122 ASN n 
1 123 MET n 
1 124 ARG n 
1 125 LYS n 
1 126 TYR n 
1 127 PHE n 
1 128 GLU n 
1 129 LYS n 
1 130 LYS n 
1 131 TRP n 
1 132 THR n 
1 133 ASP n 
1 134 THR n 
1 135 PHE n 
1 136 LYS n 
1 137 VAL n 
1 138 SER n 
# 
_entity_src_gen.entity_id                          1 
_entity_src_gen.pdbx_src_id                        1 
_entity_src_gen.pdbx_alt_source_flag               sample 
_entity_src_gen.pdbx_seq_type                      'Biological sequence' 
_entity_src_gen.pdbx_beg_seq_num                   1 
_entity_src_gen.pdbx_end_seq_num                   138 
_entity_src_gen.gene_src_common_name               Human 
_entity_src_gen.gene_src_genus                     ? 
_entity_src_gen.pdbx_gene_src_gene                 'BAZ2B, KIAA1476' 
_entity_src_gen.gene_src_species                   ? 
_entity_src_gen.gene_src_strain                    ? 
_entity_src_gen.gene_src_tissue                    ? 
_entity_src_gen.gene_src_tissue_fraction           ? 
_entity_src_gen.gene_src_details                   ? 
_entity_src_gen.pdbx_gene_src_fragment             ? 
_entity_src_gen.pdbx_gene_src_scientific_name      'Homo sapiens' 
_entity_src_gen.pdbx_gene_src_ncbi_taxonomy_id     9606 
_entity_src_gen.pdbx_gene_src_variant              ? 
_entity_src_gen.pdbx_gene_src_cell_line            ? 
_entity_src_gen.pdbx_gene_src_atcc                 ? 
_entity_src_gen.pdbx_gene_src_organ                ? 
_entity_src_gen.pdbx_gene_src_organelle            ? 
_entity_src_gen.pdbx_gene_src_cell                 ? 
_entity_src_gen.pdbx_gene_src_cellular_location    ? 
_entity_src_gen.host_org_common_name               ? 
_entity_src_gen.pdbx_host_org_scientific_name      'escherichia coli' 
_entity_src_gen.pdbx_host_org_ncbi_taxonomy_id     562 
_entity_src_gen.host_org_genus                     ? 
_entity_src_gen.pdbx_host_org_gene                 ? 
_entity_src_gen.pdbx_host_org_organ                ? 
_entity_src_gen.host_org_species                   ? 
_entity_src_gen.pdbx_host_org_tissue               ? 
_entity_src_gen.pdbx_host_org_tissue_fraction      ? 
_entity_src_gen.pdbx_host_org_strain               ? 
_entity_src_gen.pdbx_host_org_variant              ? 
_entity_src_gen.pdbx_host_org_cell_line            ? 
_entity_src_gen.pdbx_host_org_atcc                 ? 
_entity_src_gen.pdbx_host_org_culture_collection   ? 
_entity_src_gen.pdbx_host_org_cell                 ? 
_entity_src_gen.pdbx_host_org_organelle            ? 
_entity_src_gen.pdbx_host_org_cellular_location    ? 
_entity_src_gen.pdbx_host_org_vector_type          ? 
_entity_src_gen.pdbx_host_org_vector               ? 
_entity_src_gen.host_org_details                   ? 
_entity_src_gen.expression_system_id               ? 
_entity_src_gen.plasmid_name                       ? 
_entity_src_gen.plasmid_details                    ? 
_entity_src_gen.pdbx_description                   ? 
# 
loop_
_chem_comp.id 
_chem_comp.type 
_chem_comp.mon_nstd_flag 
_chem_comp.name 
_chem_comp.pdbx_synonyms 
_chem_comp.formula 
_chem_comp.formula_weight 
ALA 'L-peptide linking' y ALANINE         ?                 'C3 H7 N O2'     89.093  
ARG 'L-peptide linking' y ARGININE        ?                 'C6 H15 N4 O2 1' 175.209 
ASN 'L-peptide linking' y ASPARAGINE      ?                 'C4 H8 N2 O3'    132.118 
ASP 'L-peptide linking' y 'ASPARTIC ACID' ?                 'C4 H7 N O4'     133.103 
CYS 'L-peptide linking' y CYSTEINE        ?                 'C3 H7 N O2 S'   121.158 
EDO non-polymer         . 1,2-ETHANEDIOL  'ETHYLENE GLYCOL' 'C2 H6 O2'       62.068  
GLN 'L-peptide linking' y GLUTAMINE       ?                 'C5 H10 N2 O3'   146.144 
GLU 'L-peptide linking' y 'GLUTAMIC ACID' ?                 'C5 H9 N O4'     147.129 
GLY 'peptide linking'   y GLYCINE         ?                 'C2 H5 N O2'     75.067  
HIS 'L-peptide linking' y HISTIDINE       ?                 'C6 H10 N3 O2 1' 156.162 
HOH non-polymer         . WATER           ?                 'H2 O'           18.015  
ILE 'L-peptide linking' y ISOLEUCINE      ?                 'C6 H13 N O2'    131.173 
LEU 'L-peptide linking' y LEUCINE         ?                 'C6 H13 N O2'    131.173 
LYS 'L-peptide linking' y LYSINE          ?                 'C6 H15 N2 O2 1' 147.195 
MET 'L-peptide linking' y METHIONINE      ?                 'C5 H11 N O2 S'  149.211 
PHE 'L-peptide linking' y PHENYLALANINE   ?                 'C9 H11 N O2'    165.189 
PRO 'L-peptide linking' y PROLINE         ?                 'C5 H9 N O2'     115.130 
SER 'L-peptide linking' y SERINE          ?                 'C3 H7 N O3'     105.093 
THR 'L-peptide linking' y THREONINE       ?                 'C4 H9 N O3'     119.119 
TRP 'L-peptide linking' y TRYPTOPHAN      ?                 'C11 H12 N2 O2'  204.225 
TYR 'L-peptide linking' y TYROSINE        ?                 'C9 H11 N O3'    181.189 
VAL 'L-peptide linking' y VALINE          ?                 'C5 H11 N O2'    117.146 
# 
loop_
_pdbx_poly_seq_scheme.asym_id 
_pdbx_poly_seq_scheme.entity_id 
_pdbx_poly_seq_scheme.seq_id 
_pdbx_poly_seq_scheme.mon_id 
_pdbx_poly_seq_scheme.ndb_seq_num 
_pdbx_poly_seq_scheme.pdb_seq_num 
_pdbx_poly_seq_scheme.auth_seq_num 
_pdbx_poly_seq_scheme.pdb_mon_id 
_pdbx_poly_seq_scheme.auth_mon_id 
_pdbx_poly_seq_scheme.pdb_strand_id 
_pdbx_poly_seq_scheme.pdb_ins_code 
_pdbx_poly_seq_scheme.hetero 
A 1 1   MET 1   1835 ?    ?   ?   A . n 
A 1 2   HIS 2   1836 ?    ?   ?   A . n 
A 1 3   HIS 3   1837 ?    ?   ?   A . n 
A 1 4   HIS 4   1838 ?    ?   ?   A . n 
A 1 5   HIS 5   1839 ?    ?   ?   A . n 
A 1 6   HIS 6   1840 ?    ?   ?   A . n 
A 1 7   HIS 7   1841 ?    ?   ?   A . n 
A 1 8   SER 8   1842 ?    ?   ?   A . n 
A 1 9   SER 9   1843 ?    ?   ?   A . n 
A 1 10  GLY 10  1844 ?    ?   ?   A . n 
A 1 11  VAL 11  1845 ?    ?   ?   A . n 
A 1 12  ASP 12  1846 ?    ?   ?   A . n 
A 1 13  LEU 13  1847 ?    ?   ?   A . n 
A 1 14  GLY 14  1848 ?    ?   ?   A . n 
A 1 15  THR 15  1849 ?    ?   ?   A . n 
A 1 16  GLU 16  1850 ?    ?   ?   A . n 
A 1 17  ASN 17  1851 ?    ?   ?   A . n 
A 1 18  LEU 18  1852 ?    ?   ?   A . n 
A 1 19  TYR 19  1853 ?    ?   ?   A . n 
A 1 20  PHE 20  1854 ?    ?   ?   A . n 
A 1 21  GLN 21  1855 ?    ?   ?   A . n 
A 1 22  SER 22  1856 1856 SER SER A . n 
A 1 23  MET 23  1857 1857 MET MET A . n 
A 1 24  SER 24  1858 1858 SER SER A . n 
A 1 25  VAL 25  1859 1859 VAL VAL A . n 
A 1 26  LYS 26  1860 1860 LYS LYS A . n 
A 1 27  LYS 27  1861 1861 LYS LYS A . n 
A 1 28  PRO 28  1862 1862 PRO PRO A . n 
A 1 29  LYS 29  1863 1863 LYS LYS A . n 
A 1 30  ARG 30  1864 1864 ARG ARG A . n 
A 1 31  ASP 31  1865 1865 ASP ASP A . n 
A 1 32  ASP 32  1866 1866 ASP ASP A . n 
A 1 33  SER 33  1867 1867 SER SER A . n 
A 1 34  LYS 34  1868 1868 LYS LYS A . n 
A 1 35  ASP 35  1869 1869 ASP ASP A . n 
A 1 36  LEU 36  1870 1870 LEU LEU A . n 
A 1 37  ALA 37  1871 1871 ALA ALA A . n 
A 1 38  LEU 38  1872 1872 LEU LEU A . n 
A 1 39  CYS 39  1873 1873 CYS CYS A . n 
A 1 40  SER 40  1874 1874 SER SER A . n 
A 1 41  MET 41  1875 1875 MET MET A . n 
A 1 42  ILE 42  1876 1876 ILE ILE A . n 
A 1 43  LEU 43  1877 1877 LEU LEU A . n 
A 1 44  THR 44  1878 1878 THR THR A . n 
A 1 45  GLU 45  1879 1879 GLU GLU A . n 
A 1 46  MET 46  1880 1880 MET MET A . n 
A 1 47  GLU 47  1881 1881 GLU GLU A . n 
A 1 48  THR 48  1882 1882 THR THR A . n 
A 1 49  HIS 49  1883 1883 HIS HIS A . n 
A 1 50  GLU 50  1884 1884 GLU GLU A . n 
A 1 51  ASP 51  1885 1885 ASP ASP A . n 
A 1 52  ALA 52  1886 1886 ALA ALA A . n 
A 1 53  TRP 53  1887 1887 TRP TRP A . n 
A 1 54  PRO 54  1888 1888 PRO PRO A . n 
A 1 55  PHE 55  1889 1889 PHE PHE A . n 
A 1 56  LEU 56  1890 1890 LEU LEU A . n 
A 1 57  LEU 57  1891 1891 LEU LEU A . n 
A 1 58  PRO 58  1892 1892 PRO PRO A . n 
A 1 59  VAL 59  1893 1893 VAL VAL A . n 
A 1 60  ASN 60  1894 1894 ASN ASN A . n 
A 1 61  LEU 61  1895 1895 LEU LEU A . n 
A 1 62  LYS 62  1896 1896 LYS LYS A . n 
A 1 63  LEU 63  1897 1897 LEU LEU A . n 
A 1 64  VAL 64  1898 1898 VAL VAL A . n 
A 1 65  PRO 65  1899 1899 PRO PRO A . n 
A 1 66  GLY 66  1900 1900 GLY GLY A . n 
A 1 67  TYR 67  1901 1901 TYR TYR A . n 
A 1 68  LYS 68  1902 1902 LYS LYS A . n 
A 1 69  LYS 69  1903 1903 LYS LYS A . n 
A 1 70  VAL 70  1904 1904 VAL VAL A . n 
A 1 71  ILE 71  1905 1905 ILE ILE A . n 
A 1 72  LYS 72  1906 1906 LYS LYS A . n 
A 1 73  LYS 73  1907 1907 LYS LYS A . n 
A 1 74  PRO 74  1908 1908 PRO PRO A . n 
A 1 75  MET 75  1909 1909 MET MET A . n 
A 1 76  ASP 76  1910 1910 ASP ASP A . n 
A 1 77  PHE 77  1911 1911 PHE PHE A . n 
A 1 78  SER 78  1912 1912 SER SER A . n 
A 1 79  THR 79  1913 1913 THR THR A . n 
A 1 80  ILE 80  1914 1914 ILE ILE A . n 
A 1 81  ARG 81  1915 1915 ARG ARG A . n 
A 1 82  GLU 82  1916 1916 GLU GLU A . n 
A 1 83  LYS 83  1917 1917 LYS LYS A . n 
A 1 84  LEU 84  1918 1918 LEU LEU A . n 
A 1 85  SER 85  1919 1919 SER SER A . n 
A 1 86  SER 86  1920 1920 SER SER A . n 
A 1 87  GLY 87  1921 1921 GLY GLY A . n 
A 1 88  GLN 88  1922 1922 GLN GLN A . n 
A 1 89  TYR 89  1923 1923 TYR TYR A . n 
A 1 90  PRO 90  1924 1924 PRO PRO A . n 
A 1 91  ASN 91  1925 1925 ASN ASN A . n 
A 1 92  LEU 92  1926 1926 LEU LEU A . n 
A 1 93  GLU 93  1927 1927 GLU GLU A . n 
A 1 94  THR 94  1928 1928 THR THR A . n 
A 1 95  PHE 95  1929 1929 PHE PHE A . n 
A 1 96  ALA 96  1930 1930 ALA ALA A . n 
A 1 97  LEU 97  1931 1931 LEU LEU A . n 
A 1 98  ASP 98  1932 1932 ASP ASP A . n 
A 1 99  VAL 99  1933 1933 VAL VAL A . n 
A 1 100 ARG 100 1934 1934 ARG ARG A . n 
A 1 101 LEU 101 1935 1935 LEU LEU A . n 
A 1 102 VAL 102 1936 1936 VAL VAL A . n 
A 1 103 PHE 103 1937 1937 PHE PHE A . n 
A 1 104 ASP 104 1938 1938 ASP ASP A . n 
A 1 105 ASN 105 1939 1939 ASN ASN A . n 
A 1 106 CYS 106 1940 1940 CYS CYS A . n 
A 1 107 GLU 107 1941 1941 GLU GLU A . n 
A 1 108 THR 108 1942 1942 THR THR A . n 
A 1 109 PHE 109 1943 1943 PHE PHE A . n 
A 1 110 ASN 110 1944 1944 ASN ASN A . n 
A 1 111 GLU 111 1945 1945 GLU GLU A . n 
A 1 112 ASP 112 1946 1946 ASP ASP A . n 
A 1 113 ASP 113 1947 1947 ASP ASP A . n 
A 1 114 SER 114 1948 1948 SER SER A . n 
A 1 115 ASP 115 1949 1949 ASP ASP A . n 
A 1 116 ILE 116 1950 1950 ILE ILE A . n 
A 1 117 GLY 117 1951 1951 GLY GLY A . n 
A 1 118 ARG 118 1952 1952 ARG ARG A . n 
A 1 119 ALA 119 1953 1953 ALA ALA A . n 
A 1 120 GLY 120 1954 1954 GLY GLY A . n 
A 1 121 HIS 121 1955 1955 HIS HIS A . n 
A 1 122 ASN 122 1956 1956 ASN ASN A . n 
A 1 123 MET 123 1957 1957 MET MET A . n 
A 1 124 ARG 124 1958 1958 ARG ARG A . n 
A 1 125 LYS 125 1959 1959 LYS LYS A . n 
A 1 126 TYR 126 1960 1960 TYR TYR A . n 
A 1 127 PHE 127 1961 1961 PHE PHE A . n 
A 1 128 GLU 128 1962 1962 GLU GLU A . n 
A 1 129 LYS 129 1963 1963 LYS LYS A . n 
A 1 130 LYS 130 1964 1964 LYS LYS A . n 
A 1 131 TRP 131 1965 1965 TRP TRP A . n 
A 1 132 THR 132 1966 1966 THR THR A . n 
A 1 133 ASP 133 1967 1967 ASP ASP A . n 
A 1 134 THR 134 1968 1968 THR THR A . n 
A 1 135 PHE 135 1969 1969 PHE PHE A . n 
A 1 136 LYS 136 1970 1970 LYS LYS A . n 
A 1 137 VAL 137 1971 ?    ?   ?   A . n 
A 1 138 SER 138 1972 ?    ?   ?   A . n 
# 
loop_
_pdbx_nonpoly_scheme.asym_id 
_pdbx_nonpoly_scheme.entity_id 
_pdbx_nonpoly_scheme.mon_id 
_pdbx_nonpoly_scheme.ndb_seq_num 
_pdbx_nonpoly_scheme.pdb_seq_num 
_pdbx_nonpoly_scheme.auth_seq_num 
_pdbx_nonpoly_scheme.pdb_mon_id 
_pdbx_nonpoly_scheme.auth_mon_id 
_pdbx_nonpoly_scheme.pdb_strand_id 
_pdbx_nonpoly_scheme.pdb_ins_code 
B 2 EDO 1   2001 1   EDO EDO A . 
C 3 HOH 1   2101 116 HOH HOH A . 
C 3 HOH 2   2102 92  HOH HOH A . 
C 3 HOH 3   2103 100 HOH HOH A . 
C 3 HOH 4   2104 196 HOH HOH A . 
C 3 HOH 5   2105 68  HOH HOH A . 
C 3 HOH 6   2106 129 HOH HOH A . 
C 3 HOH 7   2107 44  HOH HOH A . 
C 3 HOH 8   2108 51  HOH HOH A . 
C 3 HOH 9   2109 59  HOH HOH A . 
C 3 HOH 10  2110 114 HOH HOH A . 
C 3 HOH 11  2111 120 HOH HOH A . 
C 3 HOH 12  2112 171 HOH HOH A . 
C 3 HOH 13  2113 84  HOH HOH A . 
C 3 HOH 14  2114 38  HOH HOH A . 
C 3 HOH 15  2115 137 HOH HOH A . 
C 3 HOH 16  2116 72  HOH HOH A . 
C 3 HOH 17  2117 48  HOH HOH A . 
C 3 HOH 18  2118 13  HOH HOH A . 
C 3 HOH 19  2119 191 HOH HOH A . 
C 3 HOH 20  2120 37  HOH HOH A . 
C 3 HOH 21  2121 2   HOH HOH A . 
C 3 HOH 22  2122 39  HOH HOH A . 
C 3 HOH 23  2123 46  HOH HOH A . 
C 3 HOH 24  2124 52  HOH HOH A . 
C 3 HOH 25  2125 90  HOH HOH A . 
C 3 HOH 26  2126 32  HOH HOH A . 
C 3 HOH 27  2127 163 HOH HOH A . 
C 3 HOH 28  2128 21  HOH HOH A . 
C 3 HOH 29  2129 40  HOH HOH A . 
C 3 HOH 30  2130 7   HOH HOH A . 
C 3 HOH 31  2131 50  HOH HOH A . 
C 3 HOH 32  2132 34  HOH HOH A . 
C 3 HOH 33  2133 15  HOH HOH A . 
C 3 HOH 34  2134 146 HOH HOH A . 
C 3 HOH 35  2135 36  HOH HOH A . 
C 3 HOH 36  2136 25  HOH HOH A . 
C 3 HOH 37  2137 23  HOH HOH A . 
C 3 HOH 38  2138 6   HOH HOH A . 
C 3 HOH 39  2139 47  HOH HOH A . 
C 3 HOH 40  2140 75  HOH HOH A . 
C 3 HOH 41  2141 24  HOH HOH A . 
C 3 HOH 42  2142 74  HOH HOH A . 
C 3 HOH 43  2143 5   HOH HOH A . 
C 3 HOH 44  2144 88  HOH HOH A . 
C 3 HOH 45  2145 20  HOH HOH A . 
C 3 HOH 46  2146 9   HOH HOH A . 
C 3 HOH 47  2147 17  HOH HOH A . 
C 3 HOH 48  2148 200 HOH HOH A . 
C 3 HOH 49  2149 28  HOH HOH A . 
C 3 HOH 50  2150 63  HOH HOH A . 
C 3 HOH 51  2151 152 HOH HOH A . 
C 3 HOH 52  2152 76  HOH HOH A . 
C 3 HOH 53  2153 149 HOH HOH A . 
C 3 HOH 54  2154 154 HOH HOH A . 
C 3 HOH 55  2155 139 HOH HOH A . 
C 3 HOH 56  2156 70  HOH HOH A . 
C 3 HOH 57  2157 26  HOH HOH A . 
C 3 HOH 58  2158 170 HOH HOH A . 
C 3 HOH 59  2159 64  HOH HOH A . 
C 3 HOH 60  2160 77  HOH HOH A . 
C 3 HOH 61  2161 4   HOH HOH A . 
C 3 HOH 62  2162 158 HOH HOH A . 
C 3 HOH 63  2163 10  HOH HOH A . 
C 3 HOH 64  2164 27  HOH HOH A . 
C 3 HOH 65  2165 61  HOH HOH A . 
C 3 HOH 66  2166 41  HOH HOH A . 
C 3 HOH 67  2167 167 HOH HOH A . 
C 3 HOH 68  2168 81  HOH HOH A . 
C 3 HOH 69  2169 91  HOH HOH A . 
C 3 HOH 70  2170 53  HOH HOH A . 
C 3 HOH 71  2171 113 HOH HOH A . 
C 3 HOH 72  2172 62  HOH HOH A . 
C 3 HOH 73  2173 19  HOH HOH A . 
C 3 HOH 74  2174 30  HOH HOH A . 
C 3 HOH 75  2175 174 HOH HOH A . 
C 3 HOH 76  2176 14  HOH HOH A . 
C 3 HOH 77  2177 190 HOH HOH A . 
C 3 HOH 78  2178 16  HOH HOH A . 
C 3 HOH 79  2179 73  HOH HOH A . 
C 3 HOH 80  2180 35  HOH HOH A . 
C 3 HOH 81  2181 182 HOH HOH A . 
C 3 HOH 82  2182 56  HOH HOH A . 
C 3 HOH 83  2183 1   HOH HOH A . 
C 3 HOH 84  2184 107 HOH HOH A . 
C 3 HOH 85  2185 173 HOH HOH A . 
C 3 HOH 86  2186 148 HOH HOH A . 
C 3 HOH 87  2187 45  HOH HOH A . 
C 3 HOH 88  2188 106 HOH HOH A . 
C 3 HOH 89  2189 93  HOH HOH A . 
C 3 HOH 90  2190 66  HOH HOH A . 
C 3 HOH 91  2191 105 HOH HOH A . 
C 3 HOH 92  2192 166 HOH HOH A . 
C 3 HOH 93  2193 57  HOH HOH A . 
C 3 HOH 94  2194 80  HOH HOH A . 
C 3 HOH 95  2195 65  HOH HOH A . 
C 3 HOH 96  2196 169 HOH HOH A . 
C 3 HOH 97  2197 83  HOH HOH A . 
C 3 HOH 98  2198 168 HOH HOH A . 
C 3 HOH 99  2199 82  HOH HOH A . 
C 3 HOH 100 2200 18  HOH HOH A . 
C 3 HOH 101 2201 11  HOH HOH A . 
C 3 HOH 102 2202 193 HOH HOH A . 
C 3 HOH 103 2203 181 HOH HOH A . 
C 3 HOH 104 2204 172 HOH HOH A . 
C 3 HOH 105 2205 8   HOH HOH A . 
C 3 HOH 106 2206 126 HOH HOH A . 
C 3 HOH 107 2207 145 HOH HOH A . 
C 3 HOH 108 2208 144 HOH HOH A . 
C 3 HOH 109 2209 12  HOH HOH A . 
C 3 HOH 110 2210 33  HOH HOH A . 
C 3 HOH 111 2211 54  HOH HOH A . 
C 3 HOH 112 2212 156 HOH HOH A . 
C 3 HOH 113 2213 164 HOH HOH A . 
C 3 HOH 114 2214 3   HOH HOH A . 
C 3 HOH 115 2215 188 HOH HOH A . 
C 3 HOH 116 2216 22  HOH HOH A . 
C 3 HOH 117 2217 95  HOH HOH A . 
C 3 HOH 118 2218 101 HOH HOH A . 
C 3 HOH 119 2219 29  HOH HOH A . 
C 3 HOH 120 2220 189 HOH HOH A . 
C 3 HOH 121 2221 147 HOH HOH A . 
C 3 HOH 122 2222 85  HOH HOH A . 
C 3 HOH 123 2223 103 HOH HOH A . 
C 3 HOH 124 2224 157 HOH HOH A . 
C 3 HOH 125 2225 98  HOH HOH A . 
C 3 HOH 126 2226 117 HOH HOH A . 
C 3 HOH 127 2227 138 HOH HOH A . 
C 3 HOH 128 2228 99  HOH HOH A . 
C 3 HOH 129 2229 69  HOH HOH A . 
C 3 HOH 130 2230 124 HOH HOH A . 
C 3 HOH 131 2231 143 HOH HOH A . 
C 3 HOH 132 2232 176 HOH HOH A . 
C 3 HOH 133 2233 185 HOH HOH A . 
C 3 HOH 134 2234 192 HOH HOH A . 
C 3 HOH 135 2235 108 HOH HOH A . 
C 3 HOH 136 2236 130 HOH HOH A . 
C 3 HOH 137 2237 153 HOH HOH A . 
C 3 HOH 138 2238 97  HOH HOH A . 
C 3 HOH 139 2239 102 HOH HOH A . 
C 3 HOH 140 2240 141 HOH HOH A . 
C 3 HOH 141 2241 112 HOH HOH A . 
C 3 HOH 142 2242 162 HOH HOH A . 
C 3 HOH 143 2243 127 HOH HOH A . 
C 3 HOH 144 2244 194 HOH HOH A . 
C 3 HOH 145 2245 49  HOH HOH A . 
C 3 HOH 146 2246 132 HOH HOH A . 
C 3 HOH 147 2247 96  HOH HOH A . 
C 3 HOH 148 2248 60  HOH HOH A . 
C 3 HOH 149 2249 119 HOH HOH A . 
C 3 HOH 150 2250 31  HOH HOH A . 
C 3 HOH 151 2251 183 HOH HOH A . 
C 3 HOH 152 2252 135 HOH HOH A . 
C 3 HOH 153 2253 43  HOH HOH A . 
C 3 HOH 154 2254 195 HOH HOH A . 
C 3 HOH 155 2255 121 HOH HOH A . 
C 3 HOH 156 2256 58  HOH HOH A . 
C 3 HOH 157 2257 202 HOH HOH A . 
C 3 HOH 158 2258 161 HOH HOH A . 
C 3 HOH 159 2259 123 HOH HOH A . 
C 3 HOH 160 2260 155 HOH HOH A . 
C 3 HOH 161 2261 151 HOH HOH A . 
C 3 HOH 162 2262 160 HOH HOH A . 
C 3 HOH 163 2263 128 HOH HOH A . 
C 3 HOH 164 2264 71  HOH HOH A . 
C 3 HOH 165 2265 150 HOH HOH A . 
C 3 HOH 166 2266 94  HOH HOH A . 
C 3 HOH 167 2267 110 HOH HOH A . 
C 3 HOH 168 2268 134 HOH HOH A . 
C 3 HOH 169 2269 79  HOH HOH A . 
C 3 HOH 170 2270 86  HOH HOH A . 
C 3 HOH 171 2271 115 HOH HOH A . 
C 3 HOH 172 2272 177 HOH HOH A . 
C 3 HOH 173 2273 104 HOH HOH A . 
C 3 HOH 174 2274 55  HOH HOH A . 
C 3 HOH 175 2275 78  HOH HOH A . 
C 3 HOH 176 2276 187 HOH HOH A . 
C 3 HOH 177 2277 180 HOH HOH A . 
C 3 HOH 178 2278 199 HOH HOH A . 
C 3 HOH 179 2279 42  HOH HOH A . 
C 3 HOH 180 2280 111 HOH HOH A . 
C 3 HOH 181 2281 178 HOH HOH A . 
C 3 HOH 182 2282 109 HOH HOH A . 
C 3 HOH 183 2283 87  HOH HOH A . 
C 3 HOH 184 2284 89  HOH HOH A . 
C 3 HOH 185 2285 159 HOH HOH A . 
C 3 HOH 186 2286 118 HOH HOH A . 
C 3 HOH 187 2287 136 HOH HOH A . 
C 3 HOH 188 2288 198 HOH HOH A . 
C 3 HOH 189 2289 165 HOH HOH A . 
C 3 HOH 190 2290 197 HOH HOH A . 
C 3 HOH 191 2291 67  HOH HOH A . 
C 3 HOH 192 2292 204 HOH HOH A . 
C 3 HOH 193 2293 201 HOH HOH A . 
C 3 HOH 194 2294 186 HOH HOH A . 
C 3 HOH 195 2295 184 HOH HOH A . 
C 3 HOH 196 2296 122 HOH HOH A . 
C 3 HOH 197 2297 131 HOH HOH A . 
C 3 HOH 198 2298 140 HOH HOH A . 
C 3 HOH 199 2299 179 HOH HOH A . 
C 3 HOH 200 2300 142 HOH HOH A . 
C 3 HOH 201 2301 175 HOH HOH A . 
C 3 HOH 202 2302 203 HOH HOH A . 
C 3 HOH 203 2303 133 HOH HOH A . 
C 3 HOH 204 2304 125 HOH HOH A . 
# 
loop_
_pdbx_unobs_or_zero_occ_atoms.id 
_pdbx_unobs_or_zero_occ_atoms.PDB_model_num 
_pdbx_unobs_or_zero_occ_atoms.polymer_flag 
_pdbx_unobs_or_zero_occ_atoms.occupancy_flag 
_pdbx_unobs_or_zero_occ_atoms.auth_asym_id 
_pdbx_unobs_or_zero_occ_atoms.auth_comp_id 
_pdbx_unobs_or_zero_occ_atoms.auth_seq_id 
_pdbx_unobs_or_zero_occ_atoms.PDB_ins_code 
_pdbx_unobs_or_zero_occ_atoms.auth_atom_id 
_pdbx_unobs_or_zero_occ_atoms.label_alt_id 
_pdbx_unobs_or_zero_occ_atoms.label_asym_id 
_pdbx_unobs_or_zero_occ_atoms.label_comp_id 
_pdbx_unobs_or_zero_occ_atoms.label_seq_id 
_pdbx_unobs_or_zero_occ_atoms.label_atom_id 
1  1 Y 1 A LYS 1863 ? CG ? A LYS 29  CG 
2  1 Y 1 A LYS 1863 ? CD ? A LYS 29  CD 
3  1 Y 1 A LYS 1863 ? CE ? A LYS 29  CE 
4  1 Y 1 A LYS 1863 ? NZ ? A LYS 29  NZ 
5  1 Y 1 A LYS 1868 ? CE ? A LYS 34  CE 
6  1 Y 1 A LYS 1868 ? NZ ? A LYS 34  NZ 
7  1 Y 1 A LYS 1970 ? CG ? A LYS 136 CG 
8  1 Y 1 A LYS 1970 ? CD ? A LYS 136 CD 
9  1 Y 1 A LYS 1970 ? CE ? A LYS 136 CE 
10 1 Y 1 A LYS 1970 ? NZ ? A LYS 136 NZ 
# 
loop_
_software.pdbx_ordinal 
_software.name 
_software.version 
_software.date 
_software.type 
_software.contact_author 
_software.contact_author_email 
_software.classification 
_software.location 
_software.language 
_software.citation_id 
1 REFMAC      5.8.0131 ?               program 'Garib N. Murshudov' garib@ysbl.york.ac.uk    refinement        
http://www.ccp4.ac.uk/dist/html/refmac5.html        Fortran_77 ? 
2 Aimless     0.1.29   21/08/12        program 'Phil Evans'         ?                        'data scaling'    
http://www.mrc-lmb.cam.ac.uk/harry/pre/aimless.html ?          ? 
3 PDB_EXTRACT 3.23     'SEP. 23, 2016' package PDB                  deposit@deposit.rcsb.org 'data extraction' 
http://sw-tools.pdb.org/apps/PDB_EXTRACT/           C++        ? 
4 XDS         .        ?               program ?                    ?                        'data reduction'  ? ?          ? 
5 REFMAC      .        ?               program ?                    ?                        phasing           ? ?          ? 
# 
_cell.entry_id           5PG1 
_cell.length_a           81.835 
_cell.length_b           96.294 
_cell.length_c           57.768 
_cell.angle_alpha        90.000 
_cell.angle_beta         90.000 
_cell.angle_gamma        90.000 
_cell.Z_PDB              8 
_cell.pdbx_unique_axis   ? 
# 
_symmetry.entry_id                         5PG1 
_symmetry.space_group_name_H-M             'C 2 2 21' 
_symmetry.pdbx_full_space_group_name_H-M   ? 
_symmetry.cell_setting                     ? 
_symmetry.Int_Tables_number                20 
# 
_exptl.crystals_number   1 
_exptl.entry_id          5PG1 
_exptl.method            'X-RAY DIFFRACTION' 
# 
_exptl_crystal.id                    1 
_exptl_crystal.pdbx_mosaicity        0.310 
_exptl_crystal.pdbx_mosaicity_esd    ? 
_exptl_crystal.density_Matthews      ? 
_exptl_crystal.density_diffrn        ? 
_exptl_crystal.density_meas          ? 
_exptl_crystal.density_meas_temp     ? 
_exptl_crystal.density_percent_sol   ? 
_exptl_crystal.size_max              ? 
_exptl_crystal.size_mid              ? 
_exptl_crystal.size_min              ? 
_exptl_crystal.size_rad              ? 
_exptl_crystal.description           ? 
# 
_exptl_crystal_grow.crystal_id      1 
_exptl_crystal_grow.method          'VAPOR DIFFUSION, SITTING DROP' 
_exptl_crystal_grow.pH              7 
_exptl_crystal_grow.temp            277 
_exptl_crystal_grow.pdbx_details    '30% PEG600 -- 0.1M MES pH 6.0' 
_exptl_crystal_grow.temp_details    ? 
_exptl_crystal_grow.pdbx_pH_range   ? 
# 
_diffrn.id                     1 
_diffrn.ambient_temp           100 
_diffrn.crystal_id             1 
_diffrn.ambient_temp_details   ? 
# 
_diffrn_detector.detector               PIXEL 
_diffrn_detector.type                   'DECTRIS PILATUS 2M' 
_diffrn_detector.pdbx_collection_date   2013-03-10 
_diffrn_detector.diffrn_id              1 
_diffrn_detector.details                ? 
# 
_diffrn_radiation.diffrn_id                        1 
_diffrn_radiation.wavelength_id                    1 
_diffrn_radiation.pdbx_diffrn_protocol             'SINGLE WAVELENGTH' 
_diffrn_radiation.pdbx_monochromatic_or_laue_m_l   ? 
_diffrn_radiation.monochromator                    ? 
_diffrn_radiation.pdbx_scattering_type             x-ray 
# 
_diffrn_radiation_wavelength.id           1 
_diffrn_radiation_wavelength.wavelength   0.9200 
_diffrn_radiation_wavelength.wt           1.0 
# 
_diffrn_source.diffrn_id                   1 
_diffrn_source.source                      SYNCHROTRON 
_diffrn_source.type                        'DIAMOND BEAMLINE I04-1' 
_diffrn_source.pdbx_wavelength_list        0.9200 
_diffrn_source.pdbx_synchrotron_site       Diamond 
_diffrn_source.pdbx_synchrotron_beamline   I04-1 
_diffrn_source.pdbx_wavelength             ? 
# 
_reflns.entry_id                     5PG1 
_reflns.pdbx_diffrn_id               1 
_reflns.pdbx_ordinal                 1 
_reflns.observed_criterion_sigma_I   ? 
_reflns.observed_criterion_sigma_F   ? 
_reflns.d_resolution_low             28.880 
_reflns.d_resolution_high            1.490 
_reflns.number_obs                   26259 
_reflns.number_all                   ? 
_reflns.percent_possible_obs         69.800 
_reflns.pdbx_Rmerge_I_obs            0.068 
_reflns.pdbx_Rsym_value              ? 
_reflns.pdbx_netI_over_sigmaI        10.500 
_reflns.B_iso_Wilson_estimate        ? 
_reflns.pdbx_redundancy              4.200 
_reflns.pdbx_Rrim_I_all              0.076 
_reflns.pdbx_Rpim_I_all              0.031 
_reflns.pdbx_CC_half                 0.998 
_reflns.pdbx_netI_over_av_sigmaI     ? 
_reflns.pdbx_number_measured_all     111345 
_reflns.pdbx_scaling_rejects         1 
_reflns.pdbx_chi_squared             ? 
_reflns.Rmerge_F_all                 ? 
_reflns.Rmerge_F_obs                 ? 
_reflns.observed_criterion_F_max     ? 
_reflns.observed_criterion_F_min     ? 
_reflns.observed_criterion_I_max     ? 
_reflns.observed_criterion_I_min     ? 
_reflns.pdbx_d_res_high_opt          ? 
_reflns.pdbx_d_res_low_opt           ? 
_reflns.details                      ? 
# 
loop_
_reflns_shell.pdbx_diffrn_id 
_reflns_shell.pdbx_ordinal 
_reflns_shell.d_res_high 
_reflns_shell.d_res_low 
_reflns_shell.number_measured_obs 
_reflns_shell.number_measured_all 
_reflns_shell.number_unique_obs 
_reflns_shell.pdbx_rejects 
_reflns_shell.Rmerge_I_obs 
_reflns_shell.meanI_over_sigI_obs 
_reflns_shell.pdbx_Rsym_value 
_reflns_shell.pdbx_chi_squared 
_reflns_shell.pdbx_redundancy 
_reflns_shell.percent_possible_obs 
_reflns_shell.pdbx_netI_over_sigmaI_obs 
_reflns_shell.number_possible 
_reflns_shell.number_unique_all 
_reflns_shell.Rmerge_F_all 
_reflns_shell.Rmerge_F_obs 
_reflns_shell.Rmerge_I_all 
_reflns_shell.meanI_over_sigI_all 
_reflns_shell.percent_possible_all 
_reflns_shell.pdbx_Rrim_I_all 
_reflns_shell.pdbx_Rpim_I_all 
_reflns_shell.pdbx_CC_half 
1 1 1.490 1.510  ? 172  ? ? 0.579 ? ? ? 1.100 ? 1.000  ? 162 ? ? ? ? 9.000  0.819 0.579 0.367 
1 2 8.150 28.880 ? 1698 ? ? 0.031 ? ? ? 6.300 ? 39.600 ? 269 ? ? ? ? 98.000 0.034 0.013 0.997 
# 
_refine.entry_id                                 5PG1 
_refine.pdbx_refine_id                           'X-RAY DIFFRACTION' 
_refine.ls_d_res_high                            1.4900 
_refine.ls_d_res_low                             28.880 
_refine.pdbx_ls_sigma_F                          0.000 
_refine.pdbx_data_cutoff_high_absF               ? 
_refine.pdbx_data_cutoff_low_absF                ? 
_refine.ls_percent_reflns_obs                    69.6400 
_refine.ls_number_reflns_obs                     24911 
_refine.ls_number_reflns_all                     ? 
_refine.pdbx_ls_cross_valid_method               THROUGHOUT 
_refine.ls_matrix_type                           ? 
_refine.pdbx_R_Free_selection_details            RANDOM 
_refine.details                                  
'HYDROGENS HAVE BEEN ADDED IN THE RIDING POSITIONS U VALUES      : REFINED INDIVIDUALLY' 
_refine.ls_R_factor_all                          ? 
_refine.ls_R_factor_obs                          0.2101 
_refine.ls_R_factor_R_work                       0.2082 
_refine.ls_wR_factor_R_work                      ? 
_refine.ls_R_factor_R_free                       0.2463 
_refine.ls_wR_factor_R_free                      ? 
_refine.ls_percent_reflns_R_free                 5.1000 
_refine.ls_number_reflns_R_free                  1326 
_refine.ls_number_reflns_R_work                  ? 
_refine.ls_R_factor_R_free_error                 ? 
_refine.B_iso_mean                               32.7000 
_refine.solvent_model_param_bsol                 ? 
_refine.solvent_model_param_ksol                 ? 
_refine.pdbx_isotropic_thermal_model             ? 
_refine.aniso_B[1][1]                            2.6300 
_refine.aniso_B[2][2]                            -0.6900 
_refine.aniso_B[3][3]                            -1.9400 
_refine.aniso_B[1][2]                            0.0000 
_refine.aniso_B[1][3]                            -0.0000 
_refine.aniso_B[2][3]                            0.0000 
_refine.correlation_coeff_Fo_to_Fc               0.9630 
_refine.correlation_coeff_Fo_to_Fc_free          0.9480 
_refine.overall_SU_R_Cruickshank_DPI             ? 
_refine.pdbx_overall_SU_R_free_Cruickshank_DPI   ? 
_refine.pdbx_overall_SU_R_Blow_DPI               ? 
_refine.pdbx_overall_SU_R_free_Blow_DPI          ? 
_refine.overall_SU_R_free                        ? 
_refine.pdbx_overall_ESU_R                       0.0850 
_refine.pdbx_overall_ESU_R_Free                  0.0910 
_refine.overall_SU_ML                            0.0910 
_refine.overall_SU_B                             3.1020 
_refine.solvent_model_details                    MASK 
_refine.pdbx_solvent_vdw_probe_radii             1.4000 
_refine.pdbx_solvent_ion_probe_radii             0.8000 
_refine.pdbx_solvent_shrinkage_radii             0.8000 
_refine.ls_number_parameters                     ? 
_refine.ls_number_restraints                     ? 
_refine.pdbx_starting_model                      3G0L 
_refine.pdbx_method_to_determine_struct          'FOURIER SYNTHESIS' 
_refine.pdbx_stereochemistry_target_values       'MAXIMUM LIKELIHOOD' 
_refine.pdbx_stereochem_target_val_spec_case     ? 
_refine.overall_FOM_work_R_set                   ? 
_refine.B_iso_max                                89.040 
_refine.B_iso_min                                16.450 
_refine.pdbx_overall_phase_error                 ? 
_refine.occupancy_max                            ? 
_refine.occupancy_min                            ? 
_refine.pdbx_diffrn_id                           1 
_refine.pdbx_TLS_residual_ADP_flag               ? 
_refine.pdbx_ls_sigma_I                          ? 
_refine.pdbx_data_cutoff_high_rms_absF           ? 
_refine.ls_R_factor_R_free_error_details         ? 
# 
_refine_hist.cycle_id                         final 
_refine_hist.pdbx_refine_id                   'X-RAY DIFFRACTION' 
_refine_hist.d_res_high                       1.4900 
_refine_hist.d_res_low                        28.880 
_refine_hist.pdbx_number_atoms_ligand         4 
_refine_hist.number_atoms_solvent             204 
_refine_hist.number_atoms_total               1138 
_refine_hist.pdbx_number_residues_total       115 
_refine_hist.pdbx_B_iso_mean_ligand           38.16 
_refine_hist.pdbx_B_iso_mean_solvent          45.59 
_refine_hist.pdbx_number_atoms_protein        930 
_refine_hist.pdbx_number_atoms_nucleic_acid   0 
# 
loop_
_refine_ls_restr.pdbx_refine_id 
_refine_ls_restr.type 
_refine_ls_restr.number 
_refine_ls_restr.dev_ideal 
_refine_ls_restr.dev_ideal_target 
_refine_ls_restr.weight 
_refine_ls_restr.pdbx_restraint_function 
'X-RAY DIFFRACTION' r_bond_refined_d       968  0.023  0.019  ? ? 
'X-RAY DIFFRACTION' r_bond_other_d         916  0.004  0.020  ? ? 
'X-RAY DIFFRACTION' r_angle_refined_deg    1305 1.911  1.975  ? ? 
'X-RAY DIFFRACTION' r_angle_other_deg      2126 1.061  3.000  ? ? 
'X-RAY DIFFRACTION' r_dihedral_angle_1_deg 116  5.871  5.000  ? ? 
'X-RAY DIFFRACTION' r_dihedral_angle_2_deg 45   35.686 24.667 ? ? 
'X-RAY DIFFRACTION' r_dihedral_angle_3_deg 181  11.766 15.000 ? ? 
'X-RAY DIFFRACTION' r_dihedral_angle_4_deg 5    18.343 15.000 ? ? 
'X-RAY DIFFRACTION' r_chiral_restr         142  0.120  0.200  ? ? 
'X-RAY DIFFRACTION' r_gen_planes_refined   1064 0.012  0.021  ? ? 
'X-RAY DIFFRACTION' r_gen_planes_other     209  0.002  0.020  ? ? 
'X-RAY DIFFRACTION' r_mcbond_it            464  3.345  2.914  ? ? 
'X-RAY DIFFRACTION' r_mcbond_other         463  3.340  2.903  ? ? 
'X-RAY DIFFRACTION' r_mcangle_it           580  4.524  4.341  ? ? 
# 
_refine_ls_shell.d_res_high                       1.4900 
_refine_ls_shell.d_res_low                        1.5280 
_refine_ls_shell.pdbx_total_number_of_bins_used   20 
_refine_ls_shell.percent_reflns_obs               10.6400 
_refine_ls_shell.number_reflns_R_work             274 
_refine_ls_shell.R_factor_all                     ? 
_refine_ls_shell.R_factor_R_work                  0.5910 
_refine_ls_shell.R_factor_R_free                  0.6250 
_refine_ls_shell.percent_reflns_R_free            ? 
_refine_ls_shell.number_reflns_R_free             19 
_refine_ls_shell.R_factor_R_free_error            ? 
_refine_ls_shell.number_reflns_all                293 
_refine_ls_shell.number_reflns_obs                ? 
_refine_ls_shell.pdbx_refine_id                   'X-RAY DIFFRACTION' 
# 
_struct.entry_id                  5PG1 
_struct.title                     
'PanDDA analysis group deposition -- Crystal Structure of BAZ2B after initial refinement with no ligand modelled (structure 165)' 
_struct.pdbx_model_details        ? 
_struct.pdbx_CASP_flag            ? 
_struct.pdbx_model_type_details   ? 
# 
_struct_keywords.entry_id        5PG1 
_struct_keywords.text            'PanDDA, SGC - Diamond I04-1 fragment screening, bromodomain, epigenetics, DNA BINDING PROTEIN' 
_struct_keywords.pdbx_keywords   'DNA BINDING PROTEIN' 
# 
loop_
_struct_asym.id 
_struct_asym.pdbx_blank_PDB_chainid_flag 
_struct_asym.pdbx_modified 
_struct_asym.entity_id 
_struct_asym.details 
A N N 1 ? 
B N N 2 ? 
C N N 3 ? 
# 
_struct_ref.id                         1 
_struct_ref.db_name                    UNP 
_struct_ref.db_code                    BAZ2B_HUMAN 
_struct_ref.pdbx_db_accession          Q9UIF8 
_struct_ref.pdbx_db_isoform            Q9UIF8-2 
_struct_ref.entity_id                  1 
_struct_ref.pdbx_seq_one_letter_code   
;SVKKPKRDDSKDLALCSMILTEMETHEDAWPFLLPVNLKLVPGYKKVIKKPMDFSTIREKLSSGQYPNLETFALDVRLVF
DNCETFNEDDSDIGRAGHNMRKYFEKKWTDTFKVS
;
_struct_ref.pdbx_align_begin           1954 
# 
_struct_ref_seq.align_id                      1 
_struct_ref_seq.ref_id                        1 
_struct_ref_seq.pdbx_PDB_id_code              5PG1 
_struct_ref_seq.pdbx_strand_id                A 
_struct_ref_seq.seq_align_beg                 24 
_struct_ref_seq.pdbx_seq_align_beg_ins_code   ? 
_struct_ref_seq.seq_align_end                 138 
_struct_ref_seq.pdbx_seq_align_end_ins_code   ? 
_struct_ref_seq.pdbx_db_accession             Q9UIF8 
_struct_ref_seq.db_align_beg                  1954 
_struct_ref_seq.pdbx_db_align_beg_ins_code    ? 
_struct_ref_seq.db_align_end                  2068 
_struct_ref_seq.pdbx_db_align_end_ins_code    ? 
_struct_ref_seq.pdbx_auth_seq_align_beg       1858 
_struct_ref_seq.pdbx_auth_seq_align_end       1972 
# 
loop_
_struct_ref_seq_dif.align_id 
_struct_ref_seq_dif.pdbx_pdb_id_code 
_struct_ref_seq_dif.mon_id 
_struct_ref_seq_dif.pdbx_pdb_strand_id 
_struct_ref_seq_dif.seq_num 
_struct_ref_seq_dif.pdbx_pdb_ins_code 
_struct_ref_seq_dif.pdbx_seq_db_name 
_struct_ref_seq_dif.pdbx_seq_db_accession_code 
_struct_ref_seq_dif.db_mon_id 
_struct_ref_seq_dif.pdbx_seq_db_seq_num 
_struct_ref_seq_dif.details 
_struct_ref_seq_dif.pdbx_auth_seq_num 
_struct_ref_seq_dif.pdbx_ordinal 
1 5PG1 MET A 1  ? UNP Q9UIF8 ? ? 'expression tag' 1835 1  
1 5PG1 HIS A 2  ? UNP Q9UIF8 ? ? 'expression tag' 1836 2  
1 5PG1 HIS A 3  ? UNP Q9UIF8 ? ? 'expression tag' 1837 3  
1 5PG1 HIS A 4  ? UNP Q9UIF8 ? ? 'expression tag' 1838 4  
1 5PG1 HIS A 5  ? UNP Q9UIF8 ? ? 'expression tag' 1839 5  
1 5PG1 HIS A 6  ? UNP Q9UIF8 ? ? 'expression tag' 1840 6  
1 5PG1 HIS A 7  ? UNP Q9UIF8 ? ? 'expression tag' 1841 7  
1 5PG1 SER A 8  ? UNP Q9UIF8 ? ? 'expression tag' 1842 8  
1 5PG1 SER A 9  ? UNP Q9UIF8 ? ? 'expression tag' 1843 9  
1 5PG1 GLY A 10 ? UNP Q9UIF8 ? ? 'expression tag' 1844 10 
1 5PG1 VAL A 11 ? UNP Q9UIF8 ? ? 'expression tag' 1845 11 
1 5PG1 ASP A 12 ? UNP Q9UIF8 ? ? 'expression tag' 1846 12 
1 5PG1 LEU A 13 ? UNP Q9UIF8 ? ? 'expression tag' 1847 13 
1 5PG1 GLY A 14 ? UNP Q9UIF8 ? ? 'expression tag' 1848 14 
1 5PG1 THR A 15 ? UNP Q9UIF8 ? ? 'expression tag' 1849 15 
1 5PG1 GLU A 16 ? UNP Q9UIF8 ? ? 'expression tag' 1850 16 
1 5PG1 ASN A 17 ? UNP Q9UIF8 ? ? 'expression tag' 1851 17 
1 5PG1 LEU A 18 ? UNP Q9UIF8 ? ? 'expression tag' 1852 18 
1 5PG1 TYR A 19 ? UNP Q9UIF8 ? ? 'expression tag' 1853 19 
1 5PG1 PHE A 20 ? UNP Q9UIF8 ? ? 'expression tag' 1854 20 
1 5PG1 GLN A 21 ? UNP Q9UIF8 ? ? 'expression tag' 1855 21 
1 5PG1 SER A 22 ? UNP Q9UIF8 ? ? 'expression tag' 1856 22 
1 5PG1 MET A 23 ? UNP Q9UIF8 ? ? 'expression tag' 1857 23 
# 
_pdbx_struct_assembly.id                   1 
_pdbx_struct_assembly.details              author_defined_assembly 
_pdbx_struct_assembly.method_details       ? 
_pdbx_struct_assembly.oligomeric_details   monomeric 
_pdbx_struct_assembly.oligomeric_count     1 
# 
_pdbx_struct_assembly_gen.assembly_id       1 
_pdbx_struct_assembly_gen.oper_expression   1 
_pdbx_struct_assembly_gen.asym_id_list      A,B,C 
# 
_pdbx_struct_oper_list.id                   1 
_pdbx_struct_oper_list.type                 'identity operation' 
_pdbx_struct_oper_list.name                 1_555 
_pdbx_struct_oper_list.symmetry_operation   x,y,z 
_pdbx_struct_oper_list.matrix[1][1]         1.0000000000 
_pdbx_struct_oper_list.matrix[1][2]         0.0000000000 
_pdbx_struct_oper_list.matrix[1][3]         0.0000000000 
_pdbx_struct_oper_list.vector[1]            0.0000000000 
_pdbx_struct_oper_list.matrix[2][1]         0.0000000000 
_pdbx_struct_oper_list.matrix[2][2]         1.0000000000 
_pdbx_struct_oper_list.matrix[2][3]         0.0000000000 
_pdbx_struct_oper_list.vector[2]            0.0000000000 
_pdbx_struct_oper_list.matrix[3][1]         0.0000000000 
_pdbx_struct_oper_list.matrix[3][2]         0.0000000000 
_pdbx_struct_oper_list.matrix[3][3]         1.0000000000 
_pdbx_struct_oper_list.vector[3]            0.0000000000 
# 
loop_
_struct_conf.conf_type_id 
_struct_conf.id 
_struct_conf.pdbx_PDB_helix_id 
_struct_conf.beg_label_comp_id 
_struct_conf.beg_label_asym_id 
_struct_conf.beg_label_seq_id 
_struct_conf.pdbx_beg_PDB_ins_code 
_struct_conf.end_label_comp_id 
_struct_conf.end_label_asym_id 
_struct_conf.end_label_seq_id 
_struct_conf.pdbx_end_PDB_ins_code 
_struct_conf.beg_auth_comp_id 
_struct_conf.beg_auth_asym_id 
_struct_conf.beg_auth_seq_id 
_struct_conf.end_auth_comp_id 
_struct_conf.end_auth_asym_id 
_struct_conf.end_auth_seq_id 
_struct_conf.pdbx_PDB_helix_class 
_struct_conf.details 
_struct_conf.pdbx_PDB_helix_length 
HELX_P HELX_P1 AA1 LYS A 34  ? HIS A 49  ? LYS A 1868 HIS A 1883 1 ? 16 
HELX_P HELX_P2 AA2 ALA A 52  ? LEU A 56  ? ALA A 1886 LEU A 1890 5 ? 5  
HELX_P HELX_P3 AA3 GLY A 66  ? ILE A 71  ? GLY A 1900 ILE A 1905 1 ? 6  
HELX_P HELX_P4 AA4 ASP A 76  ? SER A 86  ? ASP A 1910 SER A 1920 1 ? 11 
HELX_P HELX_P5 AA5 ASN A 91  ? ASN A 110 ? ASN A 1925 ASN A 1944 1 ? 20 
HELX_P HELX_P6 AA6 SER A 114 ? LYS A 136 ? SER A 1948 LYS A 1970 1 ? 23 
# 
_struct_conf_type.id          HELX_P 
_struct_conf_type.criteria    ? 
_struct_conf_type.reference   ? 
# 
_struct_site.id                   AC1 
_struct_site.pdbx_evidence_code   Software 
_struct_site.pdbx_auth_asym_id    A 
_struct_site.pdbx_auth_comp_id    EDO 
_struct_site.pdbx_auth_seq_id     2001 
_struct_site.pdbx_auth_ins_code   ? 
_struct_site.pdbx_num_residues    3 
_struct_site.details              'binding site for residue EDO A 2001' 
# 
loop_
_struct_site_gen.id 
_struct_site_gen.site_id 
_struct_site_gen.pdbx_num_res 
_struct_site_gen.label_comp_id 
_struct_site_gen.label_asym_id 
_struct_site_gen.label_seq_id 
_struct_site_gen.pdbx_auth_ins_code 
_struct_site_gen.auth_comp_id 
_struct_site_gen.auth_asym_id 
_struct_site_gen.auth_seq_id 
_struct_site_gen.label_atom_id 
_struct_site_gen.label_alt_id 
_struct_site_gen.symmetry 
_struct_site_gen.details 
1 AC1 3 ASN A 110 ? ASN A 1944 . ? 1_555 ? 
2 AC1 3 HOH C .   ? HOH A 2106 . ? 1_555 ? 
3 AC1 3 HOH C .   ? HOH A 2114 . ? 1_555 ? 
# 
loop_
_pdbx_validate_close_contact.id 
_pdbx_validate_close_contact.PDB_model_num 
_pdbx_validate_close_contact.auth_atom_id_1 
_pdbx_validate_close_contact.auth_asym_id_1 
_pdbx_validate_close_contact.auth_comp_id_1 
_pdbx_validate_close_contact.auth_seq_id_1 
_pdbx_validate_close_contact.PDB_ins_code_1 
_pdbx_validate_close_contact.label_alt_id_1 
_pdbx_validate_close_contact.auth_atom_id_2 
_pdbx_validate_close_contact.auth_asym_id_2 
_pdbx_validate_close_contact.auth_comp_id_2 
_pdbx_validate_close_contact.auth_seq_id_2 
_pdbx_validate_close_contact.PDB_ins_code_2 
_pdbx_validate_close_contact.label_alt_id_2 
_pdbx_validate_close_contact.dist 
1 1 OE1 A GLU 1945 ? A O A HOH 2101 ? ? 2.03 
2 1 OD2 A ASP 1967 ? ? O A HOH 2102 ? ? 2.17 
3 1 O   A HOH 2227 ? ? O A HOH 2261 ? ? 2.17 
# 
_pdbx_struct_special_symmetry.id              1 
_pdbx_struct_special_symmetry.PDB_model_num   1 
_pdbx_struct_special_symmetry.auth_asym_id    A 
_pdbx_struct_special_symmetry.auth_comp_id    HOH 
_pdbx_struct_special_symmetry.auth_seq_id     2167 
_pdbx_struct_special_symmetry.PDB_ins_code    ? 
_pdbx_struct_special_symmetry.label_asym_id   C 
_pdbx_struct_special_symmetry.label_comp_id   HOH 
_pdbx_struct_special_symmetry.label_seq_id    . 
# 
_phasing.method   MR 
# 
loop_
_pdbx_distant_solvent_atoms.id 
_pdbx_distant_solvent_atoms.PDB_model_num 
_pdbx_distant_solvent_atoms.auth_atom_id 
_pdbx_distant_solvent_atoms.label_alt_id 
_pdbx_distant_solvent_atoms.auth_asym_id 
_pdbx_distant_solvent_atoms.auth_comp_id 
_pdbx_distant_solvent_atoms.auth_seq_id 
_pdbx_distant_solvent_atoms.PDB_ins_code 
_pdbx_distant_solvent_atoms.neighbor_macromolecule_distance 
_pdbx_distant_solvent_atoms.neighbor_ligand_distance 
1 1 O ? A HOH 2300 ? .    5.98 
2 1 O ? A HOH 2301 ? 6.29 .    
3 1 O ? A HOH 2302 ? 6.84 .    
4 1 O ? A HOH 2303 ? 7.42 .    
5 1 O ? A HOH 2304 ? 7.45 .    
# 
loop_
_pdbx_unobs_or_zero_occ_residues.id 
_pdbx_unobs_or_zero_occ_residues.PDB_model_num 
_pdbx_unobs_or_zero_occ_residues.polymer_flag 
_pdbx_unobs_or_zero_occ_residues.occupancy_flag 
_pdbx_unobs_or_zero_occ_residues.auth_asym_id 
_pdbx_unobs_or_zero_occ_residues.auth_comp_id 
_pdbx_unobs_or_zero_occ_residues.auth_seq_id 
_pdbx_unobs_or_zero_occ_residues.PDB_ins_code 
_pdbx_unobs_or_zero_occ_residues.label_asym_id 
_pdbx_unobs_or_zero_occ_residues.label_comp_id 
_pdbx_unobs_or_zero_occ_residues.label_seq_id 
1  1 Y 1 A MET 1835 ? A MET 1   
2  1 Y 1 A HIS 1836 ? A HIS 2   
3  1 Y 1 A HIS 1837 ? A HIS 3   
4  1 Y 1 A HIS 1838 ? A HIS 4   
5  1 Y 1 A HIS 1839 ? A HIS 5   
6  1 Y 1 A HIS 1840 ? A HIS 6   
7  1 Y 1 A HIS 1841 ? A HIS 7   
8  1 Y 1 A SER 1842 ? A SER 8   
9  1 Y 1 A SER 1843 ? A SER 9   
10 1 Y 1 A GLY 1844 ? A GLY 10  
11 1 Y 1 A VAL 1845 ? A VAL 11  
12 1 Y 1 A ASP 1846 ? A ASP 12  
13 1 Y 1 A LEU 1847 ? A LEU 13  
14 1 Y 1 A GLY 1848 ? A GLY 14  
15 1 Y 1 A THR 1849 ? A THR 15  
16 1 Y 1 A GLU 1850 ? A GLU 16  
17 1 Y 1 A ASN 1851 ? A ASN 17  
18 1 Y 1 A LEU 1852 ? A LEU 18  
19 1 Y 1 A TYR 1853 ? A TYR 19  
20 1 Y 1 A PHE 1854 ? A PHE 20  
21 1 Y 1 A GLN 1855 ? A GLN 21  
22 1 Y 1 A VAL 1971 ? A VAL 137 
23 1 Y 1 A SER 1972 ? A SER 138 
# 
loop_
_chem_comp_atom.comp_id 
_chem_comp_atom.atom_id 
_chem_comp_atom.type_symbol 
_chem_comp_atom.pdbx_aromatic_flag 
_chem_comp_atom.pdbx_stereo_config 
_chem_comp_atom.pdbx_ordinal 
ALA N    N N N 1   
ALA CA   C N S 2   
ALA C    C N N 3   
ALA O    O N N 4   
ALA CB   C N N 5   
ALA OXT  O N N 6   
ALA H    H N N 7   
ALA H2   H N N 8   
ALA HA   H N N 9   
ALA HB1  H N N 10  
ALA HB2  H N N 11  
ALA HB3  H N N 12  
ALA HXT  H N N 13  
ARG N    N N N 14  
ARG CA   C N S 15  
ARG C    C N N 16  
ARG O    O N N 17  
ARG CB   C N N 18  
ARG CG   C N N 19  
ARG CD   C N N 20  
ARG NE   N N N 21  
ARG CZ   C N N 22  
ARG NH1  N N N 23  
ARG NH2  N N N 24  
ARG OXT  O N N 25  
ARG H    H N N 26  
ARG H2   H N N 27  
ARG HA   H N N 28  
ARG HB2  H N N 29  
ARG HB3  H N N 30  
ARG HG2  H N N 31  
ARG HG3  H N N 32  
ARG HD2  H N N 33  
ARG HD3  H N N 34  
ARG HE   H N N 35  
ARG HH11 H N N 36  
ARG HH12 H N N 37  
ARG HH21 H N N 38  
ARG HH22 H N N 39  
ARG HXT  H N N 40  
ASN N    N N N 41  
ASN CA   C N S 42  
ASN C    C N N 43  
ASN O    O N N 44  
ASN CB   C N N 45  
ASN CG   C N N 46  
ASN OD1  O N N 47  
ASN ND2  N N N 48  
ASN OXT  O N N 49  
ASN H    H N N 50  
ASN H2   H N N 51  
ASN HA   H N N 52  
ASN HB2  H N N 53  
ASN HB3  H N N 54  
ASN HD21 H N N 55  
ASN HD22 H N N 56  
ASN HXT  H N N 57  
ASP N    N N N 58  
ASP CA   C N S 59  
ASP C    C N N 60  
ASP O    O N N 61  
ASP CB   C N N 62  
ASP CG   C N N 63  
ASP OD1  O N N 64  
ASP OD2  O N N 65  
ASP OXT  O N N 66  
ASP H    H N N 67  
ASP H2   H N N 68  
ASP HA   H N N 69  
ASP HB2  H N N 70  
ASP HB3  H N N 71  
ASP HD2  H N N 72  
ASP HXT  H N N 73  
CYS N    N N N 74  
CYS CA   C N R 75  
CYS C    C N N 76  
CYS O    O N N 77  
CYS CB   C N N 78  
CYS SG   S N N 79  
CYS OXT  O N N 80  
CYS H    H N N 81  
CYS H2   H N N 82  
CYS HA   H N N 83  
CYS HB2  H N N 84  
CYS HB3  H N N 85  
CYS HG   H N N 86  
CYS HXT  H N N 87  
EDO C1   C N N 88  
EDO O1   O N N 89  
EDO C2   C N N 90  
EDO O2   O N N 91  
EDO H11  H N N 92  
EDO H12  H N N 93  
EDO HO1  H N N 94  
EDO H21  H N N 95  
EDO H22  H N N 96  
EDO HO2  H N N 97  
GLN N    N N N 98  
GLN CA   C N S 99  
GLN C    C N N 100 
GLN O    O N N 101 
GLN CB   C N N 102 
GLN CG   C N N 103 
GLN CD   C N N 104 
GLN OE1  O N N 105 
GLN NE2  N N N 106 
GLN OXT  O N N 107 
GLN H    H N N 108 
GLN H2   H N N 109 
GLN HA   H N N 110 
GLN HB2  H N N 111 
GLN HB3  H N N 112 
GLN HG2  H N N 113 
GLN HG3  H N N 114 
GLN HE21 H N N 115 
GLN HE22 H N N 116 
GLN HXT  H N N 117 
GLU N    N N N 118 
GLU CA   C N S 119 
GLU C    C N N 120 
GLU O    O N N 121 
GLU CB   C N N 122 
GLU CG   C N N 123 
GLU CD   C N N 124 
GLU OE1  O N N 125 
GLU OE2  O N N 126 
GLU OXT  O N N 127 
GLU H    H N N 128 
GLU H2   H N N 129 
GLU HA   H N N 130 
GLU HB2  H N N 131 
GLU HB3  H N N 132 
GLU HG2  H N N 133 
GLU HG3  H N N 134 
GLU HE2  H N N 135 
GLU HXT  H N N 136 
GLY N    N N N 137 
GLY CA   C N N 138 
GLY C    C N N 139 
GLY O    O N N 140 
GLY OXT  O N N 141 
GLY H    H N N 142 
GLY H2   H N N 143 
GLY HA2  H N N 144 
GLY HA3  H N N 145 
GLY HXT  H N N 146 
HIS N    N N N 147 
HIS CA   C N S 148 
HIS C    C N N 149 
HIS O    O N N 150 
HIS CB   C N N 151 
HIS CG   C Y N 152 
HIS ND1  N Y N 153 
HIS CD2  C Y N 154 
HIS CE1  C Y N 155 
HIS NE2  N Y N 156 
HIS OXT  O N N 157 
HIS H    H N N 158 
HIS H2   H N N 159 
HIS HA   H N N 160 
HIS HB2  H N N 161 
HIS HB3  H N N 162 
HIS HD1  H N N 163 
HIS HD2  H N N 164 
HIS HE1  H N N 165 
HIS HE2  H N N 166 
HIS HXT  H N N 167 
HOH O    O N N 168 
HOH H1   H N N 169 
HOH H2   H N N 170 
ILE N    N N N 171 
ILE CA   C N S 172 
ILE C    C N N 173 
ILE O    O N N 174 
ILE CB   C N S 175 
ILE CG1  C N N 176 
ILE CG2  C N N 177 
ILE CD1  C N N 178 
ILE OXT  O N N 179 
ILE H    H N N 180 
ILE H2   H N N 181 
ILE HA   H N N 182 
ILE HB   H N N 183 
ILE HG12 H N N 184 
ILE HG13 H N N 185 
ILE HG21 H N N 186 
ILE HG22 H N N 187 
ILE HG23 H N N 188 
ILE HD11 H N N 189 
ILE HD12 H N N 190 
ILE HD13 H N N 191 
ILE HXT  H N N 192 
LEU N    N N N 193 
LEU CA   C N S 194 
LEU C    C N N 195 
LEU O    O N N 196 
LEU CB   C N N 197 
LEU CG   C N N 198 
LEU CD1  C N N 199 
LEU CD2  C N N 200 
LEU OXT  O N N 201 
LEU H    H N N 202 
LEU H2   H N N 203 
LEU HA   H N N 204 
LEU HB2  H N N 205 
LEU HB3  H N N 206 
LEU HG   H N N 207 
LEU HD11 H N N 208 
LEU HD12 H N N 209 
LEU HD13 H N N 210 
LEU HD21 H N N 211 
LEU HD22 H N N 212 
LEU HD23 H N N 213 
LEU HXT  H N N 214 
LYS N    N N N 215 
LYS CA   C N S 216 
LYS C    C N N 217 
LYS O    O N N 218 
LYS CB   C N N 219 
LYS CG   C N N 220 
LYS CD   C N N 221 
LYS CE   C N N 222 
LYS NZ   N N N 223 
LYS OXT  O N N 224 
LYS H    H N N 225 
LYS H2   H N N 226 
LYS HA   H N N 227 
LYS HB2  H N N 228 
LYS HB3  H N N 229 
LYS HG2  H N N 230 
LYS HG3  H N N 231 
LYS HD2  H N N 232 
LYS HD3  H N N 233 
LYS HE2  H N N 234 
LYS HE3  H N N 235 
LYS HZ1  H N N 236 
LYS HZ2  H N N 237 
LYS HZ3  H N N 238 
LYS HXT  H N N 239 
MET N    N N N 240 
MET CA   C N S 241 
MET C    C N N 242 
MET O    O N N 243 
MET CB   C N N 244 
MET CG   C N N 245 
MET SD   S N N 246 
MET CE   C N N 247 
MET OXT  O N N 248 
MET H    H N N 249 
MET H2   H N N 250 
MET HA   H N N 251 
MET HB2  H N N 252 
MET HB3  H N N 253 
MET HG2  H N N 254 
MET HG3  H N N 255 
MET HE1  H N N 256 
MET HE2  H N N 257 
MET HE3  H N N 258 
MET HXT  H N N 259 
PHE N    N N N 260 
PHE CA   C N S 261 
PHE C    C N N 262 
PHE O    O N N 263 
PHE CB   C N N 264 
PHE CG   C Y N 265 
PHE CD1  C Y N 266 
PHE CD2  C Y N 267 
PHE CE1  C Y N 268 
PHE CE2  C Y N 269 
PHE CZ   C Y N 270 
PHE OXT  O N N 271 
PHE H    H N N 272 
PHE H2   H N N 273 
PHE HA   H N N 274 
PHE HB2  H N N 275 
PHE HB3  H N N 276 
PHE HD1  H N N 277 
PHE HD2  H N N 278 
PHE HE1  H N N 279 
PHE HE2  H N N 280 
PHE HZ   H N N 281 
PHE HXT  H N N 282 
PRO N    N N N 283 
PRO CA   C N S 284 
PRO C    C N N 285 
PRO O    O N N 286 
PRO CB   C N N 287 
PRO CG   C N N 288 
PRO CD   C N N 289 
PRO OXT  O N N 290 
PRO H    H N N 291 
PRO HA   H N N 292 
PRO HB2  H N N 293 
PRO HB3  H N N 294 
PRO HG2  H N N 295 
PRO HG3  H N N 296 
PRO HD2  H N N 297 
PRO HD3  H N N 298 
PRO HXT  H N N 299 
SER N    N N N 300 
SER CA   C N S 301 
SER C    C N N 302 
SER O    O N N 303 
SER CB   C N N 304 
SER OG   O N N 305 
SER OXT  O N N 306 
SER H    H N N 307 
SER H2   H N N 308 
SER HA   H N N 309 
SER HB2  H N N 310 
SER HB3  H N N 311 
SER HG   H N N 312 
SER HXT  H N N 313 
THR N    N N N 314 
THR CA   C N S 315 
THR C    C N N 316 
THR O    O N N 317 
THR CB   C N R 318 
THR OG1  O N N 319 
THR CG2  C N N 320 
THR OXT  O N N 321 
THR H    H N N 322 
THR H2   H N N 323 
THR HA   H N N 324 
THR HB   H N N 325 
THR HG1  H N N 326 
THR HG21 H N N 327 
THR HG22 H N N 328 
THR HG23 H N N 329 
THR HXT  H N N 330 
TRP N    N N N 331 
TRP CA   C N S 332 
TRP C    C N N 333 
TRP O    O N N 334 
TRP CB   C N N 335 
TRP CG   C Y N 336 
TRP CD1  C Y N 337 
TRP CD2  C Y N 338 
TRP NE1  N Y N 339 
TRP CE2  C Y N 340 
TRP CE3  C Y N 341 
TRP CZ2  C Y N 342 
TRP CZ3  C Y N 343 
TRP CH2  C Y N 344 
TRP OXT  O N N 345 
TRP H    H N N 346 
TRP H2   H N N 347 
TRP HA   H N N 348 
TRP HB2  H N N 349 
TRP HB3  H N N 350 
TRP HD1  H N N 351 
TRP HE1  H N N 352 
TRP HE3  H N N 353 
TRP HZ2  H N N 354 
TRP HZ3  H N N 355 
TRP HH2  H N N 356 
TRP HXT  H N N 357 
TYR N    N N N 358 
TYR CA   C N S 359 
TYR C    C N N 360 
TYR O    O N N 361 
TYR CB   C N N 362 
TYR CG   C Y N 363 
TYR CD1  C Y N 364 
TYR CD2  C Y N 365 
TYR CE1  C Y N 366 
TYR CE2  C Y N 367 
TYR CZ   C Y N 368 
TYR OH   O N N 369 
TYR OXT  O N N 370 
TYR H    H N N 371 
TYR H2   H N N 372 
TYR HA   H N N 373 
TYR HB2  H N N 374 
TYR HB3  H N N 375 
TYR HD1  H N N 376 
TYR HD2  H N N 377 
TYR HE1  H N N 378 
TYR HE2  H N N 379 
TYR HH   H N N 380 
TYR HXT  H N N 381 
VAL N    N N N 382 
VAL CA   C N S 383 
VAL C    C N N 384 
VAL O    O N N 385 
VAL CB   C N N 386 
VAL CG1  C N N 387 
VAL CG2  C N N 388 
VAL OXT  O N N 389 
VAL H    H N N 390 
VAL H2   H N N 391 
VAL HA   H N N 392 
VAL HB   H N N 393 
VAL HG11 H N N 394 
VAL HG12 H N N 395 
VAL HG13 H N N 396 
VAL HG21 H N N 397 
VAL HG22 H N N 398 
VAL HG23 H N N 399 
VAL HXT  H N N 400 
# 
loop_
_chem_comp_bond.comp_id 
_chem_comp_bond.atom_id_1 
_chem_comp_bond.atom_id_2 
_chem_comp_bond.value_order 
_chem_comp_bond.pdbx_aromatic_flag 
_chem_comp_bond.pdbx_stereo_config 
_chem_comp_bond.pdbx_ordinal 
ALA N   CA   sing N N 1   
ALA N   H    sing N N 2   
ALA N   H2   sing N N 3   
ALA CA  C    sing N N 4   
ALA CA  CB   sing N N 5   
ALA CA  HA   sing N N 6   
ALA C   O    doub N N 7   
ALA C   OXT  sing N N 8   
ALA CB  HB1  sing N N 9   
ALA CB  HB2  sing N N 10  
ALA CB  HB3  sing N N 11  
ALA OXT HXT  sing N N 12  
ARG N   CA   sing N N 13  
ARG N   H    sing N N 14  
ARG N   H2   sing N N 15  
ARG CA  C    sing N N 16  
ARG CA  CB   sing N N 17  
ARG CA  HA   sing N N 18  
ARG C   O    doub N N 19  
ARG C   OXT  sing N N 20  
ARG CB  CG   sing N N 21  
ARG CB  HB2  sing N N 22  
ARG CB  HB3  sing N N 23  
ARG CG  CD   sing N N 24  
ARG CG  HG2  sing N N 25  
ARG CG  HG3  sing N N 26  
ARG CD  NE   sing N N 27  
ARG CD  HD2  sing N N 28  
ARG CD  HD3  sing N N 29  
ARG NE  CZ   sing N N 30  
ARG NE  HE   sing N N 31  
ARG CZ  NH1  sing N N 32  
ARG CZ  NH2  doub N N 33  
ARG NH1 HH11 sing N N 34  
ARG NH1 HH12 sing N N 35  
ARG NH2 HH21 sing N N 36  
ARG NH2 HH22 sing N N 37  
ARG OXT HXT  sing N N 38  
ASN N   CA   sing N N 39  
ASN N   H    sing N N 40  
ASN N   H2   sing N N 41  
ASN CA  C    sing N N 42  
ASN CA  CB   sing N N 43  
ASN CA  HA   sing N N 44  
ASN C   O    doub N N 45  
ASN C   OXT  sing N N 46  
ASN CB  CG   sing N N 47  
ASN CB  HB2  sing N N 48  
ASN CB  HB3  sing N N 49  
ASN CG  OD1  doub N N 50  
ASN CG  ND2  sing N N 51  
ASN ND2 HD21 sing N N 52  
ASN ND2 HD22 sing N N 53  
ASN OXT HXT  sing N N 54  
ASP N   CA   sing N N 55  
ASP N   H    sing N N 56  
ASP N   H2   sing N N 57  
ASP CA  C    sing N N 58  
ASP CA  CB   sing N N 59  
ASP CA  HA   sing N N 60  
ASP C   O    doub N N 61  
ASP C   OXT  sing N N 62  
ASP CB  CG   sing N N 63  
ASP CB  HB2  sing N N 64  
ASP CB  HB3  sing N N 65  
ASP CG  OD1  doub N N 66  
ASP CG  OD2  sing N N 67  
ASP OD2 HD2  sing N N 68  
ASP OXT HXT  sing N N 69  
CYS N   CA   sing N N 70  
CYS N   H    sing N N 71  
CYS N   H2   sing N N 72  
CYS CA  C    sing N N 73  
CYS CA  CB   sing N N 74  
CYS CA  HA   sing N N 75  
CYS C   O    doub N N 76  
CYS C   OXT  sing N N 77  
CYS CB  SG   sing N N 78  
CYS CB  HB2  sing N N 79  
CYS CB  HB3  sing N N 80  
CYS SG  HG   sing N N 81  
CYS OXT HXT  sing N N 82  
EDO C1  O1   sing N N 83  
EDO C1  C2   sing N N 84  
EDO C1  H11  sing N N 85  
EDO C1  H12  sing N N 86  
EDO O1  HO1  sing N N 87  
EDO C2  O2   sing N N 88  
EDO C2  H21  sing N N 89  
EDO C2  H22  sing N N 90  
EDO O2  HO2  sing N N 91  
GLN N   CA   sing N N 92  
GLN N   H    sing N N 93  
GLN N   H2   sing N N 94  
GLN CA  C    sing N N 95  
GLN CA  CB   sing N N 96  
GLN CA  HA   sing N N 97  
GLN C   O    doub N N 98  
GLN C   OXT  sing N N 99  
GLN CB  CG   sing N N 100 
GLN CB  HB2  sing N N 101 
GLN CB  HB3  sing N N 102 
GLN CG  CD   sing N N 103 
GLN CG  HG2  sing N N 104 
GLN CG  HG3  sing N N 105 
GLN CD  OE1  doub N N 106 
GLN CD  NE2  sing N N 107 
GLN NE2 HE21 sing N N 108 
GLN NE2 HE22 sing N N 109 
GLN OXT HXT  sing N N 110 
GLU N   CA   sing N N 111 
GLU N   H    sing N N 112 
GLU N   H2   sing N N 113 
GLU CA  C    sing N N 114 
GLU CA  CB   sing N N 115 
GLU CA  HA   sing N N 116 
GLU C   O    doub N N 117 
GLU C   OXT  sing N N 118 
GLU CB  CG   sing N N 119 
GLU CB  HB2  sing N N 120 
GLU CB  HB3  sing N N 121 
GLU CG  CD   sing N N 122 
GLU CG  HG2  sing N N 123 
GLU CG  HG3  sing N N 124 
GLU CD  OE1  doub N N 125 
GLU CD  OE2  sing N N 126 
GLU OE2 HE2  sing N N 127 
GLU OXT HXT  sing N N 128 
GLY N   CA   sing N N 129 
GLY N   H    sing N N 130 
GLY N   H2   sing N N 131 
GLY CA  C    sing N N 132 
GLY CA  HA2  sing N N 133 
GLY CA  HA3  sing N N 134 
GLY C   O    doub N N 135 
GLY C   OXT  sing N N 136 
GLY OXT HXT  sing N N 137 
HIS N   CA   sing N N 138 
HIS N   H    sing N N 139 
HIS N   H2   sing N N 140 
HIS CA  C    sing N N 141 
HIS CA  CB   sing N N 142 
HIS CA  HA   sing N N 143 
HIS C   O    doub N N 144 
HIS C   OXT  sing N N 145 
HIS CB  CG   sing N N 146 
HIS CB  HB2  sing N N 147 
HIS CB  HB3  sing N N 148 
HIS CG  ND1  sing Y N 149 
HIS CG  CD2  doub Y N 150 
HIS ND1 CE1  doub Y N 151 
HIS ND1 HD1  sing N N 152 
HIS CD2 NE2  sing Y N 153 
HIS CD2 HD2  sing N N 154 
HIS CE1 NE2  sing Y N 155 
HIS CE1 HE1  sing N N 156 
HIS NE2 HE2  sing N N 157 
HIS OXT HXT  sing N N 158 
HOH O   H1   sing N N 159 
HOH O   H2   sing N N 160 
ILE N   CA   sing N N 161 
ILE N   H    sing N N 162 
ILE N   H2   sing N N 163 
ILE CA  C    sing N N 164 
ILE CA  CB   sing N N 165 
ILE CA  HA   sing N N 166 
ILE C   O    doub N N 167 
ILE C   OXT  sing N N 168 
ILE CB  CG1  sing N N 169 
ILE CB  CG2  sing N N 170 
ILE CB  HB   sing N N 171 
ILE CG1 CD1  sing N N 172 
ILE CG1 HG12 sing N N 173 
ILE CG1 HG13 sing N N 174 
ILE CG2 HG21 sing N N 175 
ILE CG2 HG22 sing N N 176 
ILE CG2 HG23 sing N N 177 
ILE CD1 HD11 sing N N 178 
ILE CD1 HD12 sing N N 179 
ILE CD1 HD13 sing N N 180 
ILE OXT HXT  sing N N 181 
LEU N   CA   sing N N 182 
LEU N   H    sing N N 183 
LEU N   H2   sing N N 184 
LEU CA  C    sing N N 185 
LEU CA  CB   sing N N 186 
LEU CA  HA   sing N N 187 
LEU C   O    doub N N 188 
LEU C   OXT  sing N N 189 
LEU CB  CG   sing N N 190 
LEU CB  HB2  sing N N 191 
LEU CB  HB3  sing N N 192 
LEU CG  CD1  sing N N 193 
LEU CG  CD2  sing N N 194 
LEU CG  HG   sing N N 195 
LEU CD1 HD11 sing N N 196 
LEU CD1 HD12 sing N N 197 
LEU CD1 HD13 sing N N 198 
LEU CD2 HD21 sing N N 199 
LEU CD2 HD22 sing N N 200 
LEU CD2 HD23 sing N N 201 
LEU OXT HXT  sing N N 202 
LYS N   CA   sing N N 203 
LYS N   H    sing N N 204 
LYS N   H2   sing N N 205 
LYS CA  C    sing N N 206 
LYS CA  CB   sing N N 207 
LYS CA  HA   sing N N 208 
LYS C   O    doub N N 209 
LYS C   OXT  sing N N 210 
LYS CB  CG   sing N N 211 
LYS CB  HB2  sing N N 212 
LYS CB  HB3  sing N N 213 
LYS CG  CD   sing N N 214 
LYS CG  HG2  sing N N 215 
LYS CG  HG3  sing N N 216 
LYS CD  CE   sing N N 217 
LYS CD  HD2  sing N N 218 
LYS CD  HD3  sing N N 219 
LYS CE  NZ   sing N N 220 
LYS CE  HE2  sing N N 221 
LYS CE  HE3  sing N N 222 
LYS NZ  HZ1  sing N N 223 
LYS NZ  HZ2  sing N N 224 
LYS NZ  HZ3  sing N N 225 
LYS OXT HXT  sing N N 226 
MET N   CA   sing N N 227 
MET N   H    sing N N 228 
MET N   H2   sing N N 229 
MET CA  C    sing N N 230 
MET CA  CB   sing N N 231 
MET CA  HA   sing N N 232 
MET C   O    doub N N 233 
MET C   OXT  sing N N 234 
MET CB  CG   sing N N 235 
MET CB  HB2  sing N N 236 
MET CB  HB3  sing N N 237 
MET CG  SD   sing N N 238 
MET CG  HG2  sing N N 239 
MET CG  HG3  sing N N 240 
MET SD  CE   sing N N 241 
MET CE  HE1  sing N N 242 
MET CE  HE2  sing N N 243 
MET CE  HE3  sing N N 244 
MET OXT HXT  sing N N 245 
PHE N   CA   sing N N 246 
PHE N   H    sing N N 247 
PHE N   H2   sing N N 248 
PHE CA  C    sing N N 249 
PHE CA  CB   sing N N 250 
PHE CA  HA   sing N N 251 
PHE C   O    doub N N 252 
PHE C   OXT  sing N N 253 
PHE CB  CG   sing N N 254 
PHE CB  HB2  sing N N 255 
PHE CB  HB3  sing N N 256 
PHE CG  CD1  doub Y N 257 
PHE CG  CD2  sing Y N 258 
PHE CD1 CE1  sing Y N 259 
PHE CD1 HD1  sing N N 260 
PHE CD2 CE2  doub Y N 261 
PHE CD2 HD2  sing N N 262 
PHE CE1 CZ   doub Y N 263 
PHE CE1 HE1  sing N N 264 
PHE CE2 CZ   sing Y N 265 
PHE CE2 HE2  sing N N 266 
PHE CZ  HZ   sing N N 267 
PHE OXT HXT  sing N N 268 
PRO N   CA   sing N N 269 
PRO N   CD   sing N N 270 
PRO N   H    sing N N 271 
PRO CA  C    sing N N 272 
PRO CA  CB   sing N N 273 
PRO CA  HA   sing N N 274 
PRO C   O    doub N N 275 
PRO C   OXT  sing N N 276 
PRO CB  CG   sing N N 277 
PRO CB  HB2  sing N N 278 
PRO CB  HB3  sing N N 279 
PRO CG  CD   sing N N 280 
PRO CG  HG2  sing N N 281 
PRO CG  HG3  sing N N 282 
PRO CD  HD2  sing N N 283 
PRO CD  HD3  sing N N 284 
PRO OXT HXT  sing N N 285 
SER N   CA   sing N N 286 
SER N   H    sing N N 287 
SER N   H2   sing N N 288 
SER CA  C    sing N N 289 
SER CA  CB   sing N N 290 
SER CA  HA   sing N N 291 
SER C   O    doub N N 292 
SER C   OXT  sing N N 293 
SER CB  OG   sing N N 294 
SER CB  HB2  sing N N 295 
SER CB  HB3  sing N N 296 
SER OG  HG   sing N N 297 
SER OXT HXT  sing N N 298 
THR N   CA   sing N N 299 
THR N   H    sing N N 300 
THR N   H2   sing N N 301 
THR CA  C    sing N N 302 
THR CA  CB   sing N N 303 
THR CA  HA   sing N N 304 
THR C   O    doub N N 305 
THR C   OXT  sing N N 306 
THR CB  OG1  sing N N 307 
THR CB  CG2  sing N N 308 
THR CB  HB   sing N N 309 
THR OG1 HG1  sing N N 310 
THR CG2 HG21 sing N N 311 
THR CG2 HG22 sing N N 312 
THR CG2 HG23 sing N N 313 
THR OXT HXT  sing N N 314 
TRP N   CA   sing N N 315 
TRP N   H    sing N N 316 
TRP N   H2   sing N N 317 
TRP CA  C    sing N N 318 
TRP CA  CB   sing N N 319 
TRP CA  HA   sing N N 320 
TRP C   O    doub N N 321 
TRP C   OXT  sing N N 322 
TRP CB  CG   sing N N 323 
TRP CB  HB2  sing N N 324 
TRP CB  HB3  sing N N 325 
TRP CG  CD1  doub Y N 326 
TRP CG  CD2  sing Y N 327 
TRP CD1 NE1  sing Y N 328 
TRP CD1 HD1  sing N N 329 
TRP CD2 CE2  doub Y N 330 
TRP CD2 CE3  sing Y N 331 
TRP NE1 CE2  sing Y N 332 
TRP NE1 HE1  sing N N 333 
TRP CE2 CZ2  sing Y N 334 
TRP CE3 CZ3  doub Y N 335 
TRP CE3 HE3  sing N N 336 
TRP CZ2 CH2  doub Y N 337 
TRP CZ2 HZ2  sing N N 338 
TRP CZ3 CH2  sing Y N 339 
TRP CZ3 HZ3  sing N N 340 
TRP CH2 HH2  sing N N 341 
TRP OXT HXT  sing N N 342 
TYR N   CA   sing N N 343 
TYR N   H    sing N N 344 
TYR N   H2   sing N N 345 
TYR CA  C    sing N N 346 
TYR CA  CB   sing N N 347 
TYR CA  HA   sing N N 348 
TYR C   O    doub N N 349 
TYR C   OXT  sing N N 350 
TYR CB  CG   sing N N 351 
TYR CB  HB2  sing N N 352 
TYR CB  HB3  sing N N 353 
TYR CG  CD1  doub Y N 354 
TYR CG  CD2  sing Y N 355 
TYR CD1 CE1  sing Y N 356 
TYR CD1 HD1  sing N N 357 
TYR CD2 CE2  doub Y N 358 
TYR CD2 HD2  sing N N 359 
TYR CE1 CZ   doub Y N 360 
TYR CE1 HE1  sing N N 361 
TYR CE2 CZ   sing Y N 362 
TYR CE2 HE2  sing N N 363 
TYR CZ  OH   sing N N 364 
TYR OH  HH   sing N N 365 
TYR OXT HXT  sing N N 366 
VAL N   CA   sing N N 367 
VAL N   H    sing N N 368 
VAL N   H2   sing N N 369 
VAL CA  C    sing N N 370 
VAL CA  CB   sing N N 371 
VAL CA  HA   sing N N 372 
VAL C   O    doub N N 373 
VAL C   OXT  sing N N 374 
VAL CB  CG1  sing N N 375 
VAL CB  CG2  sing N N 376 
VAL CB  HB   sing N N 377 
VAL CG1 HG11 sing N N 378 
VAL CG1 HG12 sing N N 379 
VAL CG1 HG13 sing N N 380 
VAL CG2 HG21 sing N N 381 
VAL CG2 HG22 sing N N 382 
VAL CG2 HG23 sing N N 383 
VAL OXT HXT  sing N N 384 
# 
_pdbx_deposit_group.group_id            G_1002019 
_pdbx_deposit_group.group_description   
;bromodomain of human BAZ2B screened against the ZENOBIA Fragment Library by X-ray Crystallography at the XChem
facility of Diamond Light Source beamline I04-1. Check out the PanDDA event maps at
https://zenodo.org/record/290199/files/0_index.html
;
_pdbx_deposit_group.group_title         'PanDDA analysis group deposition of models of ground state datasets' 
_pdbx_deposit_group.group_type          'ground state' 
# 
_atom_sites.entry_id                    5PG1 
_atom_sites.fract_transf_matrix[1][1]   -0.00883066 
_atom_sites.fract_transf_matrix[1][2]   0.00027590 
_atom_sites.fract_transf_matrix[1][3]   0.00844226 
_atom_sites.fract_transf_matrix[2][1]   0.00653303 
_atom_sites.fract_transf_matrix[2][2]   -0.00407804 
_atom_sites.fract_transf_matrix[2][3]   0.00696687 
_atom_sites.fract_transf_matrix[3][1]   0.00495849 
_atom_sites.fract_transf_matrix[3][2]   0.01591565 
_atom_sites.fract_transf_matrix[3][3]   0.00466648 
_atom_sites.fract_transf_vector[1]      0.283745 
_atom_sites.fract_transf_vector[2]      0.293322 
_atom_sites.fract_transf_vector[3]      0.458599 
# 
loop_
_atom_type.symbol 
C 
N 
O 
S 
# 
loop_
_atom_site.group_PDB 
_atom_site.id 
_atom_site.type_symbol 
_atom_site.label_atom_id 
_atom_site.label_alt_id 
_atom_site.label_comp_id 
_atom_site.label_asym_id 
_atom_site.label_entity_id 
_atom_site.label_seq_id 
_atom_site.pdbx_PDB_ins_code 
_atom_site.Cartn_x 
_atom_site.Cartn_y 
_atom_site.Cartn_z 
_atom_site.occupancy 
_atom_site.B_iso_or_equiv 
_atom_site.pdbx_formal_charge 
_atom_site.auth_seq_id 
_atom_site.auth_comp_id 
_atom_site.auth_asym_id 
_atom_site.auth_atom_id 
_atom_site.pdbx_PDB_model_num 
ATOM   1    N N   . SER A 1 22  ? -28.380 -4.440  11.079  1.00 32.33 ? 1856 SER A N   1 
ATOM   2    C CA  . SER A 1 22  ? -28.638 -5.819  11.652  1.00 32.86 ? 1856 SER A CA  1 
ATOM   3    C C   . SER A 1 22  ? -29.458 -6.497  10.567  1.00 32.58 ? 1856 SER A C   1 
ATOM   4    O O   . SER A 1 22  ? -29.566 -5.938  9.425   1.00 33.26 ? 1856 SER A O   1 
ATOM   5    C CB  . SER A 1 22  ? -29.374 -5.714  13.004  1.00 25.26 ? 1856 SER A CB  1 
ATOM   6    O OG  . SER A 1 22  ? -30.695 -5.363  12.862  1.00 25.79 ? 1856 SER A OG  1 
ATOM   7    N N   . MET A 1 23  ? -30.070 -7.651  10.887  1.00 33.61 ? 1857 MET A N   1 
ATOM   8    C CA  . MET A 1 23  ? -30.935 -8.379  9.923   1.00 31.76 ? 1857 MET A CA  1 
ATOM   9    C C   . MET A 1 23  ? -32.069 -7.579  9.323   1.00 34.47 ? 1857 MET A C   1 
ATOM   10   O O   . MET A 1 23  ? -33.018 -7.218  10.030  1.00 31.84 ? 1857 MET A O   1 
ATOM   11   C CB  . MET A 1 23  ? -31.520 -9.660  10.542  1.00 31.77 ? 1857 MET A CB  1 
ATOM   12   C CG  . MET A 1 23  ? -32.123 -10.630 9.572   1.00 29.21 ? 1857 MET A CG  1 
ATOM   13   S SD  . MET A 1 23  ? -32.918 -12.154 10.255  1.00 31.35 ? 1857 MET A SD  1 
ATOM   14   C CE  . MET A 1 23  ? -32.078 -12.511 11.772  1.00 33.04 ? 1857 MET A CE  1 
ATOM   15   N N   . SER A 1 24  ? -32.085 -7.460  7.970   1.00 33.89 ? 1858 SER A N   1 
ATOM   16   C CA  . SER A 1 24  ? -33.130 -6.677  7.245   1.00 32.97 ? 1858 SER A CA  1 
ATOM   17   C C   . SER A 1 24  ? -33.095 -5.140  7.568   1.00 30.22 ? 1858 SER A C   1 
ATOM   18   O O   . SER A 1 24  ? -34.094 -4.416  7.412   1.00 39.76 ? 1858 SER A O   1 
ATOM   19   C CB  . SER A 1 24  ? -34.525 -7.241  7.451   1.00 33.98 ? 1858 SER A CB  1 
ATOM   20   O OG  . SER A 1 24  ? -34.554 -8.628  7.113   1.00 32.36 ? 1858 SER A OG  1 
ATOM   21   N N   . VAL A 1 25  ? -31.956 -4.688  8.037   1.00 29.73 ? 1859 VAL A N   1 
ATOM   22   C CA  . VAL A 1 25  ? -31.735 -3.261  8.433   1.00 32.48 ? 1859 VAL A CA  1 
ATOM   23   C C   . VAL A 1 25  ? -30.393 -2.818  7.948   1.00 29.84 ? 1859 VAL A C   1 
ATOM   24   O O   . VAL A 1 25  ? -29.344 -3.079  8.592   1.00 33.74 ? 1859 VAL A O   1 
ATOM   25   C CB  . VAL A 1 25  ? -31.821 -3.023  9.962   1.00 31.37 ? 1859 VAL A CB  1 
ATOM   26   C CG1 . VAL A 1 25  ? -31.634 -1.529  10.281  1.00 33.79 ? 1859 VAL A CG1 1 
ATOM   27   C CG2 . VAL A 1 25  ? -33.186 -3.479  10.466  1.00 31.41 ? 1859 VAL A CG2 1 
ATOM   28   N N   . LYS A 1 26  ? -30.388 -2.136  6.804   1.00 36.92 ? 1860 LYS A N   1 
ATOM   29   C CA  . LYS A 1 26  ? -29.124 -1.701  6.196   1.00 37.44 ? 1860 LYS A CA  1 
ATOM   30   C C   . LYS A 1 26  ? -29.057 -0.235  5.979   1.00 34.36 ? 1860 LYS A C   1 
ATOM   31   O O   . LYS A 1 26  ? -30.057 0.325   5.497   1.00 31.28 ? 1860 LYS A O   1 
ATOM   32   C CB  . LYS A 1 26  ? -28.945 -2.434  4.824   1.00 48.62 ? 1860 LYS A CB  1 
ATOM   33   C CG  . LYS A 1 26  ? -28.631 -3.936  4.993   1.00 62.47 ? 1860 LYS A CG  1 
ATOM   34   C CD  . LYS A 1 26  ? -27.339 -4.201  5.843   1.00 63.80 ? 1860 LYS A CD  1 
ATOM   35   C CE  . LYS A 1 26  ? -27.174 -5.615  6.405   1.00 64.18 ? 1860 LYS A CE  1 
ATOM   36   N NZ  . LYS A 1 26  ? -28.444 -6.364  6.585   1.00 75.18 ? 1860 LYS A NZ  1 
ATOM   37   N N   . LYS A 1 27  ? -27.889 0.345   6.267   1.00 36.71 ? 1861 LYS A N   1 
ATOM   38   C CA  . LYS A 1 27  ? -27.536 1.686   5.776   1.00 46.46 ? 1861 LYS A CA  1 
ATOM   39   C C   . LYS A 1 27  ? -27.647 1.736   4.271   1.00 44.27 ? 1861 LYS A C   1 
ATOM   40   O O   . LYS A 1 27  ? -27.472 0.715   3.597   1.00 41.96 ? 1861 LYS A O   1 
ATOM   41   C CB  . LYS A 1 27  ? -26.093 2.102   6.054   1.00 49.90 ? 1861 LYS A CB  1 
ATOM   42   C CG  . LYS A 1 27  ? -25.640 2.220   7.478   1.00 55.19 ? 1861 LYS A CG  1 
ATOM   43   C CD  . LYS A 1 27  ? -24.316 2.989   7.493   1.00 57.14 ? 1861 LYS A CD  1 
ATOM   44   C CE  . LYS A 1 27  ? -23.707 3.145   8.861   1.00 59.97 ? 1861 LYS A CE  1 
ATOM   45   N NZ  . LYS A 1 27  ? -23.559 1.798   9.464   1.00 64.57 ? 1861 LYS A NZ  1 
ATOM   46   N N   . PRO A 1 28  ? -27.917 2.923   3.722   1.00 47.08 ? 1862 PRO A N   1 
ATOM   47   C CA  . PRO A 1 28  ? -27.962 3.114   2.262   1.00 51.54 ? 1862 PRO A CA  1 
ATOM   48   C C   . PRO A 1 28  ? -26.678 2.597   1.535   1.00 47.13 ? 1862 PRO A C   1 
ATOM   49   O O   . PRO A 1 28  ? -25.570 2.804   2.080   1.00 40.59 ? 1862 PRO A O   1 
ATOM   50   C CB  . PRO A 1 28  ? -28.094 4.645   2.121   1.00 54.96 ? 1862 PRO A CB  1 
ATOM   51   C CG  . PRO A 1 28  ? -28.749 5.072   3.392   1.00 53.12 ? 1862 PRO A CG  1 
ATOM   52   C CD  . PRO A 1 28  ? -28.321 4.133   4.461   1.00 48.24 ? 1862 PRO A CD  1 
ATOM   53   N N   . LYS A 1 29  ? -26.871 1.899   0.389   1.00 48.43 ? 1863 LYS A N   1 
ATOM   54   C CA  . LYS A 1 29  ? -25.746 1.207   -0.323  1.00 63.97 ? 1863 LYS A CA  1 
ATOM   55   C C   . LYS A 1 29  ? -24.796 2.235   -1.026  1.00 58.61 ? 1863 LYS A C   1 
ATOM   56   O O   . LYS A 1 29  ? -25.156 2.773   -2.066  1.00 61.08 ? 1863 LYS A O   1 
ATOM   57   C CB  . LYS A 1 29  ? -26.234 0.096   -1.314  1.00 58.89 ? 1863 LYS A CB  1 
ATOM   58   N N   . ARG A 1 30  ? -23.654 2.540   -0.397  1.00 56.78 ? 1864 ARG A N   1 
ATOM   59   C CA  . ARG A 1 30  ? -22.477 3.147   -1.078  1.00 60.96 ? 1864 ARG A CA  1 
ATOM   60   C C   . ARG A 1 30  ? -22.052 2.436   -2.389  1.00 57.73 ? 1864 ARG A C   1 
ATOM   61   O O   . ARG A 1 30  ? -22.035 1.192   -2.516  1.00 60.30 ? 1864 ARG A O   1 
ATOM   62   C CB  . ARG A 1 30  ? -21.316 3.211   -0.128  1.00 61.35 ? 1864 ARG A CB  1 
ATOM   63   C CG  . ARG A 1 30  ? -20.181 4.055   -0.621  1.00 59.34 ? 1864 ARG A CG  1 
ATOM   64   C CD  . ARG A 1 30  ? -18.862 3.687   0.060   1.00 55.00 ? 1864 ARG A CD  1 
ATOM   65   N NE  . ARG A 1 30  ? -17.779 4.176   -0.804  1.00 54.80 ? 1864 ARG A NE  1 
ATOM   66   C CZ  . ARG A 1 30  ? -16.937 3.439   -1.536  1.00 49.49 ? 1864 ARG A CZ  1 
ATOM   67   N NH1 . ARG A 1 30  ? -16.902 2.111   -1.454  1.00 42.92 ? 1864 ARG A NH1 1 
ATOM   68   N NH2 . ARG A 1 30  ? -16.092 4.069   -2.352  1.00 45.42 ? 1864 ARG A NH2 1 
ATOM   69   N N   . ASP A 1 31  ? -21.816 3.250   -3.411  1.00 51.80 ? 1865 ASP A N   1 
ATOM   70   C CA  . ASP A 1 31  ? -21.532 2.714   -4.738  1.00 54.62 ? 1865 ASP A CA  1 
ATOM   71   C C   . ASP A 1 31  ? -20.045 2.355   -4.739  1.00 46.69 ? 1865 ASP A C   1 
ATOM   72   O O   . ASP A 1 31  ? -19.199 3.232   -4.637  1.00 43.17 ? 1865 ASP A O   1 
ATOM   73   C CB  . ASP A 1 31  ? -21.813 3.725   -5.852  1.00 53.55 ? 1865 ASP A CB  1 
ATOM   74   C CG  . ASP A 1 31  ? -21.579 3.130   -7.228  1.00 51.30 ? 1865 ASP A CG  1 
ATOM   75   O OD1 . ASP A 1 31  ? -21.450 1.894   -7.375  1.00 48.47 ? 1865 ASP A OD1 1 
ATOM   76   O OD2 . ASP A 1 31  ? -21.526 3.906   -8.168  1.00 56.13 ? 1865 ASP A OD2 1 
ATOM   77   N N   . ASP A 1 32  ? -19.772 1.066   -4.769  1.00 46.70 ? 1866 ASP A N   1 
ATOM   78   C CA  . ASP A 1 32  ? -18.395 0.561   -4.668  1.00 47.67 ? 1866 ASP A CA  1 
ATOM   79   C C   . ASP A 1 32  ? -17.920 0.014   -6.011  1.00 41.58 ? 1866 ASP A C   1 
ATOM   80   O O   . ASP A 1 32  ? -16.850 -0.564  -6.076  1.00 37.52 ? 1866 ASP A O   1 
ATOM   81   C CB  . ASP A 1 32  ? -18.328 -0.512  -3.597  1.00 42.19 ? 1866 ASP A CB  1 
ATOM   82   C CG  . ASP A 1 32  ? -19.128 -1.738  -3.965  1.00 41.83 ? 1866 ASP A CG  1 
ATOM   83   O OD1 . ASP A 1 32  ? -19.961 -1.680  -4.881  1.00 44.41 ? 1866 ASP A OD1 1 
ATOM   84   O OD2 . ASP A 1 32  ? -18.937 -2.767  -3.336  1.00 47.48 ? 1866 ASP A OD2 1 
ATOM   85   N N   . SER A 1 33  ? -18.696 0.234   -7.076  1.00 37.68 ? 1867 SER A N   1 
ATOM   86   C CA  . SER A 1 33  ? -18.469 -0.390  -8.391  1.00 38.98 ? 1867 SER A CA  1 
ATOM   87   C C   . SER A 1 33  ? -17.209 0.097   -9.129  1.00 31.48 ? 1867 SER A C   1 
ATOM   88   O O   . SER A 1 33  ? -16.694 -0.611  -10.007 1.00 37.52 ? 1867 SER A O   1 
ATOM   89   C CB  . SER A 1 33  ? -19.674 -0.135  -9.329  1.00 42.06 ? 1867 SER A CB  1 
ATOM   90   O OG  . SER A 1 33  ? -19.885 1.277   -9.474  1.00 42.15 ? 1867 SER A OG  1 
ATOM   91   N N   . LYS A 1 34  ? -16.768 1.276   -8.781  1.00 31.42 ? 1868 LYS A N   1 
ATOM   92   C CA  . LYS A 1 34  ? -15.563 1.920   -9.302  1.00 36.49 ? 1868 LYS A CA  1 
ATOM   93   C C   . LYS A 1 34  ? -14.302 1.798   -8.385  1.00 31.08 ? 1868 LYS A C   1 
ATOM   94   O O   . LYS A 1 34  ? -13.287 2.366   -8.664  1.00 33.97 ? 1868 LYS A O   1 
ATOM   95   C CB  . LYS A 1 34  ? -15.857 3.397   -9.480  1.00 37.87 ? 1868 LYS A CB  1 
ATOM   96   C CG  . LYS A 1 34  ? -16.886 3.703   -10.634 1.00 39.40 ? 1868 LYS A CG  1 
ATOM   97   C CD  . LYS A 1 34  ? -17.241 5.170   -10.602 1.00 47.36 ? 1868 LYS A CD  1 
ATOM   98   N N   . ASP A 1 35  ? -14.427 1.093   -7.299  1.00 29.83 ? 1869 ASP A N   1 
ATOM   99   C CA  . ASP A 1 35  ? -13.327 1.066   -6.276  1.00 28.53 ? 1869 ASP A CA  1 
ATOM   100  C C   . ASP A 1 35  ? -12.078 0.423   -6.888  1.00 25.03 ? 1869 ASP A C   1 
ATOM   101  O O   . ASP A 1 35  ? -10.923 0.891   -6.649  1.00 28.73 ? 1869 ASP A O   1 
ATOM   102  C CB  . ASP A 1 35  ? -13.773 0.312   -5.022  1.00 25.41 ? 1869 ASP A CB  1 
ATOM   103  C CG  . ASP A 1 35  ? -14.699 1.130   -4.138  1.00 28.17 ? 1869 ASP A CG  1 
ATOM   104  O OD1 . ASP A 1 35  ? -14.962 2.303   -4.449  1.00 27.83 ? 1869 ASP A OD1 1 
ATOM   105  O OD2 . ASP A 1 35  ? -15.150 0.591   -3.123  1.00 30.48 ? 1869 ASP A OD2 1 
ATOM   106  N N   . LEU A 1 36  ? -12.296 -0.692  -7.593  1.00 28.04 ? 1870 LEU A N   1 
ATOM   107  C CA  . LEU A 1 36  ? -11.232 -1.452  -8.253  1.00 30.45 ? 1870 LEU A CA  1 
ATOM   108  C C   . LEU A 1 36  ? -10.403 -0.602  -9.198  1.00 34.96 ? 1870 LEU A C   1 
ATOM   109  O O   . LEU A 1 36  ? -9.164  -0.560  -9.108  1.00 33.67 ? 1870 LEU A O   1 
ATOM   110  C CB  . LEU A 1 36  ? -11.773 -2.712  -8.936  1.00 33.22 ? 1870 LEU A CB  1 
ATOM   111  C CG  . LEU A 1 36  ? -10.712 -3.710  -9.474  1.00 33.10 ? 1870 LEU A CG  1 
ATOM   112  C CD1 . LEU A 1 36  ? -9.715  -4.245  -8.439  1.00 29.51 ? 1870 LEU A CD1 1 
ATOM   113  C CD2 . LEU A 1 36  ? -11.415 -4.921  -10.174 1.00 33.18 ? 1870 LEU A CD2 1 
ATOM   114  N N   . ALA A 1 37  ? -11.065 0.109   -10.099 1.00 31.53 ? 1871 ALA A N   1 
ATOM   115  C CA  . ALA A 1 37  ? -10.412 1.006   -11.014 1.00 32.45 ? 1871 ALA A CA  1 
ATOM   116  C C   . ALA A 1 37  ? -9.743  2.138   -10.314 1.00 32.80 ? 1871 ALA A C   1 
ATOM   117  O O   . ALA A 1 37  ? -8.658  2.597   -10.723 1.00 32.73 ? 1871 ALA A O   1 
ATOM   118  C CB  . ALA A 1 37  ? -11.450 1.622   -12.031 1.00 38.26 ? 1871 ALA A CB  1 
ATOM   119  N N   . LEU A 1 38  ? -10.416 2.708   -9.327  1.00 29.30 ? 1872 LEU A N   1 
ATOM   120  C CA  . LEU A 1 38  ? -9.821  3.829   -8.599  1.00 25.77 ? 1872 LEU A CA  1 
ATOM   121  C C   . LEU A 1 38  ? -8.528  3.437   -7.741  1.00 25.09 ? 1872 LEU A C   1 
ATOM   122  O O   . LEU A 1 38  ? -7.557  4.175   -7.718  1.00 25.25 ? 1872 LEU A O   1 
ATOM   123  C CB  . LEU A 1 38  ? -10.821 4.461   -7.669  1.00 29.59 ? 1872 LEU A CB  1 
ATOM   124  C CG  . LEU A 1 38  ? -11.940 5.302   -8.356  1.00 32.16 ? 1872 LEU A CG  1 
ATOM   125  C CD1 . LEU A 1 38  ? -13.143 5.471   -7.413  1.00 32.78 ? 1872 LEU A CD1 1 
ATOM   126  C CD2 . LEU A 1 38  ? -11.391 6.655   -8.745  1.00 35.42 ? 1872 LEU A CD2 1 
ATOM   127  N N   . CYS A 1 39  ? -8.589  2.274   -7.102  1.00 23.46 ? 1873 CYS A N   1 
ATOM   128  C CA  . CYS A 1 39  ? -7.392  1.762   -6.352  1.00 24.53 ? 1873 CYS A CA  1 
ATOM   129  C C   . CYS A 1 39  ? -6.232  1.510   -7.330  1.00 25.55 ? 1873 CYS A C   1 
ATOM   130  O O   . CYS A 1 39  ? -5.078  1.890   -7.024  1.00 25.63 ? 1873 CYS A O   1 
ATOM   131  C CB  . CYS A 1 39  ? -7.712  0.560   -5.543  1.00 22.72 ? 1873 CYS A CB  1 
ATOM   132  S SG  . CYS A 1 39  ? -8.738  0.854   -4.119  1.00 24.36 ? 1873 CYS A SG  1 
ATOM   133  N N   . SER A 1 40  ? -6.570  1.023   -8.535  1.00 27.65 ? 1874 SER A N   1 
ATOM   134  C CA  . SER A 1 40  ? -5.573  0.818   -9.600  1.00 28.21 ? 1874 SER A CA  1 
ATOM   135  C C   . SER A 1 40  ? -4.917  2.123   -10.021 1.00 30.93 ? 1874 SER A C   1 
ATOM   136  O O   . SER A 1 40  ? -3.704  2.194   -10.196 1.00 28.30 ? 1874 SER A O   1 
ATOM   137  C CB  . SER A 1 40  ? -6.175  0.063   -10.800 1.00 32.68 ? 1874 SER A CB  1 
ATOM   138  O OG  . SER A 1 40  ? -5.154  -0.087  -11.781 1.00 36.61 ? 1874 SER A OG  1 
ATOM   139  N N   . MET A 1 41  ? -5.704  3.196   -10.139 1.00 31.45 ? 1875 MET A N   1 
ATOM   140  C CA  . MET A 1 41  ? -5.181  4.457   -10.494 1.00 33.28 ? 1875 MET A CA  1 
ATOM   141  C C   . MET A 1 41  ? -4.273  5.008   -9.428  1.00 30.60 ? 1875 MET A C   1 
ATOM   142  O O   . MET A 1 41  ? -3.256  5.580   -9.734  1.00 29.90 ? 1875 MET A O   1 
ATOM   143  C CB  . MET A 1 41  ? -6.255  5.525   -10.742 1.00 39.75 ? 1875 MET A CB  1 
ATOM   144  C CG  . MET A 1 41  ? -6.976  5.318   -12.074 1.00 60.98 ? 1875 MET A CG  1 
ATOM   145  S SD  . MET A 1 41  ? -8.372  6.476   -12.273 1.00 70.86 ? 1875 MET A SD  1 
ATOM   146  C CE  . MET A 1 41  ? -7.628  8.054   -11.771 1.00 62.54 ? 1875 MET A CE  1 
ATOM   147  N N   . ILE A 1 42  ? -4.710  4.950   -8.182  1.00 25.83 ? 1876 ILE A N   1 
ATOM   148  C CA  . ILE A 1 42  ? -3.883  5.376   -7.098  1.00 27.51 ? 1876 ILE A CA  1 
ATOM   149  C C   . ILE A 1 42  ? -2.525  4.616   -7.101  1.00 24.86 ? 1876 ILE A C   1 
ATOM   150  O O   . ILE A 1 42  ? -1.472  5.241   -6.976  1.00 23.80 ? 1876 ILE A O   1 
ATOM   151  C CB  . ILE A 1 42  ? -4.602  5.239   -5.736  1.00 25.81 ? 1876 ILE A CB  1 
ATOM   152  C CG1 . ILE A 1 42  ? -5.771  6.252   -5.626  1.00 26.23 ? 1876 ILE A CG1 1 
ATOM   153  C CG2 . ILE A 1 42  ? -3.616  5.476   -4.605  1.00 27.13 ? 1876 ILE A CG2 1 
ATOM   154  C CD1 . ILE A 1 42  ? -6.746  5.948   -4.477  1.00 27.82 ? 1876 ILE A CD1 1 
ATOM   155  N N   . LEU A 1 43  ? -2.599  3.309   -7.279  1.00 26.89 ? 1877 LEU A N   1 
ATOM   156  C CA  . LEU A 1 43  ? -1.427  2.467   -7.280  1.00 24.61 ? 1877 LEU A CA  1 
ATOM   157  C C   . LEU A 1 43  ? -0.495  2.855   -8.392  1.00 29.04 ? 1877 LEU A C   1 
ATOM   158  O O   . LEU A 1 43  ? 0.721   2.989   -8.138  1.00 24.44 ? 1877 LEU A O   1 
ATOM   159  C CB  . LEU A 1 43  ? -1.801  0.984   -7.318  1.00 24.80 ? 1877 LEU A CB  1 
ATOM   160  C CG  . LEU A 1 43  ? -0.640  -0.023  -7.228  1.00 25.91 ? 1877 LEU A CG  1 
ATOM   161  C CD1 . LEU A 1 43  ? 0.107   0.193   -5.962  1.00 23.01 ? 1877 LEU A CD1 1 
ATOM   162  C CD2 . LEU A 1 43  ? -1.166  -1.455  -7.266  1.00 29.06 ? 1877 LEU A CD2 1 
ATOM   163  N N   . THR A 1 44  ? -1.052  3.149   -9.597  1.00 26.56 ? 1878 THR A N   1 
ATOM   164  C CA  . THR A 1 44  ? -0.251  3.652   -10.712 1.00 26.00 ? 1878 THR A CA  1 
ATOM   165  C C   . THR A 1 44  ? 0.507   4.904   -10.345 1.00 27.29 ? 1878 THR A C   1 
ATOM   166  O O   . THR A 1 44  ? 1.709   5.033   -10.638 1.00 27.72 ? 1878 THR A O   1 
ATOM   167  C CB  . THR A 1 44  ? -1.140  3.818   -11.972 1.00 29.00 ? 1878 THR A CB  1 
ATOM   168  O OG1 . THR A 1 44  ? -1.602  2.513   -12.341 1.00 29.36 ? 1878 THR A OG1 1 
ATOM   169  C CG2 . THR A 1 44  ? -0.369  4.523   -13.127 1.00 35.81 ? 1878 THR A CG2 1 
ATOM   170  N N   . GLU A 1 45  ? -0.142  5.819   -9.633  1.00 25.66 ? 1879 GLU A N   1 
ATOM   171  C CA  . GLU A 1 45  ? 0.450   7.048   -9.259  1.00 25.75 ? 1879 GLU A CA  1 
ATOM   172  C C   . GLU A 1 45  ? 1.560   6.823   -8.216  1.00 27.56 ? 1879 GLU A C   1 
ATOM   173  O O   . GLU A 1 45  ? 2.562   7.469   -8.230  1.00 25.08 ? 1879 GLU A O   1 
ATOM   174  C CB  . GLU A 1 45  ? -0.622  8.003   -8.729  1.00 29.70 ? 1879 GLU A CB  1 
ATOM   175  C CG  . GLU A 1 45  ? -1.580  8.427   -9.882  1.00 37.91 ? 1879 GLU A CG  1 
ATOM   176  C CD  . GLU A 1 45  ? -2.887  9.112   -9.439  1.00 46.84 ? 1879 GLU A CD  1 
ATOM   177  O OE1 . GLU A 1 45  ? -3.076  9.385   -8.240  1.00 45.49 ? 1879 GLU A OE1 1 
ATOM   178  O OE2 . GLU A 1 45  ? -3.775  9.311   -10.316 1.00 70.39 ? 1879 GLU A OE2 1 
ATOM   179  N N   . MET A 1 46  ? 1.353   5.847   -7.347  1.00 24.06 ? 1880 MET A N   1 
ATOM   180  C CA  . MET A 1 46  ? 2.407   5.441   -6.379  1.00 27.41 ? 1880 MET A CA  1 
ATOM   181  C C   . MET A 1 46  ? 3.587   4.807   -7.096  1.00 25.47 ? 1880 MET A C   1 
ATOM   182  O O   . MET A 1 46  ? 4.713   5.261   -6.865  1.00 24.89 ? 1880 MET A O   1 
ATOM   183  C CB  . MET A 1 46  ? 1.714   4.693   -5.213  1.00 27.23 ? 1880 MET A CB  1 
ATOM   184  C CG  . MET A 1 46  ? 1.120   5.858   -4.203  1.00 25.22 ? 1880 MET A CG  1 
ATOM   185  S SD  . MET A 1 46  ? 0.878   5.054   -2.769  1.00 47.90 ? 1880 MET A SD  1 
ATOM   186  C CE  . MET A 1 46  ? 0.026   3.524   -3.276  1.00 45.07 ? 1880 MET A CE  1 
ATOM   187  N N   . GLU A 1 47  ? 3.325   3.906   -8.046  1.00 24.40 ? 1881 GLU A N   1 
ATOM   188  C CA  . GLU A 1 47  ? 4.328   3.287   -8.879  1.00 26.94 ? 1881 GLU A CA  1 
ATOM   189  C C   . GLU A 1 47  ? 5.228   4.249   -9.633  1.00 28.22 ? 1881 GLU A C   1 
ATOM   190  O O   . GLU A 1 47  ? 6.415   3.981   -9.824  1.00 28.05 ? 1881 GLU A O   1 
ATOM   191  C CB  . GLU A 1 47  ? 3.731   2.277   -9.837  1.00 25.97 ? 1881 GLU A CB  1 
ATOM   192  C CG  . GLU A 1 47  ? 3.179   1.031   -9.187  1.00 27.12 ? 1881 GLU A CG  1 
ATOM   193  C CD  . GLU A 1 47  ? 2.235   0.223   -10.077 1.00 27.63 ? 1881 GLU A CD  1 
ATOM   194  O OE1 . GLU A 1 47  ? 1.623   0.766   -11.026 1.00 32.39 ? 1881 GLU A OE1 1 
ATOM   195  O OE2 . GLU A 1 47  ? 1.938   -0.930  -9.778  1.00 26.78 ? 1881 GLU A OE2 1 
ATOM   196  N N   . THR A 1 48  ? 4.694   5.370   -10.050 1.00 26.07 ? 1882 THR A N   1 
ATOM   197  C CA  . THR A 1 48  ? 5.395   6.257   -10.929 1.00 30.29 ? 1882 THR A CA  1 
ATOM   198  C C   . THR A 1 48  ? 6.000   7.413   -10.162 1.00 29.24 ? 1882 THR A C   1 
ATOM   199  O O   . THR A 1 48  ? 6.760   8.188   -10.744 1.00 34.36 ? 1882 THR A O   1 
ATOM   200  C CB  . THR A 1 48  ? 4.446   6.775   -12.082 1.00 31.47 ? 1882 THR A CB  1 
ATOM   201  O OG1 . THR A 1 48  ? 3.365   7.465   -11.490 1.00 33.98 ? 1882 THR A OG1 1 
ATOM   202  C CG2 . THR A 1 48  ? 3.850   5.680   -12.868 1.00 35.87 ? 1882 THR A CG2 1 
ATOM   203  N N   . HIS A 1 49  ? 5.725   7.577   -8.869  1.00 28.22 ? 1883 HIS A N   1 
ATOM   204  C CA  . HIS A 1 49  ? 6.399   8.595   -8.057  1.00 26.93 ? 1883 HIS A CA  1 
ATOM   205  C C   . HIS A 1 49  ? 7.933   8.338   -8.020  1.00 33.10 ? 1883 HIS A C   1 
ATOM   206  O O   . HIS A 1 49  ? 8.423   7.182   -7.954  1.00 27.00 ? 1883 HIS A O   1 
ATOM   207  C CB  . HIS A 1 49  ? 5.810   8.507   -6.640  1.00 29.68 ? 1883 HIS A CB  1 
ATOM   208  C CG  . HIS A 1 49  ? 6.116   9.646   -5.726  1.00 28.68 ? 1883 HIS A CG  1 
ATOM   209  N ND1 . HIS A 1 49  ? 7.390   10.012  -5.378  1.00 30.07 ? 1883 HIS A ND1 1 
ATOM   210  C CD2 . HIS A 1 49  ? 5.290   10.438  -4.985  1.00 29.92 ? 1883 HIS A CD2 1 
ATOM   211  C CE1 . HIS A 1 49  ? 7.363   10.978  -4.478  1.00 30.34 ? 1883 HIS A CE1 1 
ATOM   212  N NE2 . HIS A 1 49  ? 6.091   11.251  -4.216  1.00 30.16 ? 1883 HIS A NE2 1 
ATOM   213  N N   . GLU A 1 50  ? 8.707   9.414   -8.071  1.00 35.76 ? 1884 GLU A N   1 
ATOM   214  C CA  . GLU A 1 50  ? 10.139  9.265   -8.092  1.00 36.14 ? 1884 GLU A CA  1 
ATOM   215  C C   . GLU A 1 50  ? 10.722  8.616   -6.831  1.00 29.82 ? 1884 GLU A C   1 
ATOM   216  O O   . GLU A 1 50  ? 11.812  8.062   -6.903  1.00 30.99 ? 1884 GLU A O   1 
ATOM   217  C CB  . GLU A 1 50  ? 10.886  10.553  -8.475  1.00 42.58 ? 1884 GLU A CB  1 
ATOM   218  C CG  . GLU A 1 50  ? 10.901  11.720  -7.510  1.00 45.68 ? 1884 GLU A CG  1 
ATOM   219  C CD  . GLU A 1 50  ? 12.020  12.803  -7.852  1.00 56.36 ? 1884 GLU A CD  1 
ATOM   220  O OE1 . GLU A 1 50  ? 13.237  12.521  -7.662  1.00 55.02 ? 1884 GLU A OE1 1 
ATOM   221  O OE2 . GLU A 1 50  ? 11.703  13.949  -8.282  1.00 53.60 ? 1884 GLU A OE2 1 
ATOM   222  N N   . ASP A 1 51  ? 10.042  8.664   -5.695  1.00 24.68 ? 1885 ASP A N   1 
ATOM   223  C CA  . ASP A 1 51  ? 10.532  8.097   -4.480  1.00 24.62 ? 1885 ASP A CA  1 
ATOM   224  C C   . ASP A 1 51  ? 9.924   6.671   -4.223  1.00 20.90 ? 1885 ASP A C   1 
ATOM   225  O O   . ASP A 1 51  ? 9.974   6.195   -3.109  1.00 24.64 ? 1885 ASP A O   1 
ATOM   226  C CB  . ASP A 1 51  ? 10.197  8.913   -3.247  1.00 24.34 ? 1885 ASP A CB  1 
ATOM   227  C CG  . ASP A 1 51  ? 10.887  10.344  -3.251  1.00 29.79 ? 1885 ASP A CG  1 
ATOM   228  O OD1 . ASP A 1 51  ? 11.872  10.587  -4.002  1.00 28.24 ? 1885 ASP A OD1 1 
ATOM   229  O OD2 . ASP A 1 51  ? 10.418  11.149  -2.471  1.00 25.38 ? 1885 ASP A OD2 1 
ATOM   230  N N   . ALA A 1 52  ? 9.393   6.056   -5.235  1.00 22.01 ? 1886 ALA A N   1 
ATOM   231  C CA  . ALA A 1 52  ? 8.787   4.727   -5.132  1.00 25.09 ? 1886 ALA A CA  1 
ATOM   232  C C   . ALA A 1 52  ? 9.840   3.603   -5.123  1.00 24.17 ? 1886 ALA A C   1 
ATOM   233  O O   . ALA A 1 52  ? 9.501   2.443   -4.820  1.00 22.05 ? 1886 ALA A O   1 
ATOM   234  C CB  . ALA A 1 52  ? 7.832   4.498   -6.287  1.00 22.82 ? 1886 ALA A CB  1 
ATOM   235  N N   . TRP A 1 53  ? 11.053  3.916   -5.594  1.00 26.28 ? 1887 TRP A N   1 
ATOM   236  C CA  . TRP A 1 53  ? 12.103  2.890   -5.853  1.00 27.39 ? 1887 TRP A CA  1 
ATOM   237  C C   . TRP A 1 53  ? 12.363  1.905   -4.716  1.00 21.65 ? 1887 TRP A C   1 
ATOM   238  O O   . TRP A 1 53  ? 12.552  0.724   -5.011  1.00 27.86 ? 1887 TRP A O   1 
ATOM   239  C CB  . TRP A 1 53  ? 13.423  3.512   -6.379  1.00 27.35 ? 1887 TRP A CB  1 
ATOM   240  C CG  . TRP A 1 53  ? 14.002  4.520   -5.491  1.00 25.07 ? 1887 TRP A CG  1 
ATOM   241  C CD1 . TRP A 1 53  ? 13.750  5.869   -5.531  1.00 26.11 ? 1887 TRP A CD1 1 
ATOM   242  C CD2 . TRP A 1 53  ? 14.928  4.306   -4.401  1.00 24.97 ? 1887 TRP A CD2 1 
ATOM   243  N NE1 . TRP A 1 53  ? 14.420  6.491   -4.520  1.00 25.82 ? 1887 TRP A NE1 1 
ATOM   244  C CE2 . TRP A 1 53  ? 15.158  5.561   -3.811  1.00 26.53 ? 1887 TRP A CE2 1 
ATOM   245  C CE3 . TRP A 1 53  ? 15.558  3.168   -3.854  1.00 26.95 ? 1887 TRP A CE3 1 
ATOM   246  C CZ2 . TRP A 1 53  ? 16.016  5.731   -2.710  1.00 29.87 ? 1887 TRP A CZ2 1 
ATOM   247  C CZ3 . TRP A 1 53  ? 16.424  3.317   -2.749  1.00 24.82 ? 1887 TRP A CZ3 1 
ATOM   248  C CH2 . TRP A 1 53  ? 16.641  4.599   -2.180  1.00 27.42 ? 1887 TRP A CH2 1 
ATOM   249  N N   . PRO A 1 54  ? 12.288  2.328   -3.424  1.00 20.13 ? 1888 PRO A N   1 
ATOM   250  C CA  . PRO A 1 54  ? 12.489  1.299   -2.405  1.00 20.18 ? 1888 PRO A CA  1 
ATOM   251  C C   . PRO A 1 54  ? 11.380  0.264   -2.257  1.00 20.89 ? 1888 PRO A C   1 
ATOM   252  O O   . PRO A 1 54  ? 11.575  -0.671  -1.478  1.00 18.89 ? 1888 PRO A O   1 
ATOM   253  C CB  . PRO A 1 54  ? 12.595  2.073   -1.064  1.00 20.82 ? 1888 PRO A CB  1 
ATOM   254  C CG  . PRO A 1 54  ? 12.845  3.523   -1.481  1.00 21.51 ? 1888 PRO A CG  1 
ATOM   255  C CD  . PRO A 1 54  ? 12.111  3.657   -2.787  1.00 20.00 ? 1888 PRO A CD  1 
ATOM   256  N N   . PHE A 1 55  ? 10.260  0.520   -2.941  1.00 18.53 ? 1889 PHE A N   1 
ATOM   257  C CA  . PHE A 1 55  ? 8.954   -0.122  -2.700  1.00 19.49 ? 1889 PHE A CA  1 
ATOM   258  C C   . PHE A 1 55  ? 8.455   -0.866  -3.900  1.00 19.26 ? 1889 PHE A C   1 
ATOM   259  O O   . PHE A 1 55  ? 7.422   -1.493  -3.837  1.00 19.05 ? 1889 PHE A O   1 
ATOM   260  C CB  . PHE A 1 55  ? 7.918   0.889   -2.206  1.00 20.82 ? 1889 PHE A CB  1 
ATOM   261  C CG  . PHE A 1 55  ? 8.425   1.776   -1.084  1.00 20.73 ? 1889 PHE A CG  1 
ATOM   262  C CD1 . PHE A 1 55  ? 8.893   1.211   0.093   1.00 21.04 ? 1889 PHE A CD1 1 
ATOM   263  C CD2 . PHE A 1 55  ? 8.586   3.137   -1.266  1.00 20.46 ? 1889 PHE A CD2 1 
ATOM   264  C CE1 . PHE A 1 55  ? 9.440   1.962   1.097   1.00 21.01 ? 1889 PHE A CE1 1 
ATOM   265  C CE2 . PHE A 1 55  ? 9.141   3.906   -0.248  1.00 18.89 ? 1889 PHE A CE2 1 
ATOM   266  C CZ  . PHE A 1 55  ? 9.561   3.322   0.927   1.00 19.65 ? 1889 PHE A CZ  1 
ATOM   267  N N   . LEU A 1 56  ? 9.127   -0.809  -5.033  1.00 21.25 ? 1890 LEU A N   1 
ATOM   268  C CA  . LEU A 1 56  ? 8.572   -1.360  -6.284  1.00 23.61 ? 1890 LEU A CA  1 
ATOM   269  C C   . LEU A 1 56  ? 8.549   -2.891  -6.322  1.00 23.32 ? 1890 LEU A C   1 
ATOM   270  O O   . LEU A 1 56  ? 7.632   -3.469  -6.918  1.00 22.89 ? 1890 LEU A O   1 
ATOM   271  C CB  . LEU A 1 56  ? 9.354   -0.867  -7.475  1.00 24.38 ? 1890 LEU A CB  1 
ATOM   272  C CG  . LEU A 1 56  ? 9.217   0.642   -7.711  1.00 26.51 ? 1890 LEU A CG  1 
ATOM   273  C CD1 . LEU A 1 56  ? 10.177  1.055   -8.833  1.00 29.34 ? 1890 LEU A CD1 1 
ATOM   274  C CD2 . LEU A 1 56  ? 7.770   0.951   -8.072  1.00 29.74 ? 1890 LEU A CD2 1 
ATOM   275  N N   . LEU A 1 57  ? 9.560   -3.489  -5.687  1.00 21.13 ? 1891 LEU A N   1 
ATOM   276  C CA  . LEU A 1 57  ? 9.756   -4.931  -5.682  1.00 22.55 ? 1891 LEU A CA  1 
ATOM   277  C C   . LEU A 1 57  ? 9.922   -5.464  -4.304  1.00 22.34 ? 1891 LEU A C   1 
ATOM   278  O O   . LEU A 1 57  ? 10.322  -4.742  -3.357  1.00 21.11 ? 1891 LEU A O   1 
ATOM   279  C CB  . LEU A 1 57  ? 10.940  -5.285  -6.578  1.00 25.37 ? 1891 LEU A CB  1 
ATOM   280  C CG  . LEU A 1 57  ? 10.881  -4.905  -8.048  1.00 29.64 ? 1891 LEU A CG  1 
ATOM   281  C CD1 . LEU A 1 57  ? 12.201  -5.327  -8.748  1.00 34.42 ? 1891 LEU A CD1 1 
ATOM   282  C CD2 . LEU A 1 57  ? 9.729   -5.584  -8.724  1.00 34.10 ? 1891 LEU A CD2 1 
ATOM   283  N N   . PRO A 1 58  ? 9.616   -6.751  -4.103  1.00 25.14 ? 1892 PRO A N   1 
ATOM   284  C CA  . PRO A 1 58  ? 9.886   -7.314  -2.768  1.00 23.95 ? 1892 PRO A CA  1 
ATOM   285  C C   . PRO A 1 58  ? 11.360  -7.173  -2.324  1.00 23.77 ? 1892 PRO A C   1 
ATOM   286  O O   . PRO A 1 58  ? 12.274  -7.176  -3.173  1.00 25.33 ? 1892 PRO A O   1 
ATOM   287  C CB  . PRO A 1 58  ? 9.569   -8.787  -2.898  1.00 24.54 ? 1892 PRO A CB  1 
ATOM   288  C CG  . PRO A 1 58  ? 8.953   -8.983  -4.210  1.00 26.87 ? 1892 PRO A CG  1 
ATOM   289  C CD  . PRO A 1 58  ? 9.124   -7.757  -5.060  1.00 25.11 ? 1892 PRO A CD  1 
ATOM   290  N N   . VAL A 1 59  ? 11.550  -6.849  -1.056  1.00 21.12 ? 1893 VAL A N   1 
ATOM   291  C CA  . VAL A 1 59  ? 12.926  -6.864  -0.443  1.00 23.79 ? 1893 VAL A CA  1 
ATOM   292  C C   . VAL A 1 59  ? 13.512  -8.239  -0.631  1.00 25.48 ? 1893 VAL A C   1 
ATOM   293  O O   . VAL A 1 59  ? 12.772  -9.213  -0.484  1.00 24.55 ? 1893 VAL A O   1 
ATOM   294  C CB  . VAL A 1 59  ? 12.925  -6.468  0.996   1.00 24.16 ? 1893 VAL A CB  1 
ATOM   295  C CG1 . VAL A 1 59  ? 14.341  -6.571  1.672   1.00 27.02 ? 1893 VAL A CG1 1 
ATOM   296  C CG2 . VAL A 1 59  ? 12.465  -4.998  1.112   1.00 25.01 ? 1893 VAL A CG2 1 
ATOM   297  N N   . ASN A 1 60  ? 14.787  -8.283  -1.060  1.00 30.53 ? 1894 ASN A N   1 
ATOM   298  C CA  . ASN A 1 60  ? 15.409  -9.583  -1.373  1.00 34.96 ? 1894 ASN A CA  1 
ATOM   299  C C   . ASN A 1 60  ? 15.867  -10.200 -0.021  1.00 31.14 ? 1894 ASN A C   1 
ATOM   300  O O   . ASN A 1 60  ? 16.791  -9.715  0.610   1.00 32.79 ? 1894 ASN A O   1 
ATOM   301  C CB  . ASN A 1 60  ? 16.594  -9.422  -2.360  1.00 35.43 ? 1894 ASN A CB  1 
ATOM   302  C CG  . ASN A 1 60  ? 17.228  -10.760 -2.735  1.00 39.81 ? 1894 ASN A CG  1 
ATOM   303  O OD1 . ASN A 1 60  ? 17.152  -11.765 -1.972  1.00 39.26 ? 1894 ASN A OD1 1 
ATOM   304  N ND2 . ASN A 1 60  ? 17.814  -10.813 -3.921  1.00 41.19 ? 1894 ASN A ND2 1 
ATOM   305  N N   . LEU A 1 61  ? 15.122  -11.182 0.421   1.00 29.21 ? 1895 LEU A N   1 
ATOM   306  C CA  . LEU A 1 61  ? 15.309  -11.781 1.733   1.00 32.35 ? 1895 LEU A CA  1 
ATOM   307  C C   . LEU A 1 61  ? 16.570  -12.587 1.874   1.00 40.08 ? 1895 LEU A C   1 
ATOM   308  O O   . LEU A 1 61  ? 16.995  -12.861 3.008   1.00 40.59 ? 1895 LEU A O   1 
ATOM   309  C CB  . LEU A 1 61  ? 14.116  -12.644 2.097   1.00 33.71 ? 1895 LEU A CB  1 
ATOM   310  C CG  . LEU A 1 61  ? 12.726  -11.964 2.172   1.00 36.23 ? 1895 LEU A CG  1 
ATOM   311  C CD1 . LEU A 1 61  ? 11.612  -12.967 2.522   1.00 39.37 ? 1895 LEU A CD1 1 
ATOM   312  C CD2 . LEU A 1 61  ? 12.736  -10.814 3.173   1.00 30.97 ? 1895 LEU A CD2 1 
ATOM   313  N N   . LYS A 1 62  ? 17.160  -12.991 0.749   1.00 46.56 ? 1896 LYS A N   1 
ATOM   314  C CA  . LYS A 1 62  ? 18.486  -13.620 0.758   1.00 54.66 ? 1896 LYS A CA  1 
ATOM   315  C C   . LYS A 1 62  ? 19.559  -12.579 0.930   1.00 50.30 ? 1896 LYS A C   1 
ATOM   316  O O   . LYS A 1 62  ? 20.578  -12.884 1.509   1.00 50.78 ? 1896 LYS A O   1 
ATOM   317  C CB  . LYS A 1 62  ? 18.824  -14.393 -0.538  1.00 55.19 ? 1896 LYS A CB  1 
ATOM   318  C CG  . LYS A 1 62  ? 17.879  -15.493 -0.963  1.00 64.10 ? 1896 LYS A CG  1 
ATOM   319  C CD  . LYS A 1 62  ? 18.195  -15.863 -2.427  1.00 77.53 ? 1896 LYS A CD  1 
ATOM   320  C CE  . LYS A 1 62  ? 17.137  -16.747 -3.082  1.00 81.23 ? 1896 LYS A CE  1 
ATOM   321  N NZ  . LYS A 1 62  ? 16.912  -17.996 -2.304  1.00 80.55 ? 1896 LYS A NZ  1 
ATOM   322  N N   . LEU A 1 63  ? 19.369  -11.373 0.405   1.00 39.03 ? 1897 LEU A N   1 
ATOM   323  C CA  . LEU A 1 63  ? 20.452  -10.406 0.373   1.00 40.07 ? 1897 LEU A CA  1 
ATOM   324  C C   . LEU A 1 63  ? 20.361  -9.318  1.380   1.00 38.86 ? 1897 LEU A C   1 
ATOM   325  O O   . LEU A 1 63  ? 21.269  -8.489  1.424   1.00 42.04 ? 1897 LEU A O   1 
ATOM   326  C CB  . LEU A 1 63  ? 20.596  -9.792  -1.016  1.00 42.74 ? 1897 LEU A CB  1 
ATOM   327  C CG  . LEU A 1 63  ? 20.771  -10.857 -2.151  1.00 52.81 ? 1897 LEU A CG  1 
ATOM   328  C CD1 . LEU A 1 63  ? 20.918  -10.112 -3.470  1.00 50.40 ? 1897 LEU A CD1 1 
ATOM   329  C CD2 . LEU A 1 63  ? 21.913  -11.879 -1.952  1.00 51.82 ? 1897 LEU A CD2 1 
ATOM   330  N N   . VAL A 1 64  ? 19.308  -9.281  2.210   1.00 35.70 ? 1898 VAL A N   1 
ATOM   331  C CA  . VAL A 1 64  ? 19.182  -8.215  3.182   1.00 29.42 ? 1898 VAL A CA  1 
ATOM   332  C C   . VAL A 1 64  ? 19.080  -8.828  4.533   1.00 36.13 ? 1898 VAL A C   1 
ATOM   333  O O   . VAL A 1 64  ? 18.017  -9.306  4.963   1.00 34.66 ? 1898 VAL A O   1 
ATOM   334  C CB  . VAL A 1 64  ? 17.997  -7.266  2.908   1.00 36.16 ? 1898 VAL A CB  1 
ATOM   335  C CG1 . VAL A 1 64  ? 17.875  -6.183  3.976   1.00 32.20 ? 1898 VAL A CG1 1 
ATOM   336  C CG2 . VAL A 1 64  ? 18.165  -6.632  1.531   1.00 38.39 ? 1898 VAL A CG2 1 
ATOM   337  N N   . PRO A 1 65  ? 20.245  -8.870  5.228   1.00 43.60 ? 1899 PRO A N   1 
ATOM   338  C CA  . PRO A 1 65  ? 20.296  -9.368  6.595   1.00 40.41 ? 1899 PRO A CA  1 
ATOM   339  C C   . PRO A 1 65  ? 19.259  -8.773  7.510   1.00 29.41 ? 1899 PRO A C   1 
ATOM   340  O O   . PRO A 1 65  ? 19.047  -7.543  7.555   1.00 34.29 ? 1899 PRO A O   1 
ATOM   341  C CB  . PRO A 1 65  ? 21.756  -8.982  7.064   1.00 47.93 ? 1899 PRO A CB  1 
ATOM   342  C CG  . PRO A 1 65  ? 22.568  -9.013  5.800   1.00 50.74 ? 1899 PRO A CG  1 
ATOM   343  C CD  . PRO A 1 65  ? 21.609  -8.702  4.648   1.00 43.45 ? 1899 PRO A CD  1 
ATOM   344  N N   . GLY A 1 66  ? 18.611  -9.624  8.258   1.00 27.41 ? 1900 GLY A N   1 
ATOM   345  C CA  . GLY A 1 66  ? 17.649  -9.179  9.275   1.00 28.39 ? 1900 GLY A CA  1 
ATOM   346  C C   . GLY A 1 66  ? 16.200  -9.103  8.782   1.00 28.39 ? 1900 GLY A C   1 
ATOM   347  O O   . GLY A 1 66  ? 15.262  -9.281  9.585   1.00 31.19 ? 1900 GLY A O   1 
ATOM   348  N N   . TYR A 1 67  ? 16.020  -8.884  7.462   1.00 29.00 ? 1901 TYR A N   1 
ATOM   349  C CA  . TYR A 1 67  ? 14.636  -8.563  6.951   1.00 29.26 ? 1901 TYR A CA  1 
ATOM   350  C C   . TYR A 1 67  ? 13.647  -9.640  7.196   1.00 28.11 ? 1901 TYR A C   1 
ATOM   351  O O   . TYR A 1 67  ? 12.518  -9.372  7.711   1.00 27.94 ? 1901 TYR A O   1 
ATOM   352  C CB  . TYR A 1 67  ? 14.631  -8.184  5.454   1.00 29.46 ? 1901 TYR A CB  1 
ATOM   353  C CG  . TYR A 1 67  ? 13.508  -7.174  5.193   1.00 28.48 ? 1901 TYR A CG  1 
ATOM   354  C CD1 . TYR A 1 67  ? 13.684  -5.803  5.427   1.00 28.36 ? 1901 TYR A CD1 1 
ATOM   355  C CD2 . TYR A 1 67  ? 12.266  -7.599  4.742   1.00 28.39 ? 1901 TYR A CD2 1 
ATOM   356  C CE1 . TYR A 1 67  ? 12.636  -4.896  5.157   1.00 28.46 ? 1901 TYR A CE1 1 
ATOM   357  C CE2 . TYR A 1 67  ? 11.206  -6.693  4.499   1.00 30.84 ? 1901 TYR A CE2 1 
ATOM   358  C CZ  . TYR A 1 67  ? 11.388  -5.351  4.696   1.00 30.37 ? 1901 TYR A CZ  1 
ATOM   359  O OH  . TYR A 1 67  ? 10.326  -4.487  4.468   1.00 25.14 ? 1901 TYR A OH  1 
ATOM   360  N N   . LYS A 1 68  ? 14.075  -10.873 6.884   1.00 31.96 ? 1902 LYS A N   1 
ATOM   361  C CA  . LYS A 1 68  ? 13.172  -12.015 6.992   1.00 33.20 ? 1902 LYS A CA  1 
ATOM   362  C C   . LYS A 1 68  ? 12.656  -12.218 8.415   1.00 31.39 ? 1902 LYS A C   1 
ATOM   363  O O   . LYS A 1 68  ? 11.442  -12.387 8.693   1.00 28.98 ? 1902 LYS A O   1 
ATOM   364  C CB  . LYS A 1 68  ? 13.867  -13.278 6.428   1.00 35.33 ? 1902 LYS A CB  1 
ATOM   365  C CG  . LYS A 1 68  ? 12.925  -14.502 6.317   1.00 41.13 ? 1902 LYS A CG  1 
ATOM   366  C CD  . LYS A 1 68  ? 13.559  -15.629 5.487   1.00 49.16 ? 1902 LYS A CD  1 
ATOM   367  C CE  . LYS A 1 68  ? 12.545  -16.610 4.903   1.00 58.06 ? 1902 LYS A CE  1 
ATOM   368  N NZ  . LYS A 1 68  ? 11.819  -17.347 5.956   1.00 58.49 ? 1902 LYS A NZ  1 
ATOM   369  N N   . LYS A 1 69  ? 13.585  -12.160 9.361   1.00 30.99 ? 1903 LYS A N   1 
ATOM   370  C CA  . LYS A 1 69  ? 13.211  -12.389 10.779  1.00 30.25 ? 1903 LYS A CA  1 
ATOM   371  C C   . LYS A 1 69  ? 12.437  -11.253 11.370  1.00 26.63 ? 1903 LYS A C   1 
ATOM   372  O O   . LYS A 1 69  ? 11.586  -11.384 12.261  1.00 32.02 ? 1903 LYS A O   1 
ATOM   373  C CB  . LYS A 1 69  ? 14.544  -12.600 11.629  1.00 32.54 ? 1903 LYS A CB  1 
ATOM   374  C CG  . LYS A 1 69  ? 14.310  -12.961 13.095  1.00 30.59 ? 1903 LYS A CG  1 
ATOM   375  C CD  . LYS A 1 69  ? 13.532  -14.255 13.228  1.00 31.70 ? 1903 LYS A CD  1 
ATOM   376  C CE  . LYS A 1 69  ? 13.321  -14.653 14.685  1.00 33.24 ? 1903 LYS A CE  1 
ATOM   377  N NZ  . LYS A 1 69  ? 14.522  -15.342 15.136  1.00 34.19 ? 1903 LYS A NZ  1 
ATOM   378  N N   . VAL A 1 70  ? 12.818  -10.044 10.989  1.00 26.77 ? 1904 VAL A N   1 
ATOM   379  C CA  . VAL A 1 70  ? 12.208  -8.887  11.633  1.00 24.99 ? 1904 VAL A CA  1 
ATOM   380  C C   . VAL A 1 70  ? 10.865  -8.503  11.054  1.00 26.10 ? 1904 VAL A C   1 
ATOM   381  O O   . VAL A 1 70  ? 9.959   -8.112  11.799  1.00 26.45 ? 1904 VAL A O   1 
ATOM   382  C CB  . VAL A 1 70  ? 13.172  -7.670  11.519  1.00 27.14 ? 1904 VAL A CB  1 
ATOM   383  C CG1 . VAL A 1 70  ? 12.515  -6.381  11.982  1.00 27.58 ? 1904 VAL A CG1 1 
ATOM   384  C CG2 . VAL A 1 70  ? 14.439  -7.983  12.364  1.00 29.95 ? 1904 VAL A CG2 1 
ATOM   385  N N   . ILE A 1 71  ? 10.712  -8.580  9.736   1.00 27.56 ? 1905 ILE A N   1 
ATOM   386  C CA  . ILE A 1 71  ? 9.439   -8.026  9.098   1.00 27.67 ? 1905 ILE A CA  1 
ATOM   387  C C   . ILE A 1 71  ? 8.534   -9.199  8.843   1.00 26.19 ? 1905 ILE A C   1 
ATOM   388  O O   . ILE A 1 71  ? 8.787   -9.979  7.955   1.00 26.35 ? 1905 ILE A O   1 
ATOM   389  C CB  . ILE A 1 71  ? 9.795   -7.288  7.774   1.00 30.21 ? 1905 ILE A CB  1 
ATOM   390  C CG1 . ILE A 1 71  ? 10.752  -6.131  8.089   1.00 28.58 ? 1905 ILE A CG1 1 
ATOM   391  C CG2 . ILE A 1 71  ? 8.504   -6.823  7.027   1.00 27.87 ? 1905 ILE A CG2 1 
ATOM   392  C CD1 . ILE A 1 71  ? 10.115  -5.073  8.945   1.00 27.50 ? 1905 ILE A CD1 1 
ATOM   393  N N   . LYS A 1 72  ? 7.541   -9.357  9.676   1.00 26.58 ? 1906 LYS A N   1 
ATOM   394  C CA  . LYS A 1 72  ? 6.775   -10.573 9.657   1.00 33.87 ? 1906 LYS A CA  1 
ATOM   395  C C   . LYS A 1 72  ? 5.886   -10.658 8.363   1.00 35.33 ? 1906 LYS A C   1 
ATOM   396  O O   . LYS A 1 72  ? 5.618   -11.753 7.866   1.00 28.82 ? 1906 LYS A O   1 
ATOM   397  C CB  . LYS A 1 72  ? 5.878   -10.619 10.931  1.00 38.49 ? 1906 LYS A CB  1 
ATOM   398  C CG  . LYS A 1 72  ? 6.672   -10.545 12.263  1.00 44.69 ? 1906 LYS A CG  1 
ATOM   399  C CD  . LYS A 1 72  ? 7.769   -11.606 12.294  1.00 44.10 ? 1906 LYS A CD  1 
ATOM   400  C CE  . LYS A 1 72  ? 8.614   -11.519 13.550  1.00 52.73 ? 1906 LYS A CE  1 
ATOM   401  N NZ  . LYS A 1 72  ? 9.507   -12.729 13.592  1.00 51.85 ? 1906 LYS A NZ  1 
ATOM   402  N N   . LYS A 1 73  ? 5.481   -9.500  7.831   1.00 25.48 ? 1907 LYS A N   1 
ATOM   403  C CA  . LYS A 1 73  ? 4.653   -9.483  6.647   1.00 26.42 ? 1907 LYS A CA  1 
ATOM   404  C C   . LYS A 1 73  ? 5.180   -8.503  5.612   1.00 23.22 ? 1907 LYS A C   1 
ATOM   405  O O   . LYS A 1 73  ? 4.781   -7.344  5.634   1.00 23.06 ? 1907 LYS A O   1 
ATOM   406  C CB  . LYS A 1 73  ? 3.310   -9.028  7.117   1.00 29.99 ? 1907 LYS A CB  1 
ATOM   407  C CG  . LYS A 1 73  ? 2.573   -10.135 7.911   1.00 39.77 ? 1907 LYS A CG  1 
ATOM   408  C CD  . LYS A 1 73  ? 1.254   -9.642  8.492   1.00 51.33 ? 1907 LYS A CD  1 
ATOM   409  C CE  . LYS A 1 73  ? 0.208   -9.430  7.383   1.00 59.58 ? 1907 LYS A CE  1 
ATOM   410  N NZ  . LYS A 1 73  ? -1.136  -9.083  7.932   1.00 66.26 ? 1907 LYS A NZ  1 
ATOM   411  N N   . PRO A 1 74  ? 6.073   -8.959  4.756   1.00 22.63 ? 1908 PRO A N   1 
ATOM   412  C CA  . PRO A 1 74  ? 6.678   -8.088  3.744   1.00 21.99 ? 1908 PRO A CA  1 
ATOM   413  C C   . PRO A 1 74  ? 5.607   -7.703  2.757   1.00 24.16 ? 1908 PRO A C   1 
ATOM   414  O O   . PRO A 1 74  ? 4.662   -8.501  2.507   1.00 20.55 ? 1908 PRO A O   1 
ATOM   415  C CB  . PRO A 1 74  ? 7.707   -8.961  3.057   1.00 20.63 ? 1908 PRO A CB  1 
ATOM   416  C CG  . PRO A 1 74  ? 8.033   -10.062 4.052   1.00 23.68 ? 1908 PRO A CG  1 
ATOM   417  C CD  . PRO A 1 74  ? 6.885   -10.156 5.018   1.00 26.53 ? 1908 PRO A CD  1 
ATOM   418  N N   . MET A 1 75  ? 5.696   -6.459  2.276   1.00 19.55 ? 1909 MET A N   1 
ATOM   419  C CA  . MET A 1 75  ? 4.710   -6.000  1.249   1.00 18.11 ? 1909 MET A CA  1 
ATOM   420  C C   . MET A 1 75  ? 5.418   -4.992  0.377   1.00 21.94 ? 1909 MET A C   1 
ATOM   421  O O   . MET A 1 75  ? 6.349   -4.284  0.872   1.00 19.31 ? 1909 MET A O   1 
ATOM   422  C CB  . MET A 1 75  ? 3.426   -5.502  1.905   1.00 17.79 ? 1909 MET A CB  1 
ATOM   423  C CG  . MET A 1 75  ? 2.326   -5.186  0.909   1.00 20.52 ? 1909 MET A CG  1 
ATOM   424  S SD  . MET A 1 75  ? 1.879   -6.575  -0.227  1.00 22.36 ? 1909 MET A SD  1 
ATOM   425  C CE  . MET A 1 75  ? 1.541   -7.855  0.954   1.00 21.71 ? 1909 MET A CE  1 
ATOM   426  N N   . ASP A 1 76  ? 5.030   -4.926  -0.894  1.00 17.29 ? 1910 ASP A N   1 
ATOM   427  C CA  . ASP A 1 76  ? 5.638   -4.026  -1.862  1.00 17.92 ? 1910 ASP A CA  1 
ATOM   428  C C   . ASP A 1 76  ? 4.587   -3.731  -2.948  1.00 20.26 ? 1910 ASP A C   1 
ATOM   429  O O   . ASP A 1 76  ? 3.588   -4.473  -3.058  1.00 20.42 ? 1910 ASP A O   1 
ATOM   430  C CB  . ASP A 1 76  ? 6.901   -4.540  -2.513  1.00 19.36 ? 1910 ASP A CB  1 
ATOM   431  C CG  . ASP A 1 76  ? 6.616   -5.773  -3.416  1.00 20.86 ? 1910 ASP A CG  1 
ATOM   432  O OD1 . ASP A 1 76  ? 6.381   -6.890  -2.841  1.00 21.13 ? 1910 ASP A OD1 1 
ATOM   433  O OD2 . ASP A 1 76  ? 6.580   -5.549  -4.614  1.00 22.66 ? 1910 ASP A OD2 1 
ATOM   434  N N   . PHE A 1 77  ? 4.842   -2.720  -3.790  1.00 17.76 ? 1911 PHE A N   1 
ATOM   435  C CA  . PHE A 1 77  ? 3.872   -2.297  -4.782  1.00 18.22 ? 1911 PHE A CA  1 
ATOM   436  C C   . PHE A 1 77  ? 3.571   -3.370  -5.823  1.00 19.95 ? 1911 PHE A C   1 
ATOM   437  O O   . PHE A 1 77  ? 2.399   -3.498  -6.197  1.00 21.87 ? 1911 PHE A O   1 
ATOM   438  C CB  . PHE A 1 77  ? 4.305   -1.026  -5.469  1.00 19.37 ? 1911 PHE A CB  1 
ATOM   439  C CG  . PHE A 1 77  ? 4.386   0.221   -4.546  1.00 19.94 ? 1911 PHE A CG  1 
ATOM   440  C CD1 . PHE A 1 77  ? 3.768   0.284   -3.290  1.00 18.98 ? 1911 PHE A CD1 1 
ATOM   441  C CD2 . PHE A 1 77  ? 4.995   1.354   -5.010  1.00 22.14 ? 1911 PHE A CD2 1 
ATOM   442  C CE1 . PHE A 1 77  ? 3.851   1.447   -2.497  1.00 20.46 ? 1911 PHE A CE1 1 
ATOM   443  C CE2 . PHE A 1 77  ? 5.109   2.499   -4.213  1.00 20.71 ? 1911 PHE A CE2 1 
ATOM   444  C CZ  . PHE A 1 77  ? 4.538   2.520   -2.963  1.00 19.35 ? 1911 PHE A CZ  1 
ATOM   445  N N   . SER A 1 78  ? 4.572   -4.146  -6.249  1.00 22.44 ? 1912 SER A N   1 
ATOM   446  C CA  . SER A 1 78  ? 4.360   -5.190  -7.271  1.00 23.65 ? 1912 SER A CA  1 
ATOM   447  C C   . SER A 1 78  ? 3.455   -6.307  -6.761  1.00 23.32 ? 1912 SER A C   1 
ATOM   448  O O   . SER A 1 78  ? 2.639   -6.796  -7.542  1.00 22.56 ? 1912 SER A O   1 
ATOM   449  C CB  . SER A 1 78  ? 5.679   -5.750  -7.844  1.00 23.84 ? 1912 SER A CB  1 
ATOM   450  O OG  . SER A 1 78  ? 6.233   -6.656  -6.862  1.00 23.47 ? 1912 SER A OG  1 
ATOM   451  N N   . THR A 1 79  ? 3.572   -6.667  -5.475  1.00 21.82 ? 1913 THR A N   1 
ATOM   452  C CA  . THR A 1 79  ? 2.781   -7.655  -4.828  1.00 22.26 ? 1913 THR A CA  1 
ATOM   453  C C   . THR A 1 79  ? 1.365   -7.122  -4.648  1.00 25.74 ? 1913 THR A C   1 
ATOM   454  O O   . THR A 1 79  ? 0.350   -7.833  -4.930  1.00 25.26 ? 1913 THR A O   1 
ATOM   455  C CB  . THR A 1 79  ? 3.394   -8.065  -3.495  1.00 23.53 ? 1913 THR A CB  1 
ATOM   456  O OG1 . THR A 1 79  ? 4.715   -8.609  -3.726  1.00 21.25 ? 1913 THR A OG1 1 
ATOM   457  C CG2 . THR A 1 79  ? 2.505   -9.109  -2.784  1.00 25.08 ? 1913 THR A CG2 1 
ATOM   458  N N   . ILE A 1 80  ? 1.243   -5.855  -4.275  1.00 22.10 ? 1914 ILE A N   1 
ATOM   459  C CA  . ILE A 1 80  ? -0.102  -5.235  -4.230  1.00 20.81 ? 1914 ILE A CA  1 
ATOM   460  C C   . ILE A 1 80  ? -0.756  -5.246  -5.608  1.00 23.09 ? 1914 ILE A C   1 
ATOM   461  O O   . ILE A 1 80  ? -1.969  -5.497  -5.714  1.00 23.57 ? 1914 ILE A O   1 
ATOM   462  C CB  . ILE A 1 80  ? -0.062  -3.777  -3.688  1.00 22.08 ? 1914 ILE A CB  1 
ATOM   463  C CG1 . ILE A 1 80  ? 0.433   -3.766  -2.243  1.00 17.90 ? 1914 ILE A CG1 1 
ATOM   464  C CG2 . ILE A 1 80  ? -1.394  -3.089  -3.801  1.00 20.78 ? 1914 ILE A CG2 1 
ATOM   465  C CD1 . ILE A 1 80  ? 0.816   -2.405  -1.655  1.00 18.90 ? 1914 ILE A CD1 1 
ATOM   466  N N   . ARG A 1 81  ? 0.008   -4.904  -6.646  1.00 21.84 ? 1915 ARG A N   1 
ATOM   467  C CA  . ARG A 1 81  ? -0.520  -4.897  -7.998  1.00 25.40 ? 1915 ARG A CA  1 
ATOM   468  C C   . ARG A 1 81  ? -1.020  -6.285  -8.427  1.00 25.16 ? 1915 ARG A C   1 
ATOM   469  O O   . ARG A 1 81  ? -2.141  -6.394  -8.965  1.00 24.83 ? 1915 ARG A O   1 
ATOM   470  C CB  . ARG A 1 81  ? 0.509   -4.348  -8.951  1.00 25.84 ? 1915 ARG A CB  1 
ATOM   471  C CG  . ARG A 1 81  ? 0.262   -4.476  -10.446 1.00 29.14 ? 1915 ARG A CG  1 
ATOM   472  C CD  . ARG A 1 81  ? -0.845  -3.554  -10.898 1.00 26.95 ? 1915 ARG A CD  1 
ATOM   473  N NE  . ARG A 1 81  ? -0.521  -2.143  -10.912 1.00 27.89 ? 1915 ARG A NE  1 
ATOM   474  C CZ  . ARG A 1 81  ? -1.437  -1.178  -10.973 1.00 28.73 ? 1915 ARG A CZ  1 
ATOM   475  N NH1 . ARG A 1 81  ? -2.725  -1.451  -11.097 1.00 34.29 ? 1915 ARG A NH1 1 
ATOM   476  N NH2 . ARG A 1 81  ? -1.096  0.057   -10.958 1.00 30.04 ? 1915 ARG A NH2 1 
ATOM   477  N N   . GLU A 1 82  ? -0.273  -7.333  -8.108  1.00 22.70 ? 1916 GLU A N   1 
ATOM   478  C CA  . GLU A 1 82  ? -0.665  -8.688  -8.445  1.00 26.35 ? 1916 GLU A CA  1 
ATOM   479  C C   . GLU A 1 82  ? -1.933  -9.116  -7.671  1.00 29.97 ? 1916 GLU A C   1 
ATOM   480  O O   . GLU A 1 82  ? -2.876  -9.755  -8.227  1.00 29.60 ? 1916 GLU A O   1 
ATOM   481  C CB  . GLU A 1 82  ? 0.474   -9.634  -8.110  1.00 28.13 ? 1916 GLU A CB  1 
ATOM   482  C CG  . GLU A 1 82  ? 0.251   -11.077 -8.544  1.00 32.82 ? 1916 GLU A CG  1 
ATOM   483  C CD  . GLU A 1 82  ? -0.053  -11.272 -10.042 1.00 37.51 ? 1916 GLU A CD  1 
ATOM   484  O OE1 . GLU A 1 82  ? 0.532   -10.558 -10.858 1.00 37.52 ? 1916 GLU A OE1 1 
ATOM   485  O OE2 . GLU A 1 82  ? -0.928  -12.165 -10.362 1.00 47.26 ? 1916 GLU A OE2 1 
ATOM   486  N N   . LYS A 1 83  ? -1.979  -8.772  -6.380  1.00 26.84 ? 1917 LYS A N   1 
ATOM   487  C CA  . LYS A 1 83  ? -3.161  -9.083  -5.567  1.00 23.97 ? 1917 LYS A CA  1 
ATOM   488  C C   . LYS A 1 83  ? -4.424  -8.326  -6.119  1.00 27.96 ? 1917 LYS A C   1 
ATOM   489  O O   . LYS A 1 83  ? -5.571  -8.867  -6.192  1.00 26.98 ? 1917 LYS A O   1 
ATOM   490  C CB  . LYS A 1 83  ? -2.879  -8.679  -4.156  1.00 26.22 ? 1917 LYS A CB  1 
ATOM   491  C CG  . LYS A 1 83  ? -1.974  -9.664  -3.422  1.00 22.68 ? 1917 LYS A CG  1 
ATOM   492  C CD  . LYS A 1 83  ? -1.721  -9.316  -2.003  1.00 22.26 ? 1917 LYS A CD  1 
ATOM   493  C CE  . LYS A 1 83  ? -2.925  -9.397  -1.151  1.00 23.44 ? 1917 LYS A CE  1 
ATOM   494  N NZ  . LYS A 1 83  ? -2.448  -9.275  0.196   1.00 23.64 ? 1917 LYS A NZ  1 
ATOM   495  N N   . LEU A 1 84  ? -4.234  -7.070  -6.469  1.00 23.69 ? 1918 LEU A N   1 
ATOM   496  C CA  . LEU A 1 84  ? -5.296  -6.257  -7.026  1.00 28.81 ? 1918 LEU A CA  1 
ATOM   497  C C   . LEU A 1 84  ? -5.868  -6.855  -8.346  1.00 28.76 ? 1918 LEU A C   1 
ATOM   498  O O   . LEU A 1 84  ? -7.046  -7.032  -8.437  1.00 34.26 ? 1918 LEU A O   1 
ATOM   499  C CB  . LEU A 1 84  ? -4.846  -4.822  -7.268  1.00 25.65 ? 1918 LEU A CB  1 
ATOM   500  C CG  . LEU A 1 84  ? -5.915  -3.704  -7.542  1.00 24.13 ? 1918 LEU A CG  1 
ATOM   501  C CD1 . LEU A 1 84  ? -6.917  -3.596  -6.408  1.00 23.87 ? 1918 LEU A CD1 1 
ATOM   502  C CD2 . LEU A 1 84  ? -5.360  -2.327  -7.764  1.00 26.95 ? 1918 LEU A CD2 1 
ATOM   503  N N   . SER A 1 85  ? -4.985  -7.094  -9.316  1.00 27.67 ? 1919 SER A N   1 
ATOM   504  C CA  . SER A 1 85  ? -5.296  -7.684  -10.565 1.00 28.21 ? 1919 SER A CA  1 
ATOM   505  C C   . SER A 1 85  ? -5.933  -9.064  -10.541 1.00 28.30 ? 1919 SER A C   1 
ATOM   506  O O   . SER A 1 85  ? -6.417  -9.524  -11.578 1.00 30.25 ? 1919 SER A O   1 
ATOM   507  C CB  . SER A 1 85  ? -4.003  -7.681  -11.434 1.00 29.43 ? 1919 SER A CB  1 
ATOM   508  O OG  . SER A 1 85  ? -3.606  -6.348  -11.679 1.00 34.11 ? 1919 SER A OG  1 
ATOM   509  N N   . SER A 1 86  ? -5.884  -9.781  -9.440  1.00 25.54 ? 1920 SER A N   1 
ATOM   510  C CA  . SER A 1 86  ? -6.293  -11.153 -9.363  1.00 25.22 ? 1920 SER A CA  1 
ATOM   511  C C   . SER A 1 86  ? -7.391  -11.319 -8.340  1.00 20.99 ? 1920 SER A C   1 
ATOM   512  O O   . SER A 1 86  ? -7.649  -12.443 -7.831  1.00 25.56 ? 1920 SER A O   1 
ATOM   513  C CB  . SER A 1 86  ? -5.077  -11.988 -9.047  1.00 27.90 ? 1920 SER A CB  1 
ATOM   514  O OG  . SER A 1 86  ? -4.472  -11.671 -7.806  1.00 26.14 ? 1920 SER A OG  1 
ATOM   515  N N   . GLY A 1 87  ? -8.059  -10.195 -7.996  1.00 23.60 ? 1921 GLY A N   1 
ATOM   516  C CA  . GLY A 1 87  ? -9.216  -10.243 -7.051  1.00 20.73 ? 1921 GLY A CA  1 
ATOM   517  C C   . GLY A 1 87  ? -8.943  -10.753 -5.716  1.00 24.45 ? 1921 GLY A C   1 
ATOM   518  O O   . GLY A 1 87  ? -9.813  -11.355 -4.995  1.00 22.34 ? 1921 GLY A O   1 
ATOM   519  N N   . GLN A 1 88  ? -7.759  -10.428 -5.211  1.00 22.55 ? 1922 GLN A N   1 
ATOM   520  C CA  . GLN A 1 88  ? -7.432  -10.846 -3.841  1.00 24.83 ? 1922 GLN A CA  1 
ATOM   521  C C   . GLN A 1 88  ? -7.683  -9.763  -2.751  1.00 24.81 ? 1922 GLN A C   1 
ATOM   522  O O   . GLN A 1 88  ? -7.475  -10.022 -1.549  1.00 24.98 ? 1922 GLN A O   1 
ATOM   523  C CB  . GLN A 1 88  ? -5.964  -11.293 -3.792  1.00 28.14 ? 1922 GLN A CB  1 
ATOM   524  C CG  . GLN A 1 88  ? -5.716  -12.557 -4.612  1.00 28.12 ? 1922 GLN A CG  1 
ATOM   525  C CD  . GLN A 1 88  ? -4.294  -13.028 -4.426  1.00 31.16 ? 1922 GLN A CD  1 
ATOM   526  O OE1 . GLN A 1 88  ? -3.903  -13.379 -3.323  1.00 37.75 ? 1922 GLN A OE1 1 
ATOM   527  N NE2 . GLN A 1 88  ? -3.515  -12.962 -5.461  1.00 29.60 ? 1922 GLN A NE2 1 
ATOM   528  N N   . TYR A 1 89  ? -8.124  -8.583  -3.168  1.00 23.81 ? 1923 TYR A N   1 
ATOM   529  C CA  . TYR A 1 89  ? -8.653  -7.577  -2.211  1.00 21.35 ? 1923 TYR A CA  1 
ATOM   530  C C   . TYR A 1 89  ? -10.198 -7.645  -2.158  1.00 25.64 ? 1923 TYR A C   1 
ATOM   531  O O   . TYR A 1 89  ? -10.871 -7.242  -3.147  1.00 24.62 ? 1923 TYR A O   1 
ATOM   532  C CB  . TYR A 1 89  ? -8.201  -6.138  -2.579  1.00 22.67 ? 1923 TYR A CB  1 
ATOM   533  C CG  . TYR A 1 89  ? -6.666  -5.984  -2.311  1.00 19.53 ? 1923 TYR A CG  1 
ATOM   534  C CD1 . TYR A 1 89  ? -6.114  -6.221  -1.057  1.00 24.02 ? 1923 TYR A CD1 1 
ATOM   535  C CD2 . TYR A 1 89  ? -5.808  -5.718  -3.358  1.00 21.13 ? 1923 TYR A CD2 1 
ATOM   536  C CE1 . TYR A 1 89  ? -4.717  -6.130  -0.848  1.00 23.85 ? 1923 TYR A CE1 1 
ATOM   537  C CE2 . TYR A 1 89  ? -4.437  -5.616  -3.164  1.00 21.61 ? 1923 TYR A CE2 1 
ATOM   538  C CZ  . TYR A 1 89  ? -3.909  -5.835  -1.908  1.00 20.68 ? 1923 TYR A CZ  1 
ATOM   539  O OH  . TYR A 1 89  ? -2.569  -5.797  -1.781  1.00 21.55 ? 1923 TYR A OH  1 
ATOM   540  N N   . PRO A 1 90  ? -10.741 -8.047  -1.019  1.00 25.61 ? 1924 PRO A N   1 
ATOM   541  C CA  . PRO A 1 90  ? -12.184 -8.067  -0.903  1.00 31.03 ? 1924 PRO A CA  1 
ATOM   542  C C   . PRO A 1 90  ? -12.822 -6.715  -0.881  1.00 34.52 ? 1924 PRO A C   1 
ATOM   543  O O   . PRO A 1 90  ? -13.966 -6.634  -1.236  1.00 30.88 ? 1924 PRO A O   1 
ATOM   544  C CB  . PRO A 1 90  ? -12.444 -8.746  0.455   1.00 32.35 ? 1924 PRO A CB  1 
ATOM   545  C CG  . PRO A 1 90  ? -11.160 -8.975  1.078   1.00 36.18 ? 1924 PRO A CG  1 
ATOM   546  C CD  . PRO A 1 90  ? -10.065 -8.759  0.088   1.00 31.19 ? 1924 PRO A CD  1 
ATOM   547  N N   . ASN A 1 91  ? -12.120 -5.654  -0.459  1.00 26.57 ? 1925 ASN A N   1 
ATOM   548  C CA  . ASN A 1 91  ? -12.726 -4.350  -0.460  1.00 27.76 ? 1925 ASN A CA  1 
ATOM   549  C C   . ASN A 1 91  ? -11.602 -3.279  -0.421  1.00 27.80 ? 1925 ASN A C   1 
ATOM   550  O O   . ASN A 1 91  ? -10.405 -3.607  -0.305  1.00 22.79 ? 1925 ASN A O   1 
ATOM   551  C CB  . ASN A 1 91  ? -13.641 -4.244  0.760   1.00 28.18 ? 1925 ASN A CB  1 
ATOM   552  C CG  . ASN A 1 91  ? -12.908 -4.510  2.052   1.00 31.71 ? 1925 ASN A CG  1 
ATOM   553  O OD1 . ASN A 1 91  ? -11.901 -3.878  2.361   1.00 30.29 ? 1925 ASN A OD1 1 
ATOM   554  N ND2 . ASN A 1 91  ? -13.408 -5.445  2.817   1.00 31.35 ? 1925 ASN A ND2 1 
ATOM   555  N N   A LEU A 1 92  ? -12.024 -2.015  -0.517  0.34 27.93 ? 1926 LEU A N   1 
ATOM   556  N N   B LEU A 1 92  ? -11.970 -2.017  -0.562  0.66 28.05 ? 1926 LEU A N   1 
ATOM   557  C CA  A LEU A 1 92  ? -11.145 -0.834  -0.416  0.34 28.31 ? 1926 LEU A CA  1 
ATOM   558  C CA  B LEU A 1 92  ? -10.941 -0.978  -0.629  0.66 27.65 ? 1926 LEU A CA  1 
ATOM   559  C C   A LEU A 1 92  ? -10.160 -0.916  0.718   0.34 27.56 ? 1926 LEU A C   1 
ATOM   560  C C   B LEU A 1 92  ? -10.142 -0.849  0.722   0.66 26.89 ? 1926 LEU A C   1 
ATOM   561  O O   A LEU A 1 92  ? -8.965  -0.689  0.566   0.34 27.07 ? 1926 LEU A O   1 
ATOM   562  O O   B LEU A 1 92  ? -8.983  -0.434  0.694   0.66 27.93 ? 1926 LEU A O   1 
ATOM   563  C CB  A LEU A 1 92  ? -11.981 0.414   -0.119  0.34 29.46 ? 1926 LEU A CB  1 
ATOM   564  C CB  B LEU A 1 92  ? -11.527 0.366   -1.140  0.66 29.08 ? 1926 LEU A CB  1 
ATOM   565  C CG  A LEU A 1 92  ? -12.560 1.086   -1.349  0.34 28.12 ? 1926 LEU A CG  1 
ATOM   566  C CG  B LEU A 1 92  ? -12.167 1.282   -0.102  0.66 31.08 ? 1926 LEU A CG  1 
ATOM   567  C CD1 A LEU A 1 92  ? -13.353 2.319   -0.946  0.34 30.26 ? 1926 LEU A CD1 1 
ATOM   568  C CD1 B LEU A 1 92  ? -12.446 2.623   -0.765  0.66 31.42 ? 1926 LEU A CD1 1 
ATOM   569  C CD2 A LEU A 1 92  ? -11.432 1.456   -2.272  0.34 29.00 ? 1926 LEU A CD2 1 
ATOM   570  C CD2 B LEU A 1 92  ? -13.450 0.654   0.454   0.66 29.50 ? 1926 LEU A CD2 1 
ATOM   571  N N   . GLU A 1 93  ? -10.702 -1.216  1.872   1.00 29.12 ? 1927 GLU A N   1 
ATOM   572  C CA  . GLU A 1 93  ? -9.952  -1.153  3.109   1.00 31.92 ? 1927 GLU A CA  1 
ATOM   573  C C   . GLU A 1 93  ? -8.778  -2.161  3.176   1.00 33.55 ? 1927 GLU A C   1 
ATOM   574  O O   . GLU A 1 93  ? -7.727  -1.868  3.759   1.00 24.72 ? 1927 GLU A O   1 
ATOM   575  C CB  . GLU A 1 93  ? -10.877 -1.319  4.339   1.00 37.41 ? 1927 GLU A CB  1 
ATOM   576  C CG  . GLU A 1 93  ? -11.968 -0.227  4.442   1.00 46.61 ? 1927 GLU A CG  1 
ATOM   577  C CD  . GLU A 1 93  ? -11.486 1.264   4.253   1.00 51.61 ? 1927 GLU A CD  1 
ATOM   578  O OE1 . GLU A 1 93  ? -10.286 1.648   4.566   1.00 47.85 ? 1927 GLU A OE1 1 
ATOM   579  O OE2 . GLU A 1 93  ? -12.343 2.084   3.798   1.00 47.76 ? 1927 GLU A OE2 1 
ATOM   580  N N   . THR A 1 94  ? -8.954  -3.345  2.586   1.00 25.30 ? 1928 THR A N   1 
ATOM   581  C CA  . THR A 1 94  ? -7.916  -4.328  2.667   1.00 24.46 ? 1928 THR A CA  1 
ATOM   582  C C   . THR A 1 94  ? -6.820  -3.841  1.746   1.00 23.46 ? 1928 THR A C   1 
ATOM   583  O O   . THR A 1 94  ? -5.680  -4.140  1.985   1.00 22.91 ? 1928 THR A O   1 
ATOM   584  C CB  . THR A 1 94  ? -8.405  -5.740  2.258   1.00 24.33 ? 1928 THR A CB  1 
ATOM   585  O OG1 . THR A 1 94  ? -9.002  -5.692  0.960   1.00 24.03 ? 1928 THR A OG1 1 
ATOM   586  C CG2 . THR A 1 94  ? -9.476  -6.207  3.242   1.00 28.37 ? 1928 THR A CG2 1 
ATOM   587  N N   . PHE A 1 95  ? -7.168  -3.097  0.689   1.00 19.84 ? 1929 PHE A N   1 
ATOM   588  C CA  . PHE A 1 95  ? -6.137  -2.533  -0.211  1.00 19.52 ? 1929 PHE A CA  1 
ATOM   589  C C   . PHE A 1 95  ? -5.277  -1.501  0.553   1.00 20.76 ? 1929 PHE A C   1 
ATOM   590  O O   . PHE A 1 95  ? -4.040  -1.573  0.500   1.00 21.36 ? 1929 PHE A O   1 
ATOM   591  C CB  . PHE A 1 95  ? -6.776  -1.942  -1.441  1.00 18.83 ? 1929 PHE A CB  1 
ATOM   592  C CG  . PHE A 1 95  ? -5.869  -1.101  -2.294  1.00 17.46 ? 1929 PHE A CG  1 
ATOM   593  C CD1 . PHE A 1 95  ? -5.002  -1.688  -3.163  1.00 17.39 ? 1929 PHE A CD1 1 
ATOM   594  C CD2 . PHE A 1 95  ? -5.897  0.264   -2.185  1.00 19.57 ? 1929 PHE A CD2 1 
ATOM   595  C CE1 . PHE A 1 95  ? -4.165  -0.919  -3.908  1.00 20.55 ? 1929 PHE A CE1 1 
ATOM   596  C CE2 . PHE A 1 95  ? -5.067  1.036   -2.949  1.00 21.01 ? 1929 PHE A CE2 1 
ATOM   597  C CZ  . PHE A 1 95  ? -4.188  0.460   -3.830  1.00 21.61 ? 1929 PHE A CZ  1 
ATOM   598  N N   . ALA A 1 96  ? -5.941  -0.601  1.272   1.00 22.85 ? 1930 ALA A N   1 
ATOM   599  C CA  . ALA A 1 96  ? -5.242  0.480   2.040   1.00 21.62 ? 1930 ALA A CA  1 
ATOM   600  C C   . ALA A 1 96  ? -4.344  -0.142  3.120   1.00 19.95 ? 1930 ALA A C   1 
ATOM   601  O O   . ALA A 1 96  ? -3.279  0.375   3.402   1.00 19.95 ? 1930 ALA A O   1 
ATOM   602  C CB  . ALA A 1 96  ? -6.258  1.474   2.621   1.00 23.76 ? 1930 ALA A CB  1 
ATOM   603  N N   . LEU A 1 97  ? -4.798  -1.220  3.744   1.00 19.99 ? 1931 LEU A N   1 
ATOM   604  C CA  . LEU A 1 97  ? -4.020  -1.901  4.753   1.00 23.39 ? 1931 LEU A CA  1 
ATOM   605  C C   . LEU A 1 97  ? -2.655  -2.388  4.207   1.00 25.47 ? 1931 LEU A C   1 
ATOM   606  O O   . LEU A 1 97  ? -1.662  -2.254  4.883   1.00 22.53 ? 1931 LEU A O   1 
ATOM   607  C CB  . LEU A 1 97  ? -4.767  -3.057  5.387   1.00 27.37 ? 1931 LEU A CB  1 
ATOM   608  C CG  . LEU A 1 97  ? -5.866  -2.670  6.392   1.00 32.61 ? 1931 LEU A CG  1 
ATOM   609  C CD1 . LEU A 1 97  ? -6.718  -3.922  6.741   1.00 39.12 ? 1931 LEU A CD1 1 
ATOM   610  C CD2 . LEU A 1 97  ? -5.269  -2.008  7.650   1.00 40.38 ? 1931 LEU A CD2 1 
ATOM   611  N N   . ASP A 1 98  ? -2.655  -2.991  3.034   1.00 21.99 ? 1932 ASP A N   1 
ATOM   612  C CA  . ASP A 1 98  ? -1.417  -3.422  2.383   1.00 20.11 ? 1932 ASP A CA  1 
ATOM   613  C C   . ASP A 1 98  ? -0.520  -2.246  1.982   1.00 17.86 ? 1932 ASP A C   1 
ATOM   614  O O   . ASP A 1 98  ? 0.668   -2.344  2.147   1.00 18.23 ? 1932 ASP A O   1 
ATOM   615  C CB  . ASP A 1 98  ? -1.678  -4.300  1.154   1.00 20.88 ? 1932 ASP A CB  1 
ATOM   616  C CG  . ASP A 1 98  ? -1.694  -5.813  1.464   1.00 23.35 ? 1932 ASP A CG  1 
ATOM   617  O OD1 . ASP A 1 98  ? -1.328  -6.188  2.601   1.00 22.19 ? 1932 ASP A OD1 1 
ATOM   618  O OD2 . ASP A 1 98  ? -1.930  -6.637  0.515   1.00 21.77 ? 1932 ASP A OD2 1 
ATOM   619  N N   . VAL A 1 99  ? -1.092  -1.152  1.414   1.00 17.81 ? 1933 VAL A N   1 
ATOM   620  C CA  . VAL A 1 99  ? -0.270  0.003   1.102   1.00 16.45 ? 1933 VAL A CA  1 
ATOM   621  C C   . VAL A 1 99  ? 0.392   0.501   2.408   1.00 18.47 ? 1933 VAL A C   1 
ATOM   622  O O   . VAL A 1 99  ? 1.556   0.789   2.443   1.00 19.34 ? 1933 VAL A O   1 
ATOM   623  C CB  . VAL A 1 99  ? -1.100  1.121   0.472   1.00 17.31 ? 1933 VAL A CB  1 
ATOM   624  C CG1 . VAL A 1 99  ? -0.280  2.339   0.181   1.00 19.02 ? 1933 VAL A CG1 1 
ATOM   625  C CG2 . VAL A 1 99  ? -1.685  0.653   -0.832  1.00 21.16 ? 1933 VAL A CG2 1 
ATOM   626  N N   . ARG A 1 100 ? -0.394  0.663   3.478   1.00 19.66 ? 1934 ARG A N   1 
ATOM   627  C CA  . ARG A 1 100 ? 0.137   1.204   4.744   1.00 20.71 ? 1934 ARG A CA  1 
ATOM   628  C C   . ARG A 1 100 ? 1.207   0.246   5.322   1.00 22.16 ? 1934 ARG A C   1 
ATOM   629  O O   . ARG A 1 100 ? 2.210   0.720   5.871   1.00 19.97 ? 1934 ARG A O   1 
ATOM   630  C CB  . ARG A 1 100 ? -0.996  1.409   5.758   1.00 20.73 ? 1934 ARG A CB  1 
ATOM   631  C CG  . ARG A 1 100 ? -1.869  2.580   5.341   1.00 21.13 ? 1934 ARG A CG  1 
ATOM   632  C CD  . ARG A 1 100 ? -3.171  2.710   6.130   1.00 24.23 ? 1934 ARG A CD  1 
ATOM   633  N NE  . ARG A 1 100 ? -3.951  3.825   5.569   1.00 27.70 ? 1934 ARG A NE  1 
ATOM   634  C CZ  . ARG A 1 100 ? -5.268  3.911   5.554   1.00 27.95 ? 1934 ARG A CZ  1 
ATOM   635  N NH1 . ARG A 1 100 ? -6.042  2.940   6.077   1.00 25.38 ? 1934 ARG A NH1 1 
ATOM   636  N NH2 . ARG A 1 100 ? -5.802  4.937   4.936   1.00 31.61 ? 1934 ARG A NH2 1 
ATOM   637  N N   . LEU A 1 101 ? 1.013   -1.065  5.145   1.00 20.80 ? 1935 LEU A N   1 
ATOM   638  C CA  . LEU A 1 101 ? 1.954   -2.063  5.561   1.00 19.40 ? 1935 LEU A CA  1 
ATOM   639  C C   . LEU A 1 101 ? 3.322   -1.835  4.926   1.00 20.62 ? 1935 LEU A C   1 
ATOM   640  O O   . LEU A 1 101 ? 4.328   -1.979  5.598   1.00 19.43 ? 1935 LEU A O   1 
ATOM   641  C CB  . LEU A 1 101 ? 1.429   -3.486  5.290   1.00 21.39 ? 1935 LEU A CB  1 
ATOM   642  C CG  . LEU A 1 101 ? 2.333   -4.664  5.575   1.00 21.35 ? 1935 LEU A CG  1 
ATOM   643  C CD1 . LEU A 1 101 ? 2.650   -4.749  7.117   1.00 23.62 ? 1935 LEU A CD1 1 
ATOM   644  C CD2 . LEU A 1 101 ? 1.630   -5.922  5.055   1.00 21.59 ? 1935 LEU A CD2 1 
ATOM   645  N N   . VAL A 1 102 ? 3.349   -1.420  3.663   1.00 18.24 ? 1936 VAL A N   1 
ATOM   646  C CA  . VAL A 1 102 ? 4.587   -1.114  2.950   1.00 18.19 ? 1936 VAL A CA  1 
ATOM   647  C C   . VAL A 1 102 ? 5.347   -0.019  3.771   1.00 21.13 ? 1936 VAL A C   1 
ATOM   648  O O   . VAL A 1 102 ? 6.546   -0.132  4.040   1.00 20.77 ? 1936 VAL A O   1 
ATOM   649  C CB  . VAL A 1 102 ? 4.329   -0.587  1.567   1.00 19.34 ? 1936 VAL A CB  1 
ATOM   650  C CG1 . VAL A 1 102 ? 5.618   -0.072  0.867   1.00 21.12 ? 1936 VAL A CG1 1 
ATOM   651  C CG2 . VAL A 1 102 ? 3.696   -1.666  0.687   1.00 19.39 ? 1936 VAL A CG2 1 
ATOM   652  N N   . PHE A 1 103 ? 4.619   0.993   4.204   1.00 20.15 ? 1937 PHE A N   1 
ATOM   653  C CA  . PHE A 1 103 ? 5.285   2.114   4.905   1.00 19.81 ? 1937 PHE A CA  1 
ATOM   654  C C   . PHE A 1 103 ? 5.605   1.854   6.350   1.00 22.48 ? 1937 PHE A C   1 
ATOM   655  O O   . PHE A 1 103 ? 6.646   2.300   6.832   1.00 23.57 ? 1937 PHE A O   1 
ATOM   656  C CB  . PHE A 1 103 ? 4.474   3.394   4.721   1.00 22.93 ? 1937 PHE A CB  1 
ATOM   657  C CG  . PHE A 1 103 ? 4.205   3.698   3.289   1.00 18.75 ? 1937 PHE A CG  1 
ATOM   658  C CD1 . PHE A 1 103 ? 5.245   3.604   2.318   1.00 18.81 ? 1937 PHE A CD1 1 
ATOM   659  C CD2 . PHE A 1 103 ? 2.938   3.897   2.867   1.00 20.73 ? 1937 PHE A CD2 1 
ATOM   660  C CE1 . PHE A 1 103 ? 4.989   3.753   0.995   1.00 23.42 ? 1937 PHE A CE1 1 
ATOM   661  C CE2 . PHE A 1 103 ? 2.650   4.114   1.517   1.00 21.30 ? 1937 PHE A CE2 1 
ATOM   662  C CZ  . PHE A 1 103 ? 3.696   4.027   0.545   1.00 19.55 ? 1937 PHE A CZ  1 
ATOM   663  N N   . ASP A 1 104 ? 4.760   1.110   7.025   1.00 21.72 ? 1938 ASP A N   1 
ATOM   664  C CA  . ASP A 1 104 ? 5.026   0.606   8.354   1.00 26.17 ? 1938 ASP A CA  1 
ATOM   665  C C   . ASP A 1 104 ? 6.184   -0.295  8.415   1.00 25.92 ? 1938 ASP A C   1 
ATOM   666  O O   . ASP A 1 104 ? 7.070   -0.095  9.271   1.00 24.71 ? 1938 ASP A O   1 
ATOM   667  C CB  . ASP A 1 104 ? 3.804   -0.083  8.955   1.00 24.87 ? 1938 ASP A CB  1 
ATOM   668  C CG  . ASP A 1 104 ? 2.664   0.838   9.174   1.00 25.93 ? 1938 ASP A CG  1 
ATOM   669  O OD1 . ASP A 1 104 ? 2.821   2.089   9.132   1.00 24.95 ? 1938 ASP A OD1 1 
ATOM   670  O OD2 . ASP A 1 104 ? 1.522   0.283   9.424   1.00 25.72 ? 1938 ASP A OD2 1 
ATOM   671  N N   . ASN A 1 105 ? 6.297   -1.220  7.466   1.00 24.13 ? 1939 ASN A N   1 
ATOM   672  C CA  . ASN A 1 105 ? 7.552   -2.004  7.318   1.00 25.65 ? 1939 ASN A CA  1 
ATOM   673  C C   . ASN A 1 105 ? 8.763   -1.147  7.137   1.00 27.72 ? 1939 ASN A C   1 
ATOM   674  O O   . ASN A 1 105 ? 9.814   -1.408  7.751   1.00 23.67 ? 1939 ASN A O   1 
ATOM   675  C CB  . ASN A 1 105 ? 7.496   -3.017  6.195   1.00 21.66 ? 1939 ASN A CB  1 
ATOM   676  C CG  . ASN A 1 105 ? 6.521   -4.164  6.487   1.00 21.86 ? 1939 ASN A CG  1 
ATOM   677  O OD1 . ASN A 1 105 ? 6.078   -4.343  7.613   1.00 21.36 ? 1939 ASN A OD1 1 
ATOM   678  N ND2 . ASN A 1 105 ? 6.164   -4.935  5.440   1.00 20.83 ? 1939 ASN A ND2 1 
ATOM   679  N N   . CYS A 1 106 ? 8.651   -0.168  6.254   1.00 22.02 ? 1940 CYS A N   1 
ATOM   680  C CA  . CYS A 1 106 ? 9.793   0.692   5.933   1.00 22.41 ? 1940 CYS A CA  1 
ATOM   681  C C   . CYS A 1 106 ? 10.280  1.403   7.226   1.00 23.23 ? 1940 CYS A C   1 
ATOM   682  O O   . CYS A 1 106 ? 11.476  1.489   7.458   1.00 25.66 ? 1940 CYS A O   1 
ATOM   683  C CB  . CYS A 1 106 ? 9.354   1.745   4.931   1.00 21.25 ? 1940 CYS A CB  1 
ATOM   684  S SG  . CYS A 1 106 ? 10.676  2.903   4.439   1.00 22.26 ? 1940 CYS A SG  1 
ATOM   685  N N   . GLU A 1 107 ? 9.343   1.885   8.031   1.00 23.90 ? 1941 GLU A N   1 
ATOM   686  C CA  . GLU A 1 107 ? 9.685   2.606   9.258   1.00 29.65 ? 1941 GLU A CA  1 
ATOM   687  C C   . GLU A 1 107 ? 10.299  1.664   10.302  1.00 30.89 ? 1941 GLU A C   1 
ATOM   688  O O   . GLU A 1 107 ? 11.195  2.058   11.056  1.00 30.21 ? 1941 GLU A O   1 
ATOM   689  C CB  . GLU A 1 107 ? 8.472   3.254   9.898   1.00 29.83 ? 1941 GLU A CB  1 
ATOM   690  C CG  . GLU A 1 107 ? 8.034   4.540   9.324   1.00 34.85 ? 1941 GLU A CG  1 
ATOM   691  C CD  . GLU A 1 107 ? 7.108   5.324   10.234  1.00 39.79 ? 1941 GLU A CD  1 
ATOM   692  O OE1 . GLU A 1 107 ? 7.488   5.515   11.417  1.00 39.79 ? 1941 GLU A OE1 1 
ATOM   693  O OE2 . GLU A 1 107 ? 6.033   5.768   9.749   1.00 39.48 ? 1941 GLU A OE2 1 
ATOM   694  N N   . THR A 1 108 ? 9.779   0.444   10.379  1.00 25.40 ? 1942 THR A N   1 
ATOM   695  C CA  . THR A 1 108 ? 10.352  -0.569  11.203  1.00 27.78 ? 1942 THR A CA  1 
ATOM   696  C C   . THR A 1 108 ? 11.867  -0.860  10.894  1.00 30.13 ? 1942 THR A C   1 
ATOM   697  O O   . THR A 1 108 ? 12.637  -1.094  11.800  1.00 32.26 ? 1942 THR A O   1 
ATOM   698  C CB  . THR A 1 108 ? 9.564   -1.890  11.183  1.00 27.08 ? 1942 THR A CB  1 
ATOM   699  O OG1 . THR A 1 108 ? 8.302   -1.650  11.755  1.00 27.40 ? 1942 THR A OG1 1 
ATOM   700  C CG2 . THR A 1 108 ? 10.252  -2.996  12.124  1.00 31.13 ? 1942 THR A CG2 1 
ATOM   701  N N   . PHE A 1 109 ? 12.278  -0.844  9.650   1.00 29.36 ? 1943 PHE A N   1 
ATOM   702  C CA  . PHE A 1 109 ? 13.615  -1.238  9.309   1.00 28.15 ? 1943 PHE A CA  1 
ATOM   703  C C   . PHE A 1 109 ? 14.613  -0.142  8.982   1.00 29.73 ? 1943 PHE A C   1 
ATOM   704  O O   . PHE A 1 109 ? 15.824  -0.473  8.824   1.00 30.48 ? 1943 PHE A O   1 
ATOM   705  C CB  . PHE A 1 109 ? 13.544  -2.215  8.108   1.00 27.22 ? 1943 PHE A CB  1 
ATOM   706  C CG  . PHE A 1 109 ? 14.640  -3.231  8.046   1.00 24.11 ? 1943 PHE A CG  1 
ATOM   707  C CD1 . PHE A 1 109 ? 14.600  -4.380  8.836   1.00 27.77 ? 1943 PHE A CD1 1 
ATOM   708  C CD2 . PHE A 1 109 ? 15.671  -3.107  7.110   1.00 26.03 ? 1943 PHE A CD2 1 
ATOM   709  C CE1 . PHE A 1 109 ? 15.606  -5.350  8.760   1.00 26.72 ? 1943 PHE A CE1 1 
ATOM   710  C CE2 . PHE A 1 109 ? 16.656  -4.083  7.003   1.00 31.39 ? 1943 PHE A CE2 1 
ATOM   711  C CZ  . PHE A 1 109 ? 16.630  -5.209  7.817   1.00 27.29 ? 1943 PHE A CZ  1 
ATOM   712  N N   . ASN A 1 110 ? 14.131  1.090   8.736   1.00 26.23 ? 1944 ASN A N   1 
ATOM   713  C CA  . ASN A 1 110 ? 14.972  2.134   8.217   1.00 28.24 ? 1944 ASN A CA  1 
ATOM   714  C C   . ASN A 1 110 ? 14.899  3.357   9.146   1.00 29.94 ? 1944 ASN A C   1 
ATOM   715  O O   . ASN A 1 110 ? 13.822  3.710   9.705   1.00 27.95 ? 1944 ASN A O   1 
ATOM   716  C CB  . ASN A 1 110 ? 14.577  2.559   6.845   1.00 26.15 ? 1944 ASN A CB  1 
ATOM   717  C CG  . ASN A 1 110 ? 14.743  1.457   5.827   1.00 27.46 ? 1944 ASN A CG  1 
ATOM   718  O OD1 . ASN A 1 110 ? 15.723  1.418   5.094   1.00 28.55 ? 1944 ASN A OD1 1 
ATOM   719  N ND2 . ASN A 1 110 ? 13.657  0.681   5.630   1.00 26.86 ? 1944 ASN A ND2 1 
ATOM   720  N N   . GLU A 1 111 ? 16.066  3.918   9.367   1.00 29.70 ? 1945 GLU A N   1 
ATOM   721  C CA  . GLU A 1 111 ? 16.156  5.154   10.115  1.00 30.83 ? 1945 GLU A CA  1 
ATOM   722  C C   . GLU A 1 111 ? 15.374  6.251   9.333   1.00 28.33 ? 1945 GLU A C   1 
ATOM   723  O O   . GLU A 1 111 ? 15.487  6.364   8.070   1.00 27.21 ? 1945 GLU A O   1 
ATOM   724  C CB  A GLU A 1 111 ? 17.644  5.542   10.265  0.47 31.37 ? 1945 GLU A CB  1 
ATOM   725  C CB  B GLU A 1 111 ? 17.634  5.569   10.369  0.53 30.50 ? 1945 GLU A CB  1 
ATOM   726  C CG  A GLU A 1 111 ? 18.482  4.521   11.030  0.47 34.35 ? 1945 GLU A CG  1 
ATOM   727  C CG  B GLU A 1 111 ? 18.295  4.911   11.595  0.53 33.47 ? 1945 GLU A CG  1 
ATOM   728  C CD  A GLU A 1 111 ? 19.950  4.856   11.010  0.47 39.29 ? 1945 GLU A CD  1 
ATOM   729  C CD  B GLU A 1 111 ? 17.663  5.276   12.942  0.53 35.83 ? 1945 GLU A CD  1 
ATOM   730  O OE1 A GLU A 1 111 ? 20.254  6.000   11.337  0.47 37.34 ? 1945 GLU A OE1 1 
ATOM   731  O OE1 B GLU A 1 111 ? 16.953  6.286   13.062  0.53 39.72 ? 1945 GLU A OE1 1 
ATOM   732  O OE2 A GLU A 1 111 ? 20.793  3.991   10.689  0.47 41.24 ? 1945 GLU A OE2 1 
ATOM   733  O OE2 B GLU A 1 111 ? 17.882  4.555   13.907  0.53 40.26 ? 1945 GLU A OE2 1 
ATOM   734  N N   . ASP A 1 112 ? 14.646  7.079   10.091  1.00 31.73 ? 1946 ASP A N   1 
ATOM   735  C CA  . ASP A 1 112 ? 13.986  8.299   9.530   1.00 34.39 ? 1946 ASP A CA  1 
ATOM   736  C C   . ASP A 1 112 ? 14.959  9.149   8.705   1.00 32.98 ? 1946 ASP A C   1 
ATOM   737  O O   . ASP A 1 112 ? 14.635  9.648   7.624   1.00 35.88 ? 1946 ASP A O   1 
ATOM   738  C CB  . ASP A 1 112 ? 13.311  9.150   10.607  1.00 34.70 ? 1946 ASP A CB  1 
ATOM   739  C CG  . ASP A 1 112 ? 12.124  8.485   11.243  1.00 42.16 ? 1946 ASP A CG  1 
ATOM   740  O OD1 . ASP A 1 112 ? 11.541  7.509   10.707  1.00 44.44 ? 1946 ASP A OD1 1 
ATOM   741  O OD2 . ASP A 1 112 ? 11.728  8.928   12.322  1.00 43.16 ? 1946 ASP A OD2 1 
ATOM   742  N N   . ASP A 1 113 ? 16.186  9.301   9.193   1.00 35.29 ? 1947 ASP A N   1 
ATOM   743  C CA  . ASP A 1 113 ? 17.183  10.119  8.515   1.00 35.86 ? 1947 ASP A CA  1 
ATOM   744  C C   . ASP A 1 113 ? 18.054  9.237   7.590   1.00 40.08 ? 1947 ASP A C   1 
ATOM   745  O O   . ASP A 1 113 ? 19.260  8.986   7.848   1.00 44.11 ? 1947 ASP A O   1 
ATOM   746  C CB  . ASP A 1 113 ? 18.029  10.821  9.628   1.00 42.08 ? 1947 ASP A CB  1 
ATOM   747  C CG  . ASP A 1 113 ? 19.083  11.778  9.072   1.00 53.13 ? 1947 ASP A CG  1 
ATOM   748  O OD1 . ASP A 1 113 ? 19.065  12.174  7.857   1.00 44.76 ? 1947 ASP A OD1 1 
ATOM   749  O OD2 . ASP A 1 113 ? 19.975  12.141  9.886   1.00 68.32 ? 1947 ASP A OD2 1 
ATOM   750  N N   . SER A 1 114 ? 17.432  8.700   6.560   1.00 40.14 ? 1948 SER A N   1 
ATOM   751  C CA  . SER A 1 114 ? 18.076  7.881   5.516   1.00 32.04 ? 1948 SER A CA  1 
ATOM   752  C C   . SER A 1 114 ? 17.290  8.169   4.259   1.00 29.80 ? 1948 SER A C   1 
ATOM   753  O O   . SER A 1 114 ? 16.182  8.627   4.346   1.00 25.48 ? 1948 SER A O   1 
ATOM   754  C CB  . SER A 1 114 ? 18.031  6.392   5.850   1.00 33.62 ? 1948 SER A CB  1 
ATOM   755  O OG  . SER A 1 114 ? 16.689  5.802   5.930   1.00 28.11 ? 1948 SER A OG  1 
ATOM   756  N N   . ASP A 1 115 ? 17.829  7.890   3.083   1.00 26.32 ? 1949 ASP A N   1 
ATOM   757  C CA  . ASP A 1 115 ? 17.055  8.114   1.894   1.00 30.13 ? 1949 ASP A CA  1 
ATOM   758  C C   . ASP A 1 115 ? 15.775  7.269   1.879   1.00 28.75 ? 1949 ASP A C   1 
ATOM   759  O O   . ASP A 1 115 ? 14.736  7.770   1.546   1.00 24.64 ? 1949 ASP A O   1 
ATOM   760  C CB  . ASP A 1 115 ? 17.846  7.906   0.658   1.00 31.87 ? 1949 ASP A CB  1 
ATOM   761  C CG  . ASP A 1 115 ? 19.045  8.889   0.576   1.00 42.82 ? 1949 ASP A CG  1 
ATOM   762  O OD1 . ASP A 1 115 ? 18.881  9.961   -0.025  1.00 33.87 ? 1949 ASP A OD1 1 
ATOM   763  O OD2 . ASP A 1 115 ? 20.137  8.458   1.031   1.00 43.92 ? 1949 ASP A OD2 1 
ATOM   764  N N   . ILE A 1 116 ? 15.888  6.006   2.242   1.00 26.69 ? 1950 ILE A N   1 
ATOM   765  C CA  . ILE A 1 116 ? 14.732  5.114   2.194   1.00 26.07 ? 1950 ILE A CA  1 
ATOM   766  C C   . ILE A 1 116 ? 13.745  5.547   3.249   1.00 25.16 ? 1950 ILE A C   1 
ATOM   767  O O   . ILE A 1 116 ? 12.517  5.545   3.004   1.00 21.77 ? 1950 ILE A O   1 
ATOM   768  C CB  . ILE A 1 116 ? 15.160  3.647   2.400   1.00 26.67 ? 1950 ILE A CB  1 
ATOM   769  C CG1 . ILE A 1 116 ? 15.926  3.204   1.155   1.00 25.82 ? 1950 ILE A CG1 1 
ATOM   770  C CG2 . ILE A 1 116 ? 13.981  2.724   2.693   1.00 27.26 ? 1950 ILE A CG2 1 
ATOM   771  C CD1 . ILE A 1 116 ? 16.631  1.871   1.320   1.00 30.44 ? 1950 ILE A CD1 1 
ATOM   772  N N   . GLY A 1 117 ? 14.247  5.907   4.421   1.00 23.34 ? 1951 GLY A N   1 
ATOM   773  C CA  . GLY A 1 117 ? 13.371  6.310   5.557   1.00 20.58 ? 1951 GLY A CA  1 
ATOM   774  C C   . GLY A 1 117 ? 12.496  7.541   5.114   1.00 24.36 ? 1951 GLY A C   1 
ATOM   775  O O   . GLY A 1 117 ? 11.285  7.621   5.398   1.00 25.86 ? 1951 GLY A O   1 
ATOM   776  N N   . ARG A 1 118 ? 13.122  8.483   4.434   1.00 25.93 ? 1952 ARG A N   1 
ATOM   777  C CA  . ARG A 1 118 ? 12.495  9.699   3.970   1.00 26.23 ? 1952 ARG A CA  1 
ATOM   778  C C   . ARG A 1 118 ? 11.489  9.371   2.827   1.00 22.33 ? 1952 ARG A C   1 
ATOM   779  O O   . ARG A 1 118 ? 10.408  9.920   2.785   1.00 24.83 ? 1952 ARG A O   1 
ATOM   780  C CB  . ARG A 1 118 ? 13.538  10.704  3.479   1.00 29.95 ? 1952 ARG A CB  1 
ATOM   781  C CG  . ARG A 1 118 ? 14.146  11.554  4.588   1.00 33.00 ? 1952 ARG A CG  1 
ATOM   782  C CD  . ARG A 1 118 ? 15.016  12.695  4.029   1.00 33.73 ? 1952 ARG A CD  1 
ATOM   783  N NE  . ARG A 1 118 ? 16.315  12.228  3.544   1.00 35.08 ? 1952 ARG A NE  1 
ATOM   784  C CZ  . ARG A 1 118 ? 17.374  11.955  4.297   1.00 32.74 ? 1952 ARG A CZ  1 
ATOM   785  N NH1 . ARG A 1 118 ? 18.493  11.483  3.725   1.00 35.48 ? 1952 ARG A NH1 1 
ATOM   786  N NH2 . ARG A 1 118 ? 17.303  12.099  5.598   1.00 37.75 ? 1952 ARG A NH2 1 
ATOM   787  N N   . ALA A 1 119 ? 11.907  8.470   1.923   1.00 22.23 ? 1953 ALA A N   1 
ATOM   788  C CA  . ALA A 1 119 ? 11.086  7.953   0.867   1.00 24.36 ? 1953 ALA A CA  1 
ATOM   789  C C   . ALA A 1 119 ? 9.804   7.435   1.414   1.00 23.98 ? 1953 ALA A C   1 
ATOM   790  O O   . ALA A 1 119 ? 8.728   7.786   0.866   1.00 25.61 ? 1953 ALA A O   1 
ATOM   791  C CB  . ALA A 1 119 ? 11.805  6.925   0.000   1.00 25.28 ? 1953 ALA A CB  1 
ATOM   792  N N   . GLY A 1 120 ? 9.877   6.701   2.516   1.00 21.86 ? 1954 GLY A N   1 
ATOM   793  C CA  . GLY A 1 120 ? 8.678   6.101   3.053   1.00 22.95 ? 1954 GLY A CA  1 
ATOM   794  C C   . GLY A 1 120 ? 7.728   7.103   3.624   1.00 26.66 ? 1954 GLY A C   1 
ATOM   795  O O   . GLY A 1 120 ? 6.495   7.023   3.439   1.00 22.76 ? 1954 GLY A O   1 
ATOM   796  N N   . HIS A 1 121 ? 8.279   8.096   4.324   1.00 24.84 ? 1955 HIS A N   1 
ATOM   797  C CA  . HIS A 1 121 ? 7.414   9.150   4.857   1.00 25.60 ? 1955 HIS A CA  1 
ATOM   798  C C   . HIS A 1 121 ? 6.747   9.911   3.767   1.00 22.49 ? 1955 HIS A C   1 
ATOM   799  O O   . HIS A 1 121 ? 5.571   10.185  3.864   1.00 24.06 ? 1955 HIS A O   1 
ATOM   800  C CB  . HIS A 1 121 ? 8.200   10.078  5.790   1.00 25.42 ? 1955 HIS A CB  1 
ATOM   801  C CG  . HIS A 1 121 ? 8.534   9.433   7.090   1.00 23.90 ? 1955 HIS A CG  1 
ATOM   802  N ND1 . HIS A 1 121 ? 7.579   9.126   8.023   1.00 30.18 ? 1955 HIS A ND1 1 
ATOM   803  C CD2 . HIS A 1 121 ? 9.702   9.089   7.649   1.00 27.98 ? 1955 HIS A CD2 1 
ATOM   804  C CE1 . HIS A 1 121 ? 8.133   8.551   9.074   1.00 31.39 ? 1955 HIS A CE1 1 
ATOM   805  N NE2 . HIS A 1 121 ? 9.431   8.531   8.870   1.00 30.86 ? 1955 HIS A NE2 1 
ATOM   806  N N   . ASN A 1 122 ? 7.474   10.230  2.697   1.00 20.53 ? 1956 ASN A N   1 
ATOM   807  C CA  . ASN A 1 122 ? 6.952   10.985  1.593   1.00 22.12 ? 1956 ASN A CA  1 
ATOM   808  C C   . ASN A 1 122 ? 5.826   10.214  0.892   1.00 24.56 ? 1956 ASN A C   1 
ATOM   809  O O   . ASN A 1 122 ? 4.744   10.742  0.541   1.00 21.81 ? 1956 ASN A O   1 
ATOM   810  C CB  . ASN A 1 122 ? 8.052   11.268  0.561   1.00 22.90 ? 1956 ASN A CB  1 
ATOM   811  C CG  . ASN A 1 122 ? 9.030   12.406  0.969   1.00 25.53 ? 1956 ASN A CG  1 
ATOM   812  O OD1 . ASN A 1 122 ? 8.843   13.030  1.956   1.00 25.90 ? 1956 ASN A OD1 1 
ATOM   813  N ND2 . ASN A 1 122 ? 10.084  12.610  0.196   1.00 25.46 ? 1956 ASN A ND2 1 
ATOM   814  N N   . MET A 1 123 ? 6.094   8.930   0.616   1.00 20.90 ? 1957 MET A N   1 
ATOM   815  C CA  . MET A 1 123 ? 5.110   8.087   -0.088  1.00 22.50 ? 1957 MET A CA  1 
ATOM   816  C C   . MET A 1 123 ? 3.850   7.896   0.734   1.00 20.68 ? 1957 MET A C   1 
ATOM   817  O O   . MET A 1 123 ? 2.721   7.848   0.177   1.00 23.66 ? 1957 MET A O   1 
ATOM   818  C CB  . MET A 1 123 ? 5.774   6.745   -0.474  1.00 24.61 ? 1957 MET A CB  1 
ATOM   819  C CG  . MET A 1 123 ? 6.865   6.845   -1.554  1.00 27.44 ? 1957 MET A CG  1 
ATOM   820  S SD  . MET A 1 123 ? 6.388   7.584   -3.114  1.00 35.48 ? 1957 MET A SD  1 
ATOM   821  C CE  . MET A 1 123 ? 5.019   6.555   -3.594  1.00 33.08 ? 1957 MET A CE  1 
ATOM   822  N N   . ARG A 1 124 ? 3.992   7.751   2.005   1.00 20.88 ? 1958 ARG A N   1 
ATOM   823  C CA  . ARG A 1 124 ? 2.828   7.597   2.871   1.00 20.37 ? 1958 ARG A CA  1 
ATOM   824  C C   . ARG A 1 124 ? 1.914   8.847   2.789   1.00 25.93 ? 1958 ARG A C   1 
ATOM   825  O O   . ARG A 1 124 ? 0.674   8.750   2.611   1.00 22.89 ? 1958 ARG A O   1 
ATOM   826  C CB  . ARG A 1 124 ? 3.199   7.327   4.303   1.00 20.83 ? 1958 ARG A CB  1 
ATOM   827  C CG  . ARG A 1 124 ? 2.027   7.173   5.254   1.00 21.72 ? 1958 ARG A CG  1 
ATOM   828  C CD  . ARG A 1 124 ? 2.353   7.233   6.741   1.00 23.71 ? 1958 ARG A CD  1 
ATOM   829  N NE  . ARG A 1 124 ? 3.323   6.236   7.184   1.00 24.74 ? 1958 ARG A NE  1 
ATOM   830  C CZ  . ARG A 1 124 ? 3.028   4.990   7.609   1.00 26.12 ? 1958 ARG A CZ  1 
ATOM   831  N NH1 . ARG A 1 124 ? 1.771   4.484   7.609   1.00 27.66 ? 1958 ARG A NH1 1 
ATOM   832  N NH2 . ARG A 1 124 ? 4.010   4.238   8.062   1.00 25.15 ? 1958 ARG A NH2 1 
ATOM   833  N N   . LYS A 1 125 ? 2.545   10.008  2.890   1.00 24.46 ? 1959 LYS A N   1 
ATOM   834  C CA  . LYS A 1 125 ? 1.802   11.288  2.764   1.00 27.64 ? 1959 LYS A CA  1 
ATOM   835  C C   . LYS A 1 125 ? 1.089   11.393  1.455   1.00 26.01 ? 1959 LYS A C   1 
ATOM   836  O O   . LYS A 1 125 ? -0.089  11.731  1.413   1.00 27.98 ? 1959 LYS A O   1 
ATOM   837  C CB  . LYS A 1 125 ? 2.811   12.411  2.945   1.00 30.54 ? 1959 LYS A CB  1 
ATOM   838  C CG  . LYS A 1 125 ? 2.141   13.806  2.920   1.00 40.61 ? 1959 LYS A CG  1 
ATOM   839  C CD  . LYS A 1 125 ? 1.574   14.054  4.321   1.00 51.96 ? 1959 LYS A CD  1 
ATOM   840  C CE  . LYS A 1 125 ? 0.998   15.454  4.539   1.00 71.03 ? 1959 LYS A CE  1 
ATOM   841  N NZ  . LYS A 1 125 ? 0.433   15.606  5.921   1.00 83.81 ? 1959 LYS A NZ  1 
ATOM   842  N N   . TYR A 1 126 ? 1.801   11.087  0.345   1.00 25.49 ? 1960 TYR A N   1 
ATOM   843  C CA  . TYR A 1 126 ? 1.289   11.104  -0.947  1.00 27.18 ? 1960 TYR A CA  1 
ATOM   844  C C   . TYR A 1 126 ? 0.076   10.193  -1.084  1.00 27.85 ? 1960 TYR A C   1 
ATOM   845  O O   . TYR A 1 126 ? -0.909  10.577  -1.720  1.00 23.24 ? 1960 TYR A O   1 
ATOM   846  C CB  . TYR A 1 126 ? 2.401   10.726  -1.934  1.00 24.32 ? 1960 TYR A CB  1 
ATOM   847  C CG  . TYR A 1 126 ? 2.121   10.837  -3.356  1.00 25.77 ? 1960 TYR A CG  1 
ATOM   848  C CD1 . TYR A 1 126 ? 2.039   12.128  -4.001  1.00 28.92 ? 1960 TYR A CD1 1 
ATOM   849  C CD2 . TYR A 1 126 ? 1.909   9.728   -4.151  1.00 25.41 ? 1960 TYR A CD2 1 
ATOM   850  C CE1 . TYR A 1 126 ? 1.811   12.225  -5.352  1.00 25.59 ? 1960 TYR A CE1 1 
ATOM   851  C CE2 . TYR A 1 126 ? 1.696   9.850   -5.518  1.00 30.95 ? 1960 TYR A CE2 1 
ATOM   852  C CZ  . TYR A 1 126 ? 1.609   11.135  -6.105  1.00 32.85 ? 1960 TYR A CZ  1 
ATOM   853  O OH  . TYR A 1 126 ? 1.416   11.256  -7.493  1.00 38.34 ? 1960 TYR A OH  1 
ATOM   854  N N   . PHE A 1 127 ? 0.194   8.964   -0.529  1.00 23.21 ? 1961 PHE A N   1 
ATOM   855  C CA  . PHE A 1 127 ? -0.885  7.980   -0.565  1.00 23.98 ? 1961 PHE A CA  1 
ATOM   856  C C   . PHE A 1 127 ? -2.152  8.468   0.204   1.00 22.25 ? 1961 PHE A C   1 
ATOM   857  O O   . PHE A 1 127 ? -3.223  8.444   -0.382  1.00 24.26 ? 1961 PHE A O   1 
ATOM   858  C CB  . PHE A 1 127 ? -0.508  6.652   0.084   1.00 22.21 ? 1961 PHE A CB  1 
ATOM   859  C CG  . PHE A 1 127 ? -1.717  5.737   0.275   1.00 23.45 ? 1961 PHE A CG  1 
ATOM   860  C CD1 . PHE A 1 127 ? -2.403  5.212   -0.859  1.00 25.21 ? 1961 PHE A CD1 1 
ATOM   861  C CD2 . PHE A 1 127 ? -2.141  5.374   1.515   1.00 22.77 ? 1961 PHE A CD2 1 
ATOM   862  C CE1 . PHE A 1 127 ? -3.497  4.354   -0.680  1.00 22.67 ? 1961 PHE A CE1 1 
ATOM   863  C CE2 . PHE A 1 127 ? -3.259  4.587   1.708   1.00 23.28 ? 1961 PHE A CE2 1 
ATOM   864  C CZ  . PHE A 1 127 ? -3.954  4.096   0.611   1.00 20.92 ? 1961 PHE A CZ  1 
ATOM   865  N N   . GLU A 1 128 ? -1.953  8.967   1.406   1.00 23.76 ? 1962 GLU A N   1 
ATOM   866  C CA  . GLU A 1 128 ? -3.019  9.322   2.286   1.00 26.00 ? 1962 GLU A CA  1 
ATOM   867  C C   . GLU A 1 128 ? -3.831  10.489  1.721   1.00 32.40 ? 1962 GLU A C   1 
ATOM   868  O O   . GLU A 1 128 ? -5.074  10.489  1.848   1.00 30.45 ? 1962 GLU A O   1 
ATOM   869  C CB  . GLU A 1 128 ? -2.535  9.533   3.683   1.00 26.99 ? 1962 GLU A CB  1 
ATOM   870  C CG  . GLU A 1 128 ? -1.980  8.323   4.397   1.00 26.81 ? 1962 GLU A CG  1 
ATOM   871  C CD  . GLU A 1 128 ? -2.924  7.134   4.627   1.00 25.39 ? 1962 GLU A CD  1 
ATOM   872  O OE1 . GLU A 1 128 ? -4.131  7.225   4.380   1.00 26.39 ? 1962 GLU A OE1 1 
ATOM   873  O OE2 . GLU A 1 128 ? -2.448  6.059   5.014   1.00 25.56 ? 1962 GLU A OE2 1 
ATOM   874  N N   . LYS A 1 129 ? -3.177  11.383  0.973   1.00 32.70 ? 1963 LYS A N   1 
ATOM   875  C CA  . LYS A 1 129 ? -3.900  12.489  0.366   1.00 33.98 ? 1963 LYS A CA  1 
ATOM   876  C C   . LYS A 1 129 ? -4.751  11.972  -0.787  1.00 33.15 ? 1963 LYS A C   1 
ATOM   877  O O   . LYS A 1 129 ? -5.919  12.367  -0.919  1.00 34.80 ? 1963 LYS A O   1 
ATOM   878  C CB  . LYS A 1 129 ? -2.919  13.573  -0.129  1.00 41.77 ? 1963 LYS A CB  1 
ATOM   879  C CG  . LYS A 1 129 ? -3.514  14.694  -1.018  1.00 46.64 ? 1963 LYS A CG  1 
ATOM   880  C CD  . LYS A 1 129 ? -4.011  15.848  -0.182  1.00 58.19 ? 1963 LYS A CD  1 
ATOM   881  C CE  . LYS A 1 129 ? -4.000  17.163  -0.980  1.00 60.50 ? 1963 LYS A CE  1 
ATOM   882  N NZ  . LYS A 1 129 ? -4.867  17.176  -2.198  1.00 43.57 ? 1963 LYS A NZ  1 
ATOM   883  N N   . LYS A 1 130 ? -4.182  11.128  -1.647  1.00 28.67 ? 1964 LYS A N   1 
ATOM   884  C CA  . LYS A 1 130 ? -4.925  10.558  -2.735  1.00 30.27 ? 1964 LYS A CA  1 
ATOM   885  C C   . LYS A 1 130 ? -6.096  9.750   -2.235  1.00 32.84 ? 1964 LYS A C   1 
ATOM   886  O O   . LYS A 1 130 ? -7.135  9.669   -2.911  1.00 32.92 ? 1964 LYS A O   1 
ATOM   887  C CB  . LYS A 1 130 ? -4.132  9.610   -3.571  1.00 34.03 ? 1964 LYS A CB  1 
ATOM   888  C CG  . LYS A 1 130 ? -2.870  10.110  -4.202  1.00 40.45 ? 1964 LYS A CG  1 
ATOM   889  C CD  . LYS A 1 130 ? -3.174  10.807  -5.490  1.00 48.72 ? 1964 LYS A CD  1 
ATOM   890  C CE  . LYS A 1 130 ? -1.889  11.261  -6.137  1.00 47.70 ? 1964 LYS A CE  1 
ATOM   891  N NZ  . LYS A 1 130 ? -2.313  12.104  -7.257  1.00 56.38 ? 1964 LYS A NZ  1 
ATOM   892  N N   . TRP A 1 131 ? -5.887  9.061   -1.123  1.00 27.69 ? 1965 TRP A N   1 
ATOM   893  C CA  . TRP A 1 131 ? -6.893  8.205   -0.564  1.00 28.47 ? 1965 TRP A CA  1 
ATOM   894  C C   . TRP A 1 131 ? -8.116  9.071   -0.109  1.00 33.83 ? 1965 TRP A C   1 
ATOM   895  O O   . TRP A 1 131 ? -9.220  8.807   -0.498  1.00 33.53 ? 1965 TRP A O   1 
ATOM   896  C CB  . TRP A 1 131 ? -6.367  7.429   0.600   1.00 26.49 ? 1965 TRP A CB  1 
ATOM   897  C CG  . TRP A 1 131 ? -7.268  6.339   1.089   1.00 27.15 ? 1965 TRP A CG  1 
ATOM   898  C CD1 . TRP A 1 131 ? -7.944  6.334   2.215   1.00 28.85 ? 1965 TRP A CD1 1 
ATOM   899  C CD2 . TRP A 1 131 ? -7.594  5.103   0.410   1.00 24.74 ? 1965 TRP A CD2 1 
ATOM   900  N NE1 . TRP A 1 131 ? -8.628  5.168   2.354   1.00 29.98 ? 1965 TRP A NE1 1 
ATOM   901  C CE2 . TRP A 1 131 ? -8.450  4.403   1.237   1.00 29.48 ? 1965 TRP A CE2 1 
ATOM   902  C CE3 . TRP A 1 131 ? -7.194  4.530   -0.789  1.00 25.65 ? 1965 TRP A CE3 1 
ATOM   903  C CZ2 . TRP A 1 131 ? -8.969  3.142   0.897   1.00 29.14 ? 1965 TRP A CZ2 1 
ATOM   904  C CZ3 . TRP A 1 131 ? -7.695  3.289   -1.138  1.00 28.91 ? 1965 TRP A CZ3 1 
ATOM   905  C CH2 . TRP A 1 131 ? -8.560  2.597   -0.283  1.00 24.96 ? 1965 TRP A CH2 1 
ATOM   906  N N   . THR A 1 132 ? -7.851  10.085  0.695   1.00 34.07 ? 1966 THR A N   1 
ATOM   907  C CA  . THR A 1 132 ? -8.840  11.034  1.166   1.00 37.90 ? 1966 THR A CA  1 
ATOM   908  C C   . THR A 1 132 ? -9.545  11.740  0.003   1.00 41.62 ? 1966 THR A C   1 
ATOM   909  O O   . THR A 1 132 ? -10.762 11.758  -0.020  1.00 45.99 ? 1966 THR A O   1 
ATOM   910  C CB  . THR A 1 132 ? -8.196  12.073  2.071   1.00 39.48 ? 1966 THR A CB  1 
ATOM   911  O OG1 . THR A 1 132 ? -7.677  11.378  3.210   1.00 38.92 ? 1966 THR A OG1 1 
ATOM   912  C CG2 . THR A 1 132 ? -9.238  13.097  2.565   1.00 48.70 ? 1966 THR A CG2 1 
ATOM   913  N N   . ASP A 1 133 ? -8.805  12.266  -0.971  1.00 38.29 ? 1967 ASP A N   1 
ATOM   914  C CA  . ASP A 1 133 ? -9.429  12.943  -2.076  1.00 38.53 ? 1967 ASP A CA  1 
ATOM   915  C C   . ASP A 1 133 ? -10.229 12.038  -2.980  1.00 47.50 ? 1967 ASP A C   1 
ATOM   916  O O   . ASP A 1 133 ? -11.141 12.523  -3.657  1.00 43.62 ? 1967 ASP A O   1 
ATOM   917  C CB  . ASP A 1 133 ? -8.395  13.632  -2.949  1.00 37.91 ? 1967 ASP A CB  1 
ATOM   918  C CG  . ASP A 1 133 ? -7.668  14.737  -2.210  1.00 39.46 ? 1967 ASP A CG  1 
ATOM   919  O OD1 . ASP A 1 133 ? -8.061  15.051  -1.060  1.00 37.16 ? 1967 ASP A OD1 1 
ATOM   920  O OD2 . ASP A 1 133 ? -6.623  15.183  -2.754  1.00 36.87 ? 1967 ASP A OD2 1 
ATOM   921  N N   . THR A 1 134 ? -9.857  10.755  -3.090  1.00 39.07 ? 1968 THR A N   1 
ATOM   922  C CA  . THR A 1 134 ? -10.572 9.884   -3.977  1.00 37.02 ? 1968 THR A CA  1 
ATOM   923  C C   . THR A 1 134 ? -11.871 9.339   -3.337  1.00 40.32 ? 1968 THR A C   1 
ATOM   924  O O   . THR A 1 134 ? -12.782 9.067   -4.064  1.00 43.91 ? 1968 THR A O   1 
ATOM   925  C CB  . THR A 1 134 ? -9.684  8.743   -4.429  1.00 34.44 ? 1968 THR A CB  1 
ATOM   926  O OG1 . THR A 1 134 ? -8.524  9.254   -5.120  1.00 36.56 ? 1968 THR A OG1 1 
ATOM   927  C CG2 . THR A 1 134 ? -10.412 7.769   -5.321  1.00 36.71 ? 1968 THR A CG2 1 
ATOM   928  N N   . PHE A 1 135 ? -11.888 9.116   -2.025  1.00 40.77 ? 1969 PHE A N   1 
ATOM   929  C CA  . PHE A 1 135 ? -12.896 8.306   -1.341  1.00 47.39 ? 1969 PHE A CA  1 
ATOM   930  C C   . PHE A 1 135 ? -13.606 9.023   -0.137  1.00 58.22 ? 1969 PHE A C   1 
ATOM   931  O O   . PHE A 1 135 ? -14.769 8.746   0.113   1.00 67.59 ? 1969 PHE A O   1 
ATOM   932  C CB  . PHE A 1 135 ? -12.287 6.938   -0.872  1.00 42.28 ? 1969 PHE A CB  1 
ATOM   933  C CG  . PHE A 1 135 ? -11.837 5.996   -2.012  1.00 38.16 ? 1969 PHE A CG  1 
ATOM   934  C CD1 . PHE A 1 135 ? -12.744 5.432   -2.896  1.00 32.94 ? 1969 PHE A CD1 1 
ATOM   935  C CD2 . PHE A 1 135 ? -10.494 5.640   -2.160  1.00 33.62 ? 1969 PHE A CD2 1 
ATOM   936  C CE1 . PHE A 1 135 ? -12.315 4.577   -3.899  1.00 33.04 ? 1969 PHE A CE1 1 
ATOM   937  C CE2 . PHE A 1 135 ? -10.054 4.789   -3.165  1.00 29.19 ? 1969 PHE A CE2 1 
ATOM   938  C CZ  . PHE A 1 135 ? -10.961 4.245   -4.032  1.00 35.25 ? 1969 PHE A CZ  1 
ATOM   939  N N   . LYS A 1 136 ? -12.940 9.936   0.580   1.00 71.63 ? 1970 LYS A N   1 
ATOM   940  C CA  . LYS A 1 136 ? -13.528 10.627  1.767   1.00 77.57 ? 1970 LYS A CA  1 
ATOM   941  C C   . LYS A 1 136 ? -14.192 11.993  1.447   1.00 79.96 ? 1970 LYS A C   1 
ATOM   942  O O   . LYS A 1 136 ? -14.501 12.311  0.283   1.00 75.31 ? 1970 LYS A O   1 
ATOM   943  C CB  . LYS A 1 136 ? -12.448 10.796  2.851   1.00 74.11 ? 1970 LYS A CB  1 
HETATM 944  C C1  . EDO B 2 .   ? 15.515  -2.452  3.260   1.00 42.51 ? 2001 EDO A C1  1 
HETATM 945  O O1  . EDO B 2 .   ? 16.455  -1.429  3.818   1.00 47.28 ? 2001 EDO A O1  1 
HETATM 946  C C2  . EDO B 2 .   ? 14.361  -1.780  2.547   1.00 36.56 ? 2001 EDO A C2  1 
HETATM 947  O O2  . EDO B 2 .   ? 13.496  -1.144  3.432   1.00 26.30 ? 2001 EDO A O2  1 
HETATM 948  O O   . HOH C 3 .   ? 21.892  7.084   11.844  1.00 59.62 ? 2101 HOH A O   1 
HETATM 949  O O   . HOH C 3 .   ? -5.543  14.081  -4.278  1.00 44.43 ? 2102 HOH A O   1 
HETATM 950  O O   . HOH C 3 .   ? -9.000  3.460   5.253   1.00 48.10 ? 2103 HOH A O   1 
HETATM 951  O O   . HOH C 3 .   ? 22.979  3.763   9.895   1.00 62.53 ? 2104 HOH A O   1 
HETATM 952  O O   . HOH C 3 .   ? 4.300   10.707  5.801   1.00 34.79 ? 2105 HOH A O   1 
HETATM 953  O O   . HOH C 3 .   ? 18.784  -1.457  3.047   1.00 63.04 ? 2106 HOH A O   1 
HETATM 954  O O   . HOH C 3 .   ? -32.576 -6.967  12.898  1.00 30.67 ? 2107 HOH A O   1 
HETATM 955  O O   . HOH C 3 .   ? 14.457  6.614   13.017  1.00 37.02 ? 2108 HOH A O   1 
HETATM 956  O O   . HOH C 3 .   ? -4.420  -12.932 -0.899  1.00 59.22 ? 2109 HOH A O   1 
HETATM 957  O O   . HOH C 3 .   ? -0.065  13.114  -8.370  1.00 48.18 ? 2110 HOH A O   1 
HETATM 958  O O   . HOH C 3 .   ? 19.775  14.429  6.926   1.00 52.06 ? 2111 HOH A O   1 
HETATM 959  O O   . HOH C 3 .   ? 2.499   15.409  7.403   1.00 54.66 ? 2112 HOH A O   1 
HETATM 960  O O   . HOH C 3 .   ? -23.918 1.077   11.890  1.00 39.80 ? 2113 HOH A O   1 
HETATM 961  O O   . HOH C 3 .   ? 10.980  -2.017  4.346   1.00 28.91 ? 2114 HOH A O   1 
HETATM 962  O O   . HOH C 3 .   ? 9.756   -13.489 10.294  1.00 57.11 ? 2115 HOH A O   1 
HETATM 963  O O   . HOH C 3 .   ? -10.699 -11.083 -2.590  1.00 44.61 ? 2116 HOH A O   1 
HETATM 964  O O   . HOH C 3 .   ? 8.686   5.286   -9.691  1.00 33.79 ? 2117 HOH A O   1 
HETATM 965  O O   . HOH C 3 .   ? 12.379  10.919  7.427   1.00 42.89 ? 2118 HOH A O   1 
HETATM 966  O O   . HOH C 3 .   ? 9.483   12.823  4.465   1.00 53.50 ? 2119 HOH A O   1 
HETATM 967  O O   . HOH C 3 .   ? -0.774  5.966   7.003   1.00 29.73 ? 2120 HOH A O   1 
HETATM 968  O O   . HOH C 3 .   ? 7.022   -7.759  -0.472  1.00 22.12 ? 2121 HOH A O   1 
HETATM 969  O O   . HOH C 3 .   ? 0.849   -2.187  8.950   1.00 31.55 ? 2122 HOH A O   1 
HETATM 970  O O   . HOH C 3 .   ? 0.695   -8.078  -11.634 1.00 33.27 ? 2123 HOH A O   1 
HETATM 971  O O   . HOH C 3 .   ? -1.283  -8.730  3.232   1.00 33.32 ? 2124 HOH A O   1 
HETATM 972  O O   . HOH C 3 .   ? -1.356  -6.801  -12.942 1.00 43.79 ? 2125 HOH A O   1 
HETATM 973  O O   . HOH C 3 .   ? -31.336 2.015   3.952   1.00 31.66 ? 2126 HOH A O   1 
HETATM 974  O O   . HOH C 3 .   ? 5.414   -10.994 -2.888  1.00 41.42 ? 2127 HOH A O   1 
HETATM 975  O O   . HOH C 3 .   ? 16.538  -11.436 5.413   1.00 37.03 ? 2128 HOH A O   1 
HETATM 976  O O   . HOH C 3 .   ? 13.166  -8.654  -5.162  1.00 39.31 ? 2129 HOH A O   1 
HETATM 977  O O   . HOH C 3 .   ? 8.227   -5.026  2.971   1.00 22.19 ? 2130 HOH A O   1 
HETATM 978  O O   . HOH C 3 .   ? 16.958  8.716   12.024  1.00 37.05 ? 2131 HOH A O   1 
HETATM 979  O O   . HOH C 3 .   ? 8.426   -2.679  0.561   1.00 24.32 ? 2132 HOH A O   1 
HETATM 980  O O   . HOH C 3 .   ? 12.191  -1.895  -5.162  1.00 23.36 ? 2133 HOH A O   1 
HETATM 981  O O   . HOH C 3 .   ? -8.284  0.313   5.673   1.00 48.06 ? 2134 HOH A O   1 
HETATM 982  O O   . HOH C 3 .   ? 3.817   -2.751  -9.345  1.00 35.43 ? 2135 HOH A O   1 
HETATM 983  O O   . HOH C 3 .   ? 2.907   -6.963  -10.175 1.00 31.87 ? 2136 HOH A O   1 
HETATM 984  O O   . HOH C 3 .   ? 10.534  -9.433  0.932   1.00 24.59 ? 2137 HOH A O   1 
HETATM 985  O O   . HOH C 3 .   ? -2.037  -13.688 -8.483  1.00 35.30 ? 2138 HOH A O   1 
HETATM 986  O O   . HOH C 3 .   ? -0.687  1.779   9.395   1.00 32.74 ? 2139 HOH A O   1 
HETATM 987  O O   . HOH C 3 .   ? 3.325   -10.459 3.749   1.00 41.30 ? 2140 HOH A O   1 
HETATM 988  O O   . HOH C 3 .   ? -7.133  -8.083  -13.718 1.00 44.57 ? 2141 HOH A O   1 
HETATM 989  O O   . HOH C 3 .   ? -1.021  13.769  2.883   1.00 37.98 ? 2142 HOH A O   1 
HETATM 990  O O   . HOH C 3 .   ? 10.323  -3.183  -1.174  1.00 22.17 ? 2143 HOH A O   1 
HETATM 991  O O   . HOH C 3 .   ? -0.150  0.997   -14.012 1.00 47.73 ? 2144 HOH A O   1 
HETATM 992  O O   . HOH C 3 .   ? -1.555  -2.187  7.566   1.00 27.38 ? 2145 HOH A O   1 
HETATM 993  O O   . HOH C 3 .   ? 9.609   -12.211 6.704   1.00 41.05 ? 2146 HOH A O   1 
HETATM 994  O O   . HOH C 3 .   ? -1.138  12.899  -3.053  1.00 29.23 ? 2147 HOH A O   1 
HETATM 995  O O   . HOH C 3 .   ? -23.396 0.838   1.685   1.00 60.98 ? 2148 HOH A O   1 
HETATM 996  O O   . HOH C 3 .   ? 18.323  2.980   8.213   1.00 37.50 ? 2149 HOH A O   1 
HETATM 997  O O   . HOH C 3 .   ? 20.519  6.865   3.183   1.00 42.70 ? 2150 HOH A O   1 
HETATM 998  O O   . HOH C 3 .   ? 10.504  -19.435 4.836   1.00 63.84 ? 2151 HOH A O   1 
HETATM 999  O O   . HOH C 3 .   ? 4.390   -10.632 0.848   1.00 38.85 ? 2152 HOH A O   1 
HETATM 1000 O O   . HOH C 3 .   ? -18.944 5.778   -3.704  1.00 49.82 ? 2153 HOH A O   1 
HETATM 1001 O O   . HOH C 3 .   ? -2.479  -8.810  5.569   1.00 56.85 ? 2154 HOH A O   1 
HETATM 1002 O O   . HOH C 3 .   ? -3.997  2.636   -13.650 1.00 51.18 ? 2155 HOH A O   1 
HETATM 1003 O O   . HOH C 3 .   ? -6.089  9.122   4.186   1.00 33.08 ? 2156 HOH A O   1 
HETATM 1004 O O   . HOH C 3 .   ? 3.189   9.873   -9.371  1.00 33.70 ? 2157 HOH A O   1 
HETATM 1005 O O   . HOH C 3 .   ? 20.093  12.416  -0.001  1.00 45.53 ? 2158 HOH A O   1 
HETATM 1006 O O   . HOH C 3 .   ? -8.064  2.159   -13.365 1.00 50.21 ? 2159 HOH A O   1 
HETATM 1007 O O   . HOH C 3 .   ? 16.233  -6.034  -1.673  1.00 30.89 ? 2160 HOH A O   1 
HETATM 1008 O O   . HOH C 3 .   ? 7.630   4.698   5.926   1.00 22.73 ? 2161 HOH A O   1 
HETATM 1009 O O   . HOH C 3 .   ? -6.171  19.571  -1.873  1.00 57.80 ? 2162 HOH A O   1 
HETATM 1010 O O   . HOH C 3 .   ? -14.682 -1.823  -1.898  1.00 28.63 ? 2163 HOH A O   1 
HETATM 1011 O O   . HOH C 3 .   ? 6.181   -2.107  -8.824  1.00 31.56 ? 2164 HOH A O   1 
HETATM 1012 O O   . HOH C 3 .   ? 19.786  8.455   12.500  1.00 47.37 ? 2165 HOH A O   1 
HETATM 1013 O O   . HOH C 3 .   ? 17.964  3.009   4.864   1.00 40.76 ? 2166 HOH A O   1 
HETATM 1014 O O   . HOH C 3 .   ? 21.036  -5.966  6.463   0.50 89.04 ? 2167 HOH A O   1 
HETATM 1015 O O   . HOH C 3 .   ? -16.967 3.199   -6.266  1.00 40.45 ? 2168 HOH A O   1 
HETATM 1016 O O   . HOH C 3 .   ? -2.424  -5.964  5.129   1.00 35.38 ? 2169 HOH A O   1 
HETATM 1017 O O   . HOH C 3 .   ? -5.152  1.507   8.269   1.00 39.25 ? 2170 HOH A O   1 
HETATM 1018 O O   . HOH C 3 .   ? -0.137  -6.704  8.941   1.00 49.30 ? 2171 HOH A O   1 
HETATM 1019 O O   . HOH C 3 .   ? -4.364  -3.685  -11.199 1.00 37.40 ? 2172 HOH A O   1 
HETATM 1020 O O   . HOH C 3 .   ? 8.675   -1.399  2.786   1.00 27.98 ? 2173 HOH A O   1 
HETATM 1021 O O   . HOH C 3 .   ? -4.771  -6.336  3.427   1.00 27.88 ? 2174 HOH A O   1 
HETATM 1022 O O   . HOH C 3 .   ? -17.865 0.331   0.453   1.00 52.00 ? 2175 HOH A O   1 
HETATM 1023 O O   . HOH C 3 .   ? 12.132  -0.944  14.530  1.00 31.12 ? 2176 HOH A O   1 
HETATM 1024 O O   . HOH C 3 .   ? 6.974   8.189   12.005  1.00 51.29 ? 2177 HOH A O   1 
HETATM 1025 O O   . HOH C 3 .   ? -28.087 -1.260  10.293  1.00 31.34 ? 2178 HOH A O   1 
HETATM 1026 O O   . HOH C 3 .   ? 14.089  -16.849 17.443  1.00 40.98 ? 2179 HOH A O   1 
HETATM 1027 O O   . HOH C 3 .   ? 11.755  5.380   8.856   1.00 25.40 ? 2180 HOH A O   1 
HETATM 1028 O O   . HOH C 3 .   ? 2.631   2.233   -13.175 1.00 59.61 ? 2181 HOH A O   1 
HETATM 1029 O O   . HOH C 3 .   ? -6.665  -9.172  0.989   1.00 42.06 ? 2182 HOH A O   1 
HETATM 1030 O O   . HOH C 3 .   ? 10.078  5.488   6.771   1.00 21.20 ? 2183 HOH A O   1 
HETATM 1031 O O   . HOH C 3 .   ? 4.151   7.701   10.542  1.00 47.05 ? 2184 HOH A O   1 
HETATM 1032 O O   . HOH C 3 .   ? 20.868  10.772  5.052   1.00 49.62 ? 2185 HOH A O   1 
HETATM 1033 O O   . HOH C 3 .   ? 17.713  -8.459  -5.461  1.00 58.41 ? 2186 HOH A O   1 
HETATM 1034 O O   . HOH C 3 .   ? 6.180   6.725   7.105   1.00 30.64 ? 2187 HOH A O   1 
HETATM 1035 O O   . HOH C 3 .   ? 4.823   9.672   8.225   1.00 43.56 ? 2188 HOH A O   1 
HETATM 1036 O O   . HOH C 3 .   ? -16.246 -3.641  -3.353  1.00 34.94 ? 2189 HOH A O   1 
HETATM 1037 O O   . HOH C 3 .   ? 20.166  -11.742 9.310   1.00 46.93 ? 2190 HOH A O   1 
HETATM 1038 O O   . HOH C 3 .   ? 1.926   3.742   11.249  1.00 45.05 ? 2191 HOH A O   1 
HETATM 1039 O O   . HOH C 3 .   ? -11.673 4.802   3.183   1.00 62.49 ? 2192 HOH A O   1 
HETATM 1040 O O   . HOH C 3 .   ? -0.341  -11.161 0.715   1.00 40.02 ? 2193 HOH A O   1 
HETATM 1041 O O   . HOH C 3 .   ? -0.749  -13.523 -6.040  1.00 32.40 ? 2194 HOH A O   1 
HETATM 1042 O O   . HOH C 3 .   ? -16.046 -6.506  2.306   1.00 45.00 ? 2195 HOH A O   1 
HETATM 1043 O O   . HOH C 3 .   ? -20.549 -0.427  -0.625  1.00 60.66 ? 2196 HOH A O   1 
HETATM 1044 O O   . HOH C 3 .   ? 7.092   1.900   -11.730 1.00 46.39 ? 2197 HOH A O   1 
HETATM 1045 O O   . HOH C 3 .   ? -16.205 6.986   -2.671  1.00 58.81 ? 2198 HOH A O   1 
HETATM 1046 O O   . HOH C 3 .   ? -3.275  6.859   -12.383 1.00 49.92 ? 2199 HOH A O   1 
HETATM 1047 O O   . HOH C 3 .   ? -13.837 -0.729  -10.724 1.00 28.82 ? 2200 HOH A O   1 
HETATM 1048 O O   . HOH C 3 .   ? 7.411   12.036  -8.465  1.00 32.55 ? 2201 HOH A O   1 
HETATM 1049 O O   . HOH C 3 .   ? -1.494  -13.473 -1.618  1.00 47.51 ? 2202 HOH A O   1 
HETATM 1050 O O   . HOH C 3 .   ? -2.967  -16.171 -3.024  1.00 54.01 ? 2203 HOH A O   1 
HETATM 1051 O O   . HOH C 3 .   ? 5.762   -9.537  -6.338  1.00 50.61 ? 2204 HOH A O   1 
HETATM 1052 O O   . HOH C 3 .   ? 9.165   -6.748  0.710   1.00 18.78 ? 2205 HOH A O   1 
HETATM 1053 O O   . HOH C 3 .   ? 15.441  13.990  6.935   1.00 57.75 ? 2206 HOH A O   1 
HETATM 1054 O O   . HOH C 3 .   ? 15.407  14.554  -7.657  1.00 44.10 ? 2207 HOH A O   1 
HETATM 1055 O O   . HOH C 3 .   ? -8.262  -12.799 -0.721  1.00 46.49 ? 2208 HOH A O   1 
HETATM 1056 O O   . HOH C 3 .   ? 18.532  4.685   2.770   1.00 27.95 ? 2209 HOH A O   1 
HETATM 1057 O O   . HOH C 3 .   ? 6.819   -6.953  11.348  1.00 38.16 ? 2210 HOH A O   1 
HETATM 1058 O O   . HOH C 3 .   ? 13.083  -12.477 -1.396  1.00 44.46 ? 2211 HOH A O   1 
HETATM 1059 O O   . HOH C 3 .   ? 7.533   -13.838 8.933   1.00 53.98 ? 2212 HOH A O   1 
HETATM 1060 O O   . HOH C 3 .   ? 16.535  -12.123 8.668   1.00 47.36 ? 2213 HOH A O   1 
HETATM 1061 O O   . HOH C 3 .   ? -8.687  -7.224  -5.897  1.00 25.24 ? 2214 HOH A O   1 
HETATM 1062 O O   . HOH C 3 .   ? 21.443  -12.052 4.301   1.00 60.55 ? 2215 HOH A O   1 
HETATM 1063 O O   . HOH C 3 .   ? 13.219  -3.806  -3.483  1.00 34.11 ? 2216 HOH A O   1 
HETATM 1064 O O   . HOH C 3 .   ? -2.685  14.020  -4.905  1.00 39.99 ? 2217 HOH A O   1 
HETATM 1065 O O   . HOH C 3 .   ? 14.224  -2.245  -1.363  1.00 41.65 ? 2218 HOH A O   1 
HETATM 1066 O O   . HOH C 3 .   ? -4.702  -8.674  2.244   1.00 38.64 ? 2219 HOH A O   1 
HETATM 1067 O O   . HOH C 3 .   ? 8.957   15.602  3.740   1.00 43.69 ? 2220 HOH A O   1 
HETATM 1068 O O   . HOH C 3 .   ? -8.680  5.700   5.948   1.00 53.04 ? 2221 HOH A O   1 
HETATM 1069 O O   . HOH C 3 .   ? -21.092 0.294   8.217   1.00 62.03 ? 2222 HOH A O   1 
HETATM 1070 O O   . HOH C 3 .   ? 14.785  -5.519  -4.116  1.00 47.96 ? 2223 HOH A O   1 
HETATM 1071 O O   . HOH C 3 .   ? 9.116   6.729   -12.261 1.00 58.11 ? 2224 HOH A O   1 
HETATM 1072 O O   . HOH C 3 .   ? -1.168  11.563  -10.239 1.00 55.96 ? 2225 HOH A O   1 
HETATM 1073 O O   . HOH C 3 .   ? 14.153  0.598   -7.911  1.00 50.50 ? 2226 HOH A O   1 
HETATM 1074 O O   . HOH C 3 .   ? 5.662   1.107   12.030  1.00 44.33 ? 2227 HOH A O   1 
HETATM 1075 O O   . HOH C 3 .   ? -1.270  4.080   9.058   1.00 38.14 ? 2228 HOH A O   1 
HETATM 1076 O O   . HOH C 3 .   ? 11.269  4.704   -8.893  1.00 33.39 ? 2229 HOH A O   1 
HETATM 1077 O O   . HOH C 3 .   ? 2.411   -1.696  -13.332 1.00 57.61 ? 2230 HOH A O   1 
HETATM 1078 O O   . HOH C 3 .   ? -3.398  13.306  3.910   1.00 52.52 ? 2231 HOH A O   1 
HETATM 1079 O O   . HOH C 3 .   ? -11.592 7.840   3.069   1.00 70.93 ? 2232 HOH A O   1 
HETATM 1080 O O   . HOH C 3 .   ? 1.270   10.310  -11.418 1.00 57.88 ? 2233 HOH A O   1 
HETATM 1081 O O   . HOH C 3 .   ? 8.046   -2.887  -10.520 1.00 53.45 ? 2234 HOH A O   1 
HETATM 1082 O O   . HOH C 3 .   ? -8.462  8.457   5.375   1.00 46.77 ? 2235 HOH A O   1 
HETATM 1083 O O   . HOH C 3 .   ? 0.167   5.548   10.869  1.00 49.63 ? 2236 HOH A O   1 
HETATM 1084 O O   . HOH C 3 .   ? 1.950   -0.445  13.134  1.00 61.75 ? 2237 HOH A O   1 
HETATM 1085 O O   . HOH C 3 .   ? -4.373  4.260   9.379   1.00 52.06 ? 2238 HOH A O   1 
HETATM 1086 O O   . HOH C 3 .   ? -0.674  -15.585 -4.884  1.00 55.08 ? 2239 HOH A O   1 
HETATM 1087 O O   . HOH C 3 .   ? -5.024  6.681   8.354   1.00 50.69 ? 2240 HOH A O   1 
HETATM 1088 O O   . HOH C 3 .   ? 0.999   -11.689 -5.160  1.00 45.92 ? 2241 HOH A O   1 
HETATM 1089 O O   . HOH C 3 .   ? -2.655  20.145  -0.892  1.00 45.12 ? 2242 HOH A O   1 
HETATM 1090 O O   . HOH C 3 .   ? 18.238  -2.576  0.508   1.00 64.03 ? 2243 HOH A O   1 
HETATM 1091 O O   . HOH C 3 .   ? -22.824 5.166   11.422  1.00 51.21 ? 2244 HOH A O   1 
HETATM 1092 O O   . HOH C 3 .   ? -1.890  -5.127  7.607   1.00 32.90 ? 2245 HOH A O   1 
HETATM 1093 O O   . HOH C 3 .   ? -5.291  10.596  6.328   1.00 49.94 ? 2246 HOH A O   1 
HETATM 1094 O O   . HOH C 3 .   ? 13.187  -1.792  -8.061  1.00 46.68 ? 2247 HOH A O   1 
HETATM 1095 O O   . HOH C 3 .   ? -15.960 -1.629  0.177   1.00 37.80 ? 2248 HOH A O   1 
HETATM 1096 O O   . HOH C 3 .   ? 13.642  -11.009 -3.982  1.00 50.38 ? 2249 HOH A O   1 
HETATM 1097 O O   . HOH C 3 .   ? 6.497   -10.460 -0.610  1.00 25.29 ? 2250 HOH A O   1 
HETATM 1098 O O   . HOH C 3 .   ? -7.273  -3.536  -11.507 1.00 66.85 ? 2251 HOH A O   1 
HETATM 1099 O O   . HOH C 3 .   ? 16.481  -0.473  -5.187  1.00 58.06 ? 2252 HOH A O   1 
HETATM 1100 O O   . HOH C 3 .   ? 4.972   13.165  -8.339  1.00 44.71 ? 2253 HOH A O   1 
HETATM 1101 O O   . HOH C 3 .   ? -11.285 -2.399  -13.396 1.00 56.20 ? 2254 HOH A O   1 
HETATM 1102 O O   . HOH C 3 .   ? 20.013  0.486   2.664   1.00 54.90 ? 2255 HOH A O   1 
HETATM 1103 O O   . HOH C 3 .   ? -2.633  -0.006  8.736   1.00 33.06 ? 2256 HOH A O   1 
HETATM 1104 O O   . HOH C 3 .   ? 11.614  8.659   -11.124 1.00 66.02 ? 2257 HOH A O   1 
HETATM 1105 O O   . HOH C 3 .   ? 20.263  -13.087 5.914   1.00 42.83 ? 2258 HOH A O   1 
HETATM 1106 O O   . HOH C 3 .   ? 15.230  -7.386  -6.333  1.00 49.12 ? 2259 HOH A O   1 
HETATM 1107 O O   . HOH C 3 .   ? -4.142  5.571   -14.093 1.00 55.13 ? 2260 HOH A O   1 
HETATM 1108 O O   . HOH C 3 .   ? 4.236   -0.355  12.760  1.00 49.75 ? 2261 HOH A O   1 
HETATM 1109 O O   . HOH C 3 .   ? -1.507  -5.895  10.897  1.00 62.03 ? 2262 HOH A O   1 
HETATM 1110 O O   . HOH C 3 .   ? 10.280  -12.736 -1.176  1.00 45.94 ? 2263 HOH A O   1 
HETATM 1111 O O   . HOH C 3 .   ? 11.026  12.569  6.229   1.00 47.10 ? 2264 HOH A O   1 
HETATM 1112 O O   . HOH C 3 .   ? 18.768  -6.858  -2.237  1.00 50.47 ? 2265 HOH A O   1 
HETATM 1113 O O   . HOH C 3 .   ? 2.778   -6.694  9.916   1.00 30.13 ? 2266 HOH A O   1 
HETATM 1114 O O   . HOH C 3 .   ? -0.659  8.322   8.372   1.00 46.61 ? 2267 HOH A O   1 
HETATM 1115 O O   . HOH C 3 .   ? 15.931  -0.512  -2.389  1.00 48.43 ? 2268 HOH A O   1 
HETATM 1116 O O   . HOH C 3 .   ? 2.401   -3.932  10.601  1.00 32.21 ? 2269 HOH A O   1 
HETATM 1117 O O   . HOH C 3 .   ? 3.861   -4.764  -11.324 1.00 36.57 ? 2270 HOH A O   1 
HETATM 1118 O O   . HOH C 3 .   ? 15.990  -3.717  0.006   1.00 39.92 ? 2271 HOH A O   1 
HETATM 1119 O O   . HOH C 3 .   ? 7.524   5.848   -14.525 1.00 60.18 ? 2272 HOH A O   1 
HETATM 1120 O O   . HOH C 3 .   ? 4.533   -13.075 3.685   1.00 50.12 ? 2273 HOH A O   1 
HETATM 1121 O O   . HOH C 3 .   ? 8.890   -11.461 0.459   1.00 24.24 ? 2274 HOH A O   1 
HETATM 1122 O O   . HOH C 3 .   ? 0.626   -10.273 3.791   1.00 47.28 ? 2275 HOH A O   1 
HETATM 1123 O O   . HOH C 3 .   ? 18.918  -17.029 3.108   1.00 74.34 ? 2276 HOH A O   1 
HETATM 1124 O O   . HOH C 3 .   ? 2.405   -4.289  -13.745 1.00 58.90 ? 2277 HOH A O   1 
HETATM 1125 O O   . HOH C 3 .   ? 5.325   -1.248  -13.056 1.00 60.56 ? 2278 HOH A O   1 
HETATM 1126 O O   . HOH C 3 .   ? 19.388  3.713   0.146   1.00 34.11 ? 2279 HOH A O   1 
HETATM 1127 O O   . HOH C 3 .   ? -8.693  -10.107 2.969   1.00 50.37 ? 2280 HOH A O   1 
HETATM 1128 O O   . HOH C 3 .   ? -6.619  19.759  1.352   1.00 54.60 ? 2281 HOH A O   1 
HETATM 1129 O O   . HOH C 3 .   ? 0.696   -12.270 -2.519  1.00 45.15 ? 2282 HOH A O   1 
HETATM 1130 O O   . HOH C 3 .   ? 6.978   -5.119  -11.385 1.00 46.02 ? 2283 HOH A O   1 
HETATM 1131 O O   . HOH C 3 .   ? 8.753   -13.739 4.801   1.00 43.21 ? 2284 HOH A O   1 
HETATM 1132 O O   . HOH C 3 .   ? -6.262  -7.405  5.520   1.00 58.35 ? 2285 HOH A O   1 
HETATM 1133 O O   . HOH C 3 .   ? 1.858   -11.570 -0.021  1.00 41.75 ? 2286 HOH A O   1 
HETATM 1134 O O   . HOH C 3 .   ? 7.696   -12.455 -3.613  1.00 59.93 ? 2287 HOH A O   1 
HETATM 1135 O O   . HOH C 3 .   ? -2.977  10.412  7.952   1.00 57.30 ? 2288 HOH A O   1 
HETATM 1136 O O   . HOH C 3 .   ? 10.185  -2.703  -11.201 1.00 52.87 ? 2289 HOH A O   1 
HETATM 1137 O O   . HOH C 3 .   ? 0.431   6.697   -15.544 1.00 56.39 ? 2290 HOH A O   1 
HETATM 1138 O O   . HOH C 3 .   ? 7.813   -13.176 2.361   1.00 37.44 ? 2291 HOH A O   1 
HETATM 1139 O O   . HOH C 3 .   ? 2.041   4.681   -15.774 1.00 64.29 ? 2292 HOH A O   1 
HETATM 1140 O O   . HOH C 3 .   ? -8.476  20.243  -0.068  1.00 71.84 ? 2293 HOH A O   1 
HETATM 1141 O O   . HOH C 3 .   ? -2.352  19.464  8.392   1.00 74.58 ? 2294 HOH A O   1 
HETATM 1142 O O   . HOH C 3 .   ? 21.447  -17.978 2.955   1.00 73.39 ? 2295 HOH A O   1 
HETATM 1143 O O   . HOH C 3 .   ? -32.099 6.430   4.293   1.00 41.58 ? 2296 HOH A O   1 
HETATM 1144 O O   . HOH C 3 .   ? 10.275  -12.368 -4.321  1.00 56.54 ? 2297 HOH A O   1 
HETATM 1145 O O   . HOH C 3 .   ? 12.107  -1.877  -10.359 1.00 41.98 ? 2298 HOH A O   1 
HETATM 1146 O O   . HOH C 3 .   ? 5.030   -8.682  -13.587 1.00 62.87 ? 2299 HOH A O   1 
HETATM 1147 O O   . HOH C 3 .   ? 18.286  0.097   -1.669  1.00 52.92 ? 2300 HOH A O   1 
HETATM 1148 O O   . HOH C 3 .   ? 15.251  -3.912  -8.336  1.00 58.78 ? 2301 HOH A O   1 
HETATM 1149 O O   . HOH C 3 .   ? 10.544  -4.639  -12.990 1.00 58.02 ? 2302 HOH A O   1 
HETATM 1150 O O   . HOH C 3 .   ? 13.702  -4.200  -11.802 1.00 56.64 ? 2303 HOH A O   1 
HETATM 1151 O O   . HOH C 3 .   ? 12.043  -6.491  -12.100 1.00 58.83 ? 2304 HOH A O   1 
# 
